data_5L4E
#
_entry.id   5L4E
#
_cell.length_a   182.025
_cell.length_b   134.581
_cell.length_c   159.018
_cell.angle_alpha   90.00
_cell.angle_beta   101.88
_cell.angle_gamma   90.00
#
_symmetry.space_group_name_H-M   'C 1 2 1'
#
loop_
_entity.id
_entity.type
_entity.pdbx_description
1 polymer 'Proton-gated ion channel'
2 non-polymer DODECANE
3 non-polymer 'CHLORIDE ION'
4 non-polymer 5-ethyl-5-[(2R)-pentan-2-yl]-2-thioxodihydropyrimidine-4,6(1H,5H)-dione
5 water water
#
_entity_poly.entity_id   1
_entity_poly.type   'polypeptide(L)'
_entity_poly.pdbx_seq_one_letter_code
;GQDMVSPPPPIADEPLTVNTGIYLIESYSLDDCAETFKVNAFLSLSWKDRRLAFDPVRSGVRVKTYEPEAIWIPEIRFVN
VENARDADVVDISVSPDGTVQYLERFSARVLSPLDFRRYPFDSQTLHIYLIVRSVDTRNIVLAVDLEKVGKNDDVFLTGW
DIESFTAVVKPANFALEDRLESKLDYQLRISRQYFSYIPNIILPMLFILFISWTAFWSTSYEANVTLVVSTLIAHIAFNI
LVETNCPKTPYMTYTGAIIFMIYLFYFVAVIEVTVQHYLKVESQPARAASITRASRIAFPVVFLLANIILAFLFFGF
;
_entity_poly.pdbx_strand_id   A,B,C,D,E
#
loop_
_chem_comp.id
_chem_comp.type
_chem_comp.name
_chem_comp.formula
CL non-polymer 'CHLORIDE ION' 'Cl -1'
D12 non-polymer DODECANE 'C12 H26'
EDP non-polymer 5-ethyl-5-[(2R)-pentan-2-yl]-2-thioxodihydropyrimidine-4,6(1H,5H)-dione 'C11 H18 N2 O2 S'
#
# COMPACT_ATOMS: atom_id res chain seq x y z
N VAL A 5 -33.08 -17.70 25.29
CA VAL A 5 -32.30 -17.55 24.06
C VAL A 5 -32.37 -18.82 23.20
N SER A 6 -33.55 -19.01 22.57
CA SER A 6 -33.91 -20.12 21.68
C SER A 6 -34.96 -19.57 20.71
N PRO A 7 -35.00 -19.98 19.42
CA PRO A 7 -35.98 -19.41 18.48
C PRO A 7 -37.43 -19.45 18.93
N PRO A 8 -38.29 -18.47 18.55
CA PRO A 8 -39.71 -18.55 18.96
C PRO A 8 -40.39 -19.79 18.39
N PRO A 9 -41.31 -20.46 19.13
CA PRO A 9 -41.93 -21.68 18.58
C PRO A 9 -42.97 -21.39 17.50
N PRO A 10 -43.14 -22.28 16.50
CA PRO A 10 -44.14 -22.00 15.47
C PRO A 10 -45.57 -22.28 15.94
N ILE A 11 -46.54 -21.43 15.54
CA ILE A 11 -47.95 -21.62 15.89
C ILE A 11 -48.43 -22.97 15.34
N ALA A 12 -48.12 -23.21 14.05
CA ALA A 12 -48.31 -24.42 13.27
C ALA A 12 -46.89 -24.66 12.75
N ASP A 13 -46.73 -25.39 11.65
CA ASP A 13 -45.46 -25.76 11.02
C ASP A 13 -44.92 -24.68 10.05
N GLU A 14 -45.19 -23.38 10.35
CA GLU A 14 -44.76 -22.26 9.51
C GLU A 14 -43.31 -21.79 9.82
N PRO A 15 -42.56 -21.27 8.83
CA PRO A 15 -41.20 -20.81 9.13
C PRO A 15 -41.19 -19.37 9.64
N LEU A 16 -40.07 -18.97 10.27
CA LEU A 16 -39.92 -17.61 10.78
C LEU A 16 -39.59 -16.68 9.64
N THR A 17 -40.39 -15.63 9.52
CA THR A 17 -40.14 -14.64 8.48
C THR A 17 -39.51 -13.39 9.11
N VAL A 18 -38.25 -13.10 8.69
CA VAL A 18 -37.45 -11.96 9.15
C VAL A 18 -37.44 -10.93 8.06
N ASN A 19 -38.00 -9.75 8.38
CA ASN A 19 -38.11 -8.61 7.49
C ASN A 19 -36.88 -7.71 7.60
N THR A 20 -36.19 -7.56 6.45
CA THR A 20 -34.92 -6.85 6.29
C THR A 20 -35.10 -5.44 5.68
N GLY A 21 -33.98 -4.71 5.59
CA GLY A 21 -33.88 -3.36 5.04
C GLY A 21 -32.49 -2.79 5.21
N ILE A 22 -31.87 -2.36 4.10
CA ILE A 22 -30.53 -1.79 4.17
C ILE A 22 -30.56 -0.34 3.73
N TYR A 23 -30.37 0.60 4.66
CA TYR A 23 -30.37 2.00 4.29
C TYR A 23 -28.94 2.55 4.21
N LEU A 24 -28.42 2.80 2.97
CA LEU A 24 -27.07 3.33 2.72
C LEU A 24 -26.90 4.72 3.30
N ILE A 25 -25.90 4.85 4.17
CA ILE A 25 -25.52 6.10 4.82
C ILE A 25 -24.39 6.71 4.01
N GLU A 26 -23.30 5.94 3.79
CA GLU A 26 -22.13 6.33 3.03
C GLU A 26 -21.67 5.17 2.16
N SER A 27 -21.10 5.49 1.00
CA SER A 27 -20.52 4.53 0.06
C SER A 27 -19.20 5.13 -0.31
N TYR A 28 -18.16 4.34 -0.21
CA TYR A 28 -16.81 4.80 -0.51
C TYR A 28 -15.90 3.65 -0.92
N SER A 29 -14.65 4.00 -1.27
CA SER A 29 -13.58 3.09 -1.63
C SER A 29 -14.00 1.99 -2.65
N LEU A 30 -14.46 2.43 -3.83
CA LEU A 30 -14.77 1.48 -4.88
C LEU A 30 -13.45 1.14 -5.64
N ASP A 31 -12.86 -0.01 -5.29
CA ASP A 31 -11.62 -0.50 -5.89
C ASP A 31 -11.92 -1.31 -7.16
N ASP A 32 -11.71 -0.70 -8.34
CA ASP A 32 -11.97 -1.36 -9.61
C ASP A 32 -11.11 -2.61 -9.76
N CYS A 33 -9.84 -2.56 -9.27
CA CYS A 33 -8.87 -3.67 -9.30
C CYS A 33 -9.33 -4.83 -8.48
N ALA A 34 -9.66 -4.58 -7.19
CA ALA A 34 -10.08 -5.60 -6.23
C ALA A 34 -11.55 -6.03 -6.31
N GLU A 35 -12.35 -5.31 -7.11
CA GLU A 35 -13.79 -5.53 -7.29
C GLU A 35 -14.52 -5.46 -5.95
N THR A 36 -14.16 -4.46 -5.14
CA THR A 36 -14.73 -4.22 -3.82
C THR A 36 -15.21 -2.80 -3.71
N PHE A 37 -16.04 -2.55 -2.70
CA PHE A 37 -16.56 -1.23 -2.37
C PHE A 37 -16.97 -1.24 -0.90
N LYS A 38 -16.55 -0.25 -0.16
CA LYS A 38 -16.95 -0.25 1.23
C LYS A 38 -18.24 0.52 1.35
N VAL A 39 -19.09 0.08 2.24
CA VAL A 39 -20.36 0.71 2.45
C VAL A 39 -20.60 0.81 3.91
N ASN A 40 -21.10 1.99 4.31
CA ASN A 40 -21.52 2.37 5.65
C ASN A 40 -23.08 2.50 5.60
N ALA A 41 -23.81 1.65 6.34
CA ALA A 41 -25.27 1.59 6.24
C ALA A 41 -25.97 1.15 7.54
N PHE A 42 -27.32 1.14 7.53
CA PHE A 42 -28.23 0.69 8.60
C PHE A 42 -28.73 -0.69 8.19
N LEU A 43 -28.96 -1.59 9.16
CA LEU A 43 -29.57 -2.89 8.91
C LEU A 43 -30.78 -3.01 9.82
N SER A 44 -31.95 -3.10 9.22
CA SER A 44 -33.19 -3.20 9.97
C SER A 44 -33.77 -4.61 9.88
N LEU A 45 -33.91 -5.26 11.03
CA LEU A 45 -34.45 -6.61 11.10
C LEU A 45 -35.76 -6.66 11.91
N SER A 46 -36.74 -7.46 11.45
CA SER A 46 -38.02 -7.61 12.15
C SER A 46 -38.62 -9.00 12.09
N TRP A 47 -39.03 -9.51 13.25
CA TRP A 47 -39.64 -10.84 13.39
C TRP A 47 -40.59 -10.80 14.60
N LYS A 48 -41.50 -11.78 14.72
CA LYS A 48 -42.41 -11.85 15.86
C LYS A 48 -42.07 -13.01 16.78
N ASP A 49 -41.76 -12.66 18.03
CA ASP A 49 -41.43 -13.57 19.09
C ASP A 49 -42.49 -13.36 20.16
N ARG A 50 -43.55 -14.20 20.12
CA ARG A 50 -44.71 -14.13 21.01
C ARG A 50 -44.35 -14.43 22.47
N ARG A 51 -43.19 -15.06 22.70
CA ARG A 51 -42.67 -15.32 24.05
C ARG A 51 -42.41 -13.96 24.74
N LEU A 52 -42.09 -12.93 23.94
CA LEU A 52 -41.77 -11.56 24.37
C LEU A 52 -43.01 -10.63 24.40
N ALA A 53 -44.19 -11.14 23.94
CA ALA A 53 -45.44 -10.38 23.91
C ALA A 53 -45.91 -9.97 25.32
N PHE A 54 -46.68 -8.85 25.39
CA PHE A 54 -47.20 -8.28 26.65
C PHE A 54 -48.53 -7.46 26.45
N ASP A 55 -49.23 -7.16 27.58
CA ASP A 55 -50.44 -6.33 27.59
C ASP A 55 -50.01 -4.90 27.88
N PRO A 56 -50.28 -3.93 26.96
CA PRO A 56 -49.86 -2.54 27.21
C PRO A 56 -50.56 -1.86 28.38
N VAL A 57 -51.72 -2.41 28.81
CA VAL A 57 -52.55 -1.97 29.92
C VAL A 57 -51.89 -2.39 31.24
N ARG A 58 -51.61 -3.71 31.39
CA ARG A 58 -50.96 -4.31 32.55
C ARG A 58 -49.53 -3.82 32.73
N SER A 59 -48.76 -3.75 31.62
CA SER A 59 -47.36 -3.29 31.60
C SER A 59 -47.23 -1.78 31.77
N GLY A 60 -48.22 -1.04 31.28
CA GLY A 60 -48.26 0.42 31.36
C GLY A 60 -47.27 1.10 30.44
N VAL A 61 -46.71 0.33 29.49
CA VAL A 61 -45.72 0.78 28.50
C VAL A 61 -46.14 0.44 27.07
N ARG A 62 -45.83 1.36 26.16
CA ARG A 62 -46.13 1.27 24.74
C ARG A 62 -45.33 0.12 24.12
N VAL A 63 -43.99 0.25 24.13
CA VAL A 63 -43.02 -0.70 23.58
C VAL A 63 -41.85 -0.84 24.56
N LYS A 64 -41.35 -2.08 24.76
CA LYS A 64 -40.23 -2.38 25.67
C LYS A 64 -38.90 -2.50 24.89
N THR A 65 -37.84 -1.88 25.42
CA THR A 65 -36.50 -1.91 24.82
C THR A 65 -35.65 -2.97 25.50
N TYR A 66 -35.02 -3.85 24.71
CA TYR A 66 -34.16 -4.93 25.19
C TYR A 66 -32.70 -4.83 24.75
N GLU A 67 -31.80 -5.53 25.47
CA GLU A 67 -30.38 -5.62 25.15
C GLU A 67 -30.17 -6.84 24.28
N PRO A 68 -29.24 -6.82 23.29
CA PRO A 68 -29.08 -7.97 22.38
C PRO A 68 -28.93 -9.34 23.05
N GLU A 69 -28.26 -9.34 24.21
CA GLU A 69 -27.97 -10.52 25.01
C GLU A 69 -29.26 -11.12 25.58
N ALA A 70 -30.18 -10.25 26.05
CA ALA A 70 -31.46 -10.59 26.69
C ALA A 70 -32.41 -11.42 25.83
N ILE A 71 -32.58 -11.05 24.55
CA ILE A 71 -33.51 -11.73 23.64
C ILE A 71 -32.80 -12.54 22.55
N TRP A 72 -33.62 -13.35 21.81
CA TRP A 72 -33.15 -14.16 20.69
C TRP A 72 -33.18 -13.30 19.45
N ILE A 73 -32.02 -13.15 18.77
CA ILE A 73 -31.87 -12.40 17.52
C ILE A 73 -31.38 -13.37 16.42
N PRO A 74 -32.01 -13.38 15.21
CA PRO A 74 -31.55 -14.30 14.16
C PRO A 74 -30.13 -13.99 13.67
N GLU A 75 -29.36 -15.04 13.38
CA GLU A 75 -27.99 -14.88 12.93
C GLU A 75 -27.99 -14.53 11.46
N ILE A 76 -28.09 -13.21 11.18
CA ILE A 76 -28.03 -12.70 9.80
C ILE A 76 -26.56 -12.42 9.50
N ARG A 77 -26.09 -12.92 8.36
CA ARG A 77 -24.72 -12.73 7.92
C ARG A 77 -24.77 -12.24 6.48
N PHE A 78 -23.66 -11.63 6.02
CA PHE A 78 -23.52 -11.21 4.63
C PHE A 78 -22.69 -12.27 3.93
N VAL A 79 -23.02 -12.57 2.68
CA VAL A 79 -22.32 -13.58 1.91
C VAL A 79 -21.00 -13.06 1.28
N ASN A 80 -21.09 -11.93 0.57
CA ASN A 80 -19.95 -11.37 -0.15
C ASN A 80 -19.25 -10.25 0.58
N VAL A 81 -18.88 -10.46 1.86
CA VAL A 81 -18.09 -9.44 2.58
C VAL A 81 -16.67 -9.95 2.79
N GLU A 82 -15.66 -9.04 2.73
CA GLU A 82 -14.25 -9.39 2.92
C GLU A 82 -14.08 -9.82 4.38
N ASN A 83 -14.20 -8.87 5.31
CA ASN A 83 -14.13 -9.18 6.74
C ASN A 83 -15.44 -8.78 7.38
N ALA A 84 -16.02 -9.72 8.18
CA ALA A 84 -17.29 -9.62 8.87
C ALA A 84 -17.60 -8.20 9.38
N ARG A 85 -18.78 -7.69 8.98
CA ARG A 85 -19.29 -6.34 9.22
C ARG A 85 -19.05 -5.80 10.65
N ASP A 86 -18.70 -4.52 10.71
CA ASP A 86 -18.44 -3.82 11.95
C ASP A 86 -19.82 -3.39 12.43
N ALA A 87 -20.47 -4.29 13.17
CA ALA A 87 -21.83 -4.15 13.69
C ALA A 87 -21.90 -3.37 14.99
N ASP A 88 -22.89 -2.50 15.09
CA ASP A 88 -23.17 -1.68 16.26
C ASP A 88 -24.69 -1.63 16.37
N VAL A 89 -25.28 -2.25 17.42
CA VAL A 89 -26.73 -2.24 17.61
C VAL A 89 -27.18 -0.86 18.07
N VAL A 90 -28.09 -0.25 17.31
CA VAL A 90 -28.62 1.08 17.56
C VAL A 90 -29.81 0.99 18.50
N ASP A 91 -30.76 0.04 18.22
CA ASP A 91 -31.98 -0.17 19.00
C ASP A 91 -32.69 -1.49 18.73
N ILE A 92 -33.32 -2.05 19.78
CA ILE A 92 -34.16 -3.25 19.73
C ILE A 92 -35.47 -2.89 20.45
N SER A 93 -36.59 -2.95 19.73
CA SER A 93 -37.90 -2.59 20.25
C SER A 93 -38.92 -3.72 20.10
N VAL A 94 -39.57 -4.11 21.19
CA VAL A 94 -40.59 -5.15 21.11
C VAL A 94 -41.96 -4.53 21.36
N SER A 95 -42.83 -4.58 20.34
CA SER A 95 -44.21 -4.07 20.41
C SER A 95 -45.06 -5.04 21.25
N PRO A 96 -46.27 -4.67 21.77
CA PRO A 96 -47.02 -5.58 22.65
C PRO A 96 -47.32 -6.98 22.09
N ASP A 97 -47.49 -7.12 20.76
CA ASP A 97 -47.76 -8.41 20.11
C ASP A 97 -46.55 -9.35 20.06
N GLY A 98 -45.36 -8.82 20.33
CA GLY A 98 -44.10 -9.55 20.34
C GLY A 98 -43.24 -9.33 19.10
N THR A 99 -43.60 -8.34 18.27
CA THR A 99 -42.84 -8.00 17.06
C THR A 99 -41.58 -7.22 17.45
N VAL A 100 -40.41 -7.82 17.17
CA VAL A 100 -39.10 -7.24 17.44
C VAL A 100 -38.70 -6.35 16.28
N GLN A 101 -38.24 -5.13 16.61
CA GLN A 101 -37.78 -4.11 15.66
C GLN A 101 -36.31 -3.84 16.00
N TYR A 102 -35.42 -4.56 15.27
CA TYR A 102 -33.97 -4.50 15.42
C TYR A 102 -33.39 -3.56 14.39
N LEU A 103 -32.40 -2.75 14.81
CA LEU A 103 -31.70 -1.83 13.94
C LEU A 103 -30.28 -1.72 14.39
N GLU A 104 -29.38 -1.96 13.45
CA GLU A 104 -27.95 -1.84 13.68
C GLU A 104 -27.30 -0.97 12.63
N ARG A 105 -26.17 -0.37 12.95
CA ARG A 105 -25.40 0.38 11.97
C ARG A 105 -24.12 -0.41 11.63
N PHE A 106 -23.82 -0.57 10.35
CA PHE A 106 -22.65 -1.34 9.96
C PHE A 106 -21.80 -0.74 8.86
N SER A 107 -20.60 -1.27 8.69
CA SER A 107 -19.73 -0.90 7.58
C SER A 107 -18.92 -2.12 7.16
N ALA A 108 -18.94 -2.43 5.86
CA ALA A 108 -18.25 -3.59 5.32
C ALA A 108 -17.79 -3.42 3.88
N ARG A 109 -16.62 -3.98 3.57
CA ARG A 109 -16.01 -3.98 2.24
C ARG A 109 -16.64 -5.19 1.54
N VAL A 110 -17.44 -4.91 0.49
CA VAL A 110 -18.26 -5.88 -0.21
C VAL A 110 -17.61 -6.29 -1.49
N LEU A 111 -17.39 -7.60 -1.69
CA LEU A 111 -16.80 -8.17 -2.90
C LEU A 111 -17.89 -8.34 -3.97
N SER A 112 -17.82 -7.54 -5.04
CA SER A 112 -18.80 -7.64 -6.10
C SER A 112 -18.11 -7.51 -7.45
N PRO A 113 -18.21 -8.55 -8.34
CA PRO A 113 -17.51 -8.47 -9.63
C PRO A 113 -17.95 -7.30 -10.51
N LEU A 114 -17.02 -6.86 -11.40
CA LEU A 114 -17.25 -5.76 -12.33
C LEU A 114 -16.93 -6.20 -13.75
N ASP A 115 -17.74 -5.74 -14.72
CA ASP A 115 -17.60 -6.07 -16.14
C ASP A 115 -17.11 -4.85 -16.88
N PHE A 116 -15.82 -4.89 -17.25
CA PHE A 116 -15.14 -3.79 -17.91
C PHE A 116 -15.15 -3.90 -19.40
N ARG A 117 -15.90 -4.85 -19.94
CA ARG A 117 -16.02 -5.01 -21.39
C ARG A 117 -16.43 -3.69 -22.10
N ARG A 118 -17.40 -2.93 -21.53
CA ARG A 118 -17.85 -1.67 -22.11
C ARG A 118 -17.21 -0.41 -21.53
N TYR A 119 -16.08 -0.56 -20.80
CA TYR A 119 -15.35 0.55 -20.19
C TYR A 119 -14.85 1.52 -21.27
N PRO A 120 -14.90 2.87 -21.05
CA PRO A 120 -15.34 3.64 -19.86
C PRO A 120 -16.80 4.08 -19.87
N PHE A 121 -17.62 3.41 -20.67
CA PHE A 121 -19.03 3.70 -20.82
C PHE A 121 -19.88 2.70 -20.02
N ASP A 122 -19.16 1.81 -19.30
CA ASP A 122 -19.69 0.74 -18.47
C ASP A 122 -20.57 1.22 -17.33
N SER A 123 -21.55 0.38 -17.02
CA SER A 123 -22.44 0.53 -15.89
C SER A 123 -22.33 -0.76 -15.09
N GLN A 124 -22.46 -0.64 -13.75
CA GLN A 124 -22.29 -1.76 -12.85
C GLN A 124 -23.45 -1.94 -11.89
N THR A 125 -23.71 -3.21 -11.51
CA THR A 125 -24.71 -3.61 -10.51
C THR A 125 -23.97 -4.28 -9.38
N LEU A 126 -23.95 -3.60 -8.24
CA LEU A 126 -23.24 -3.99 -7.04
C LEU A 126 -24.16 -4.77 -6.12
N HIS A 127 -23.70 -5.98 -5.74
CA HIS A 127 -24.48 -6.90 -4.91
C HIS A 127 -24.03 -6.93 -3.48
N ILE A 128 -25.02 -7.10 -2.60
CA ILE A 128 -24.93 -7.22 -1.16
C ILE A 128 -25.87 -8.36 -0.89
N TYR A 129 -25.30 -9.52 -0.51
CA TYR A 129 -26.09 -10.71 -0.22
C TYR A 129 -26.30 -10.95 1.25
N LEU A 130 -27.58 -10.99 1.69
CA LEU A 130 -27.98 -11.29 3.08
C LEU A 130 -28.32 -12.76 3.17
N ILE A 131 -27.95 -13.42 4.26
CA ILE A 131 -28.23 -14.83 4.39
C ILE A 131 -28.57 -15.18 5.82
N VAL A 132 -29.37 -16.26 6.00
CA VAL A 132 -29.75 -16.80 7.31
C VAL A 132 -29.86 -18.32 7.24
N ARG A 133 -29.15 -19.01 8.13
CA ARG A 133 -29.18 -20.47 8.15
C ARG A 133 -30.24 -20.93 9.14
N SER A 134 -31.15 -21.79 8.65
CA SER A 134 -32.26 -22.35 9.41
C SER A 134 -31.77 -23.29 10.51
N VAL A 135 -32.32 -23.08 11.72
CA VAL A 135 -31.96 -23.85 12.92
C VAL A 135 -32.69 -25.21 13.00
N ASP A 136 -32.36 -25.99 14.04
CA ASP A 136 -32.96 -27.31 14.31
C ASP A 136 -34.44 -27.18 14.66
N THR A 137 -34.72 -26.29 15.64
CA THR A 137 -36.04 -25.98 16.19
C THR A 137 -37.01 -25.57 15.08
N ARG A 138 -36.61 -24.59 14.23
CA ARG A 138 -37.46 -24.15 13.11
C ARG A 138 -36.67 -23.52 11.93
N ASN A 139 -37.36 -23.40 10.79
CA ASN A 139 -36.81 -22.84 9.57
C ASN A 139 -37.00 -21.34 9.51
N ILE A 140 -35.94 -20.63 9.07
CA ILE A 140 -35.95 -19.17 8.94
C ILE A 140 -35.90 -18.80 7.46
N VAL A 141 -36.79 -17.86 7.07
CA VAL A 141 -36.89 -17.32 5.72
C VAL A 141 -36.91 -15.78 5.80
N LEU A 142 -36.07 -15.15 4.95
CA LEU A 142 -35.89 -13.69 4.82
C LEU A 142 -36.92 -13.04 3.90
N ALA A 143 -37.32 -11.80 4.24
CA ALA A 143 -38.29 -11.01 3.49
C ALA A 143 -37.78 -9.59 3.39
N VAL A 144 -38.28 -8.80 2.42
CA VAL A 144 -37.85 -7.40 2.24
C VAL A 144 -38.93 -6.43 2.67
N ASP A 145 -38.58 -5.48 3.55
CA ASP A 145 -39.51 -4.43 3.96
C ASP A 145 -39.16 -3.20 3.16
N LEU A 146 -39.84 -3.02 2.01
CA LEU A 146 -39.58 -1.95 1.05
C LEU A 146 -39.59 -0.52 1.64
N GLU A 147 -40.20 -0.35 2.82
CA GLU A 147 -40.21 0.94 3.52
C GLU A 147 -38.85 1.25 4.17
N LYS A 148 -38.10 0.19 4.52
CA LYS A 148 -36.82 0.29 5.20
C LYS A 148 -35.57 0.04 4.26
N VAL A 149 -35.79 0.07 2.94
CA VAL A 149 -34.74 -0.06 1.92
C VAL A 149 -34.63 1.30 1.24
N GLY A 150 -33.42 1.83 1.20
CA GLY A 150 -33.13 3.12 0.59
C GLY A 150 -31.70 3.56 0.72
N LYS A 151 -31.42 4.83 0.41
CA LYS A 151 -30.08 5.40 0.49
C LYS A 151 -30.20 6.87 0.79
N ASN A 152 -29.17 7.43 1.44
CA ASN A 152 -29.08 8.85 1.75
C ASN A 152 -28.94 9.59 0.40
N ASP A 153 -29.33 10.87 0.33
CA ASP A 153 -29.17 11.62 -0.92
C ASP A 153 -27.72 12.05 -1.12
N ASP A 154 -26.96 12.18 -0.02
CA ASP A 154 -25.54 12.53 0.04
C ASP A 154 -24.62 11.40 -0.46
N VAL A 155 -25.15 10.14 -0.55
CA VAL A 155 -24.42 8.94 -0.97
C VAL A 155 -23.78 9.16 -2.34
N PHE A 156 -22.44 9.09 -2.38
CA PHE A 156 -21.67 9.36 -3.59
C PHE A 156 -20.55 8.37 -3.87
N LEU A 157 -20.17 8.27 -5.13
CA LEU A 157 -19.03 7.50 -5.61
C LEU A 157 -18.41 8.42 -6.62
N THR A 158 -17.18 8.86 -6.37
CA THR A 158 -16.51 9.78 -7.28
C THR A 158 -16.30 9.08 -8.58
N GLY A 159 -16.75 9.74 -9.65
CA GLY A 159 -16.66 9.20 -10.99
C GLY A 159 -17.76 8.26 -11.40
N TRP A 160 -18.84 8.18 -10.60
CA TRP A 160 -19.98 7.33 -10.87
C TRP A 160 -21.28 8.05 -10.60
N ASP A 161 -22.33 7.67 -11.34
CA ASP A 161 -23.67 8.21 -11.14
C ASP A 161 -24.42 7.09 -10.44
N ILE A 162 -24.76 7.31 -9.14
CA ILE A 162 -25.46 6.33 -8.30
C ILE A 162 -26.93 6.40 -8.72
N GLU A 163 -27.34 5.43 -9.58
CA GLU A 163 -28.66 5.36 -10.17
C GLU A 163 -29.75 4.94 -9.16
N SER A 164 -29.60 3.75 -8.53
CA SER A 164 -30.62 3.23 -7.64
C SER A 164 -30.10 2.25 -6.60
N PHE A 165 -30.90 2.11 -5.53
CA PHE A 165 -30.69 1.14 -4.46
C PHE A 165 -32.01 0.39 -4.30
N THR A 166 -32.03 -0.81 -4.88
CA THR A 166 -33.20 -1.68 -4.94
C THR A 166 -32.90 -3.06 -4.34
N ALA A 167 -33.96 -3.85 -4.06
CA ALA A 167 -33.87 -5.17 -3.43
C ALA A 167 -34.77 -6.24 -4.07
N VAL A 168 -34.17 -7.39 -4.50
CA VAL A 168 -34.87 -8.56 -5.08
C VAL A 168 -35.68 -9.17 -3.95
N VAL A 169 -36.98 -8.76 -3.86
CA VAL A 169 -37.97 -9.09 -2.82
C VAL A 169 -38.10 -10.59 -2.52
N LYS A 170 -37.99 -11.44 -3.56
CA LYS A 170 -38.10 -12.89 -3.40
C LYS A 170 -36.73 -13.51 -3.06
N PRO A 171 -36.59 -14.08 -1.83
CA PRO A 171 -35.33 -14.74 -1.47
C PRO A 171 -35.06 -16.01 -2.24
N ALA A 172 -33.79 -16.39 -2.29
CA ALA A 172 -33.34 -17.61 -2.95
C ALA A 172 -33.10 -18.61 -1.86
N ASN A 173 -34.13 -19.42 -1.57
CA ASN A 173 -34.05 -20.44 -0.54
C ASN A 173 -33.47 -21.69 -1.19
N PHE A 174 -32.50 -22.31 -0.50
CA PHE A 174 -31.76 -23.50 -0.97
C PHE A 174 -31.22 -24.31 0.20
N ALA A 175 -30.77 -25.54 -0.09
CA ALA A 175 -30.22 -26.43 0.93
C ALA A 175 -28.73 -26.48 0.87
N LEU A 176 -28.11 -26.32 2.04
CA LEU A 176 -26.66 -26.31 2.18
C LEU A 176 -26.27 -27.02 3.48
N GLU A 177 -25.52 -28.14 3.34
CA GLU A 177 -25.05 -29.01 4.42
C GLU A 177 -26.23 -29.51 5.29
N ASP A 178 -27.29 -30.03 4.62
CA ASP A 178 -28.55 -30.56 5.17
C ASP A 178 -29.45 -29.50 5.85
N ARG A 179 -29.19 -28.19 5.68
CA ARG A 179 -30.01 -27.13 6.27
C ARG A 179 -30.46 -26.08 5.27
N LEU A 180 -31.67 -25.53 5.48
CA LEU A 180 -32.23 -24.50 4.60
C LEU A 180 -31.52 -23.15 4.82
N GLU A 181 -31.24 -22.41 3.72
CA GLU A 181 -30.58 -21.09 3.73
C GLU A 181 -31.35 -20.10 2.85
N SER A 182 -31.86 -19.03 3.43
CA SER A 182 -32.63 -18.00 2.72
C SER A 182 -31.71 -16.81 2.37
N LYS A 183 -31.49 -16.54 1.07
CA LYS A 183 -30.57 -15.47 0.59
C LYS A 183 -31.28 -14.32 -0.16
N LEU A 184 -31.04 -13.08 0.24
CA LEU A 184 -31.60 -11.88 -0.41
C LEU A 184 -30.51 -11.07 -1.16
N ASP A 185 -30.80 -10.55 -2.38
CA ASP A 185 -29.87 -9.69 -3.12
C ASP A 185 -30.30 -8.21 -3.09
N TYR A 186 -29.39 -7.32 -2.67
CA TYR A 186 -29.60 -5.87 -2.64
C TYR A 186 -28.68 -5.28 -3.69
N GLN A 187 -29.31 -4.66 -4.70
CA GLN A 187 -28.58 -4.12 -5.82
C GLN A 187 -28.37 -2.59 -5.81
N LEU A 188 -27.11 -2.20 -6.07
CA LEU A 188 -26.67 -0.82 -6.19
C LEU A 188 -26.21 -0.62 -7.63
N ARG A 189 -27.00 0.13 -8.43
CA ARG A 189 -26.72 0.40 -9.84
C ARG A 189 -26.01 1.73 -10.01
N ILE A 190 -24.87 1.67 -10.70
CA ILE A 190 -24.00 2.81 -10.95
C ILE A 190 -23.60 2.84 -12.39
N SER A 191 -23.31 4.03 -12.90
CA SER A 191 -22.89 4.29 -14.28
C SER A 191 -21.68 5.22 -14.28
N ARG A 192 -20.69 4.95 -15.12
CA ARG A 192 -19.49 5.77 -15.07
C ARG A 192 -19.67 7.20 -15.60
N GLN A 193 -18.80 8.09 -15.13
CA GLN A 193 -18.64 9.48 -15.53
C GLN A 193 -17.37 9.53 -16.39
N TYR A 194 -17.55 9.58 -17.71
CA TYR A 194 -16.46 9.59 -18.69
C TYR A 194 -16.30 10.96 -19.37
N PHE A 195 -16.53 12.06 -18.61
CA PHE A 195 -16.39 13.39 -19.19
C PHE A 195 -14.93 13.63 -19.59
N SER A 196 -14.03 13.48 -18.63
CA SER A 196 -12.61 13.70 -18.79
C SER A 196 -11.89 12.67 -19.66
N TYR A 197 -12.52 11.53 -19.97
CA TYR A 197 -11.89 10.44 -20.72
C TYR A 197 -11.39 10.84 -22.11
N ILE A 198 -12.20 11.60 -22.85
CA ILE A 198 -11.83 12.02 -24.21
C ILE A 198 -10.58 12.96 -24.21
N PRO A 199 -10.59 14.10 -23.47
CA PRO A 199 -9.40 14.95 -23.49
C PRO A 199 -8.20 14.39 -22.73
N ASN A 200 -8.44 13.57 -21.69
CA ASN A 200 -7.35 13.05 -20.89
C ASN A 200 -6.72 11.80 -21.47
N ILE A 201 -7.53 10.87 -22.05
CA ILE A 201 -6.97 9.62 -22.57
C ILE A 201 -7.02 9.47 -24.11
N ILE A 202 -8.22 9.65 -24.75
CA ILE A 202 -8.40 9.41 -26.19
C ILE A 202 -7.72 10.41 -27.13
N LEU A 203 -7.99 11.71 -26.97
CA LEU A 203 -7.44 12.70 -27.87
C LEU A 203 -5.89 12.74 -27.92
N PRO A 204 -5.15 12.83 -26.76
CA PRO A 204 -3.66 12.89 -26.83
C PRO A 204 -3.10 11.65 -27.49
N MET A 205 -3.72 10.48 -27.19
CA MET A 205 -3.34 9.20 -27.79
C MET A 205 -3.56 9.19 -29.32
N LEU A 206 -4.59 9.92 -29.80
CA LEU A 206 -4.90 10.01 -31.23
C LEU A 206 -3.98 10.96 -31.92
N PHE A 207 -3.64 12.11 -31.29
CA PHE A 207 -2.69 13.09 -31.85
C PHE A 207 -1.36 12.40 -32.12
N ILE A 208 -0.87 11.59 -31.12
CA ILE A 208 0.39 10.84 -31.20
C ILE A 208 0.39 9.94 -32.40
N LEU A 209 -0.72 9.21 -32.60
CA LEU A 209 -0.89 8.34 -33.78
C LEU A 209 -0.83 9.16 -35.08
N PHE A 210 -1.62 10.24 -35.18
CA PHE A 210 -1.66 11.05 -36.38
C PHE A 210 -0.30 11.59 -36.76
N ILE A 211 0.53 11.95 -35.75
CA ILE A 211 1.91 12.40 -35.97
C ILE A 211 2.65 11.33 -36.78
N SER A 212 2.36 10.03 -36.52
CA SER A 212 2.98 8.93 -37.27
C SER A 212 2.56 8.97 -38.74
N TRP A 213 1.28 9.28 -39.01
CA TRP A 213 0.72 9.32 -40.35
C TRP A 213 1.33 10.43 -41.25
N THR A 214 2.00 11.44 -40.64
CA THR A 214 2.64 12.49 -41.44
C THR A 214 3.78 11.92 -42.31
N ALA A 215 4.26 10.69 -41.98
CA ALA A 215 5.31 10.01 -42.74
C ALA A 215 4.85 9.64 -44.17
N PHE A 216 3.55 9.82 -44.46
CA PHE A 216 2.99 9.56 -45.79
C PHE A 216 3.16 10.77 -46.72
N TRP A 217 3.61 11.92 -46.17
CA TRP A 217 3.87 13.13 -46.94
C TRP A 217 5.36 13.45 -46.92
N SER A 218 6.18 12.39 -46.74
CA SER A 218 7.63 12.49 -46.71
C SER A 218 8.26 11.31 -47.43
N THR A 219 9.44 11.55 -48.03
CA THR A 219 10.23 10.55 -48.77
C THR A 219 11.54 10.20 -48.05
N SER A 220 11.91 10.97 -47.01
CA SER A 220 13.13 10.76 -46.23
C SER A 220 12.91 9.60 -45.29
N TYR A 221 13.59 8.45 -45.54
CA TYR A 221 13.51 7.23 -44.74
C TYR A 221 13.98 7.50 -43.32
N GLU A 222 15.06 8.30 -43.17
CA GLU A 222 15.57 8.66 -41.85
C GLU A 222 14.50 9.41 -41.07
N ALA A 223 13.87 10.44 -41.69
CA ALA A 223 12.77 11.19 -41.07
C ALA A 223 11.51 10.34 -40.84
N ASN A 224 11.25 9.36 -41.72
CA ASN A 224 10.09 8.50 -41.61
C ASN A 224 10.22 7.44 -40.52
N VAL A 225 11.43 6.85 -40.37
CA VAL A 225 11.72 5.86 -39.33
C VAL A 225 11.53 6.58 -38.01
N THR A 226 12.12 7.80 -37.90
CA THR A 226 12.01 8.67 -36.74
C THR A 226 10.55 8.99 -36.46
N LEU A 227 9.76 9.31 -37.50
CA LEU A 227 8.35 9.60 -37.30
C LEU A 227 7.54 8.44 -36.70
N VAL A 228 7.42 7.31 -37.43
CA VAL A 228 6.63 6.17 -36.95
C VAL A 228 7.19 5.53 -35.67
N VAL A 229 8.52 5.38 -35.53
CA VAL A 229 9.07 4.71 -34.34
C VAL A 229 8.97 5.60 -33.10
N SER A 230 9.33 6.90 -33.24
CA SER A 230 9.28 7.81 -32.09
C SER A 230 7.91 8.01 -31.56
N THR A 231 6.90 8.08 -32.45
CA THR A 231 5.51 8.17 -32.02
C THR A 231 5.12 6.90 -31.31
N LEU A 232 5.68 5.72 -31.72
CA LEU A 232 5.40 4.44 -31.03
C LEU A 232 5.88 4.56 -29.55
N ILE A 233 7.13 5.04 -29.34
CA ILE A 233 7.70 5.27 -28.00
C ILE A 233 6.80 6.24 -27.24
N ALA A 234 6.43 7.37 -27.91
CA ALA A 234 5.56 8.41 -27.33
C ALA A 234 4.23 7.81 -26.85
N HIS A 235 3.67 6.90 -27.67
CA HIS A 235 2.43 6.20 -27.41
C HIS A 235 2.54 5.32 -26.15
N ILE A 236 3.61 4.51 -26.07
CA ILE A 236 3.86 3.61 -24.93
C ILE A 236 4.06 4.45 -23.66
N ALA A 237 4.88 5.53 -23.74
CA ALA A 237 5.12 6.45 -22.62
C ALA A 237 3.78 7.09 -22.19
N PHE A 238 2.94 7.52 -23.17
CA PHE A 238 1.63 8.08 -22.87
C PHE A 238 0.74 7.07 -22.18
N ASN A 239 0.77 5.82 -22.60
CA ASN A 239 -0.02 4.77 -21.95
C ASN A 239 0.48 4.46 -20.54
N ILE A 240 1.83 4.64 -20.29
CA ILE A 240 2.45 4.46 -18.97
C ILE A 240 1.91 5.60 -18.15
N LEU A 241 1.75 6.71 -18.80
CA LEU A 241 1.23 7.98 -18.33
C LEU A 241 -0.16 7.92 -17.77
N VAL A 242 -1.10 7.20 -18.45
CA VAL A 242 -2.48 7.03 -18.00
C VAL A 242 -2.53 6.17 -16.75
N GLU A 243 -1.76 5.04 -16.72
CA GLU A 243 -1.58 4.25 -15.51
C GLU A 243 -2.87 3.76 -14.89
N THR A 244 -3.67 2.94 -15.59
CA THR A 244 -4.87 2.39 -14.92
C THR A 244 -4.39 1.57 -13.71
N ASN A 245 -3.30 0.82 -13.92
CA ASN A 245 -2.59 0.01 -12.93
C ASN A 245 -3.45 -1.10 -12.31
N CYS A 246 -4.45 -1.59 -13.04
CA CYS A 246 -5.32 -2.71 -12.66
C CYS A 246 -4.79 -3.88 -13.47
N PRO A 247 -4.66 -5.08 -12.86
CA PRO A 247 -4.12 -6.20 -13.66
C PRO A 247 -5.07 -6.44 -14.80
N LYS A 248 -4.51 -6.74 -15.98
CA LYS A 248 -5.34 -6.99 -17.17
C LYS A 248 -6.49 -7.91 -16.83
N THR A 249 -7.65 -7.52 -17.32
CA THR A 249 -8.77 -8.37 -17.15
C THR A 249 -8.45 -9.59 -17.99
N PRO A 250 -8.89 -10.79 -17.56
CA PRO A 250 -8.69 -11.99 -18.39
C PRO A 250 -9.33 -11.91 -19.79
N TYR A 251 -10.46 -11.13 -19.88
CA TYR A 251 -11.30 -10.89 -21.05
C TYR A 251 -10.91 -9.65 -21.84
N MET A 252 -11.37 -9.57 -23.10
CA MET A 252 -11.05 -8.43 -23.94
C MET A 252 -12.09 -7.32 -23.74
N THR A 253 -11.56 -6.16 -23.38
CA THR A 253 -12.28 -4.93 -23.15
C THR A 253 -12.39 -4.14 -24.47
N TYR A 254 -13.32 -3.16 -24.51
CA TYR A 254 -13.52 -2.27 -25.66
C TYR A 254 -12.30 -1.39 -25.84
N THR A 255 -11.86 -0.73 -24.74
CA THR A 255 -10.69 0.15 -24.74
C THR A 255 -9.45 -0.65 -25.15
N GLY A 256 -9.35 -1.88 -24.61
CA GLY A 256 -8.26 -2.81 -24.87
C GLY A 256 -8.12 -3.21 -26.31
N ALA A 257 -9.28 -3.36 -27.01
CA ALA A 257 -9.35 -3.72 -28.43
C ALA A 257 -8.81 -2.59 -29.29
N ILE A 258 -9.24 -1.34 -29.00
CA ILE A 258 -8.77 -0.09 -29.66
C ILE A 258 -7.26 0.01 -29.52
N ILE A 259 -6.74 -0.15 -28.27
CA ILE A 259 -5.31 -0.08 -27.98
C ILE A 259 -4.57 -1.13 -28.79
N PHE A 260 -5.12 -2.37 -28.85
CA PHE A 260 -4.51 -3.41 -29.66
C PHE A 260 -4.41 -2.95 -31.09
N MET A 261 -5.52 -2.47 -31.63
CA MET A 261 -5.59 -2.00 -33.00
C MET A 261 -4.58 -0.88 -33.29
N ILE A 262 -4.34 0.01 -32.29
CA ILE A 262 -3.36 1.10 -32.38
C ILE A 262 -1.94 0.54 -32.55
N TYR A 263 -1.58 -0.50 -31.77
CA TYR A 263 -0.28 -1.16 -31.90
C TYR A 263 -0.11 -1.76 -33.28
N LEU A 264 -1.19 -2.30 -33.82
CA LEU A 264 -1.20 -2.89 -35.14
C LEU A 264 -0.99 -1.81 -36.23
N PHE A 265 -1.65 -0.64 -36.07
CA PHE A 265 -1.51 0.51 -36.97
C PHE A 265 -0.08 1.04 -37.03
N TYR A 266 0.65 1.03 -35.87
CA TYR A 266 2.04 1.48 -35.80
C TYR A 266 2.90 0.50 -36.59
N PHE A 267 2.56 -0.81 -36.50
CA PHE A 267 3.29 -1.86 -37.21
C PHE A 267 3.14 -1.77 -38.71
N VAL A 268 1.88 -1.69 -39.18
CA VAL A 268 1.52 -1.54 -40.59
C VAL A 268 2.18 -0.29 -41.21
N ALA A 269 2.16 0.86 -40.48
CA ALA A 269 2.78 2.13 -40.86
C ALA A 269 4.27 1.95 -41.06
N VAL A 270 4.93 1.11 -40.21
CA VAL A 270 6.36 0.79 -40.35
C VAL A 270 6.55 -0.04 -41.62
N ILE A 271 5.61 -0.98 -41.91
CA ILE A 271 5.69 -1.82 -43.12
C ILE A 271 5.70 -0.89 -44.34
N GLU A 272 4.70 0.02 -44.44
CA GLU A 272 4.56 1.01 -45.51
C GLU A 272 5.86 1.75 -45.70
N VAL A 273 6.36 2.43 -44.64
CA VAL A 273 7.62 3.21 -44.61
C VAL A 273 8.77 2.38 -45.10
N THR A 274 8.81 1.09 -44.67
CA THR A 274 9.89 0.20 -45.09
C THR A 274 9.77 -0.08 -46.60
N VAL A 275 8.56 -0.52 -47.05
CA VAL A 275 8.24 -0.83 -48.45
C VAL A 275 8.52 0.34 -49.37
N GLN A 276 7.96 1.53 -49.04
CA GLN A 276 8.15 2.79 -49.76
C GLN A 276 9.62 2.99 -50.09
N HIS A 277 10.51 2.82 -49.08
CA HIS A 277 11.95 2.97 -49.23
C HIS A 277 12.55 1.87 -50.11
N TYR A 278 12.18 0.59 -49.87
CA TYR A 278 12.71 -0.51 -50.67
C TYR A 278 12.37 -0.40 -52.15
N LEU A 279 11.13 0.04 -52.48
CA LEU A 279 10.71 0.27 -53.86
C LEU A 279 11.56 1.39 -54.47
N LYS A 280 11.74 2.50 -53.70
CA LYS A 280 12.53 3.64 -54.13
C LYS A 280 13.97 3.25 -54.35
N VAL A 281 14.52 2.36 -53.48
CA VAL A 281 15.90 1.89 -53.60
C VAL A 281 16.04 0.87 -54.75
N GLU A 282 14.97 0.11 -55.05
CA GLU A 282 14.95 -0.88 -56.13
C GLU A 282 14.42 -0.27 -57.44
N SER A 283 14.71 1.04 -57.63
CA SER A 283 14.37 1.86 -58.79
C SER A 283 12.97 1.61 -59.34
N GLN A 284 11.95 1.77 -58.47
CA GLN A 284 10.53 1.63 -58.83
C GLN A 284 9.78 2.79 -58.16
N PRO A 285 10.17 4.06 -58.43
CA PRO A 285 9.53 5.18 -57.71
C PRO A 285 8.11 5.49 -58.12
N ALA A 286 7.55 4.67 -59.01
CA ALA A 286 6.17 4.78 -59.45
C ALA A 286 5.27 4.14 -58.40
N ARG A 287 5.64 2.89 -57.98
CA ARG A 287 4.95 2.09 -56.97
C ARG A 287 5.19 2.67 -55.57
N ALA A 288 6.44 3.12 -55.32
CA ALA A 288 6.85 3.71 -54.06
C ALA A 288 5.95 4.89 -53.74
N ALA A 289 5.90 5.90 -54.64
CA ALA A 289 5.08 7.08 -54.47
C ALA A 289 3.56 6.80 -54.48
N SER A 290 3.11 5.79 -55.24
CA SER A 290 1.67 5.48 -55.29
C SER A 290 1.13 4.94 -53.97
N ILE A 291 1.89 4.04 -53.30
CA ILE A 291 1.55 3.43 -52.01
C ILE A 291 1.43 4.52 -50.95
N THR A 292 2.45 5.40 -50.88
CA THR A 292 2.52 6.52 -49.94
C THR A 292 1.31 7.40 -50.11
N ARG A 293 0.98 7.72 -51.37
CA ARG A 293 -0.19 8.53 -51.71
C ARG A 293 -1.52 7.86 -51.30
N ALA A 294 -1.61 6.52 -51.50
CA ALA A 294 -2.78 5.73 -51.14
C ALA A 294 -2.99 5.77 -49.62
N SER A 295 -1.94 5.40 -48.89
CA SER A 295 -1.90 5.36 -47.43
C SER A 295 -2.45 6.63 -46.80
N ARG A 296 -2.14 7.82 -47.42
CA ARG A 296 -2.59 9.15 -46.99
C ARG A 296 -4.11 9.18 -46.72
N ILE A 297 -4.87 8.34 -47.46
CA ILE A 297 -6.33 8.17 -47.35
C ILE A 297 -6.67 6.80 -46.69
N ALA A 298 -5.97 5.72 -47.11
CA ALA A 298 -6.15 4.36 -46.61
C ALA A 298 -6.08 4.24 -45.06
N PHE A 299 -5.00 4.77 -44.46
CA PHE A 299 -4.79 4.74 -43.02
C PHE A 299 -5.92 5.45 -42.28
N PRO A 300 -6.25 6.75 -42.55
CA PRO A 300 -7.37 7.38 -41.81
C PRO A 300 -8.72 6.68 -41.96
N VAL A 301 -9.04 6.24 -43.19
CA VAL A 301 -10.29 5.55 -43.54
C VAL A 301 -10.42 4.21 -42.81
N VAL A 302 -9.45 3.29 -43.00
CA VAL A 302 -9.46 1.97 -42.36
C VAL A 302 -9.56 2.13 -40.86
N PHE A 303 -8.79 3.07 -40.25
CA PHE A 303 -8.86 3.33 -38.81
C PHE A 303 -10.30 3.68 -38.39
N LEU A 304 -10.89 4.69 -39.07
CA LEU A 304 -12.25 5.18 -38.84
C LEU A 304 -13.29 4.07 -38.93
N LEU A 305 -13.15 3.19 -39.93
CA LEU A 305 -14.08 2.08 -40.12
C LEU A 305 -13.89 1.04 -39.03
N ALA A 306 -12.62 0.63 -38.79
CA ALA A 306 -12.27 -0.38 -37.79
C ALA A 306 -12.77 0.00 -36.39
N ASN A 307 -12.77 1.30 -36.07
CA ASN A 307 -13.30 1.77 -34.81
C ASN A 307 -14.81 1.71 -34.80
N ILE A 308 -15.45 2.00 -35.95
CA ILE A 308 -16.91 1.91 -36.12
C ILE A 308 -17.32 0.47 -35.90
N ILE A 309 -16.60 -0.50 -36.54
CA ILE A 309 -16.84 -1.93 -36.37
C ILE A 309 -16.82 -2.29 -34.87
N LEU A 310 -15.74 -1.90 -34.14
CA LEU A 310 -15.58 -2.17 -32.70
C LEU A 310 -16.65 -1.55 -31.85
N ALA A 311 -16.91 -0.23 -32.02
CA ALA A 311 -17.92 0.49 -31.26
C ALA A 311 -19.24 -0.26 -31.36
N PHE A 312 -19.63 -0.63 -32.59
CA PHE A 312 -20.85 -1.38 -32.89
C PHE A 312 -20.81 -2.76 -32.22
N LEU A 313 -19.69 -3.47 -32.39
CA LEU A 313 -19.41 -4.79 -31.86
C LEU A 313 -19.54 -4.85 -30.34
N PHE A 314 -19.11 -3.79 -29.61
CA PHE A 314 -19.15 -3.75 -28.13
C PHE A 314 -20.43 -3.12 -27.55
N PHE A 315 -21.10 -2.26 -28.33
CA PHE A 315 -22.29 -1.54 -27.89
C PHE A 315 -23.46 -1.72 -28.88
N VAL B 5 -29.93 2.43 32.81
CA VAL B 5 -29.43 2.71 31.46
C VAL B 5 -30.62 2.83 30.44
N SER B 6 -31.37 3.91 30.59
CA SER B 6 -32.54 4.31 29.78
C SER B 6 -32.58 5.84 29.78
N PRO B 7 -33.03 6.53 28.71
CA PRO B 7 -32.96 8.01 28.69
C PRO B 7 -33.62 8.70 29.87
N PRO B 8 -33.11 9.91 30.26
CA PRO B 8 -33.77 10.65 31.34
C PRO B 8 -35.19 11.05 30.93
N PRO B 9 -36.18 11.06 31.87
CA PRO B 9 -37.56 11.43 31.46
C PRO B 9 -37.77 12.92 31.29
N PRO B 10 -38.66 13.35 30.36
CA PRO B 10 -38.85 14.81 30.16
C PRO B 10 -39.70 15.43 31.26
N ILE B 11 -39.35 16.66 31.69
CA ILE B 11 -40.08 17.40 32.73
C ILE B 11 -41.52 17.61 32.22
N ALA B 12 -41.63 18.11 30.97
CA ALA B 12 -42.84 18.30 30.18
C ALA B 12 -42.43 17.56 28.91
N ASP B 13 -43.08 17.82 27.81
CA ASP B 13 -42.91 17.20 26.49
C ASP B 13 -41.76 17.80 25.65
N GLU B 14 -40.68 18.21 26.34
CA GLU B 14 -39.51 18.80 25.70
C GLU B 14 -38.48 17.73 25.24
N PRO B 15 -37.72 17.95 24.14
CA PRO B 15 -36.73 16.94 23.75
C PRO B 15 -35.41 17.12 24.50
N LEU B 16 -34.60 16.04 24.60
CA LEU B 16 -33.32 16.11 25.29
C LEU B 16 -32.29 16.84 24.44
N THR B 17 -31.71 17.91 24.98
CA THR B 17 -30.72 18.62 24.19
C THR B 17 -29.33 18.20 24.66
N VAL B 18 -28.63 17.53 23.75
CA VAL B 18 -27.26 17.11 23.95
C VAL B 18 -26.41 18.20 23.28
N ASN B 19 -25.76 19.03 24.12
CA ASN B 19 -24.86 20.07 23.64
C ASN B 19 -23.58 19.35 23.26
N THR B 20 -23.07 19.63 22.07
CA THR B 20 -21.88 19.03 21.51
C THR B 20 -20.68 19.98 21.51
N GLY B 21 -19.62 19.57 20.82
CA GLY B 21 -18.35 20.27 20.67
C GLY B 21 -17.27 19.34 20.17
N ILE B 22 -16.37 19.87 19.33
CA ILE B 22 -15.25 19.14 18.73
C ILE B 22 -14.00 20.03 18.78
N TYR B 23 -12.94 19.57 19.48
CA TYR B 23 -11.67 20.29 19.56
C TYR B 23 -10.54 19.50 18.89
N LEU B 24 -10.10 19.95 17.67
CA LEU B 24 -9.01 19.31 16.93
C LEU B 24 -7.69 19.36 17.66
N ILE B 25 -7.10 18.18 17.86
CA ILE B 25 -5.82 17.99 18.51
C ILE B 25 -4.76 17.86 17.42
N GLU B 26 -4.98 16.91 16.48
CA GLU B 26 -4.12 16.62 15.33
C GLU B 26 -4.98 16.37 14.09
N SER B 27 -4.46 16.73 12.92
CA SER B 27 -5.10 16.49 11.62
C SER B 27 -3.98 15.98 10.76
N TYR B 28 -4.21 14.87 10.10
CA TYR B 28 -3.19 14.23 9.27
C TYR B 28 -3.81 13.39 8.18
N SER B 29 -2.96 12.72 7.38
CA SER B 29 -3.30 11.82 6.29
C SER B 29 -4.39 12.37 5.36
N LEU B 30 -4.19 13.58 4.78
CA LEU B 30 -5.19 14.06 3.83
C LEU B 30 -4.93 13.41 2.47
N ASP B 31 -5.72 12.39 2.14
CA ASP B 31 -5.60 11.65 0.88
C ASP B 31 -6.47 12.31 -0.19
N ASP B 32 -5.83 13.06 -1.08
CA ASP B 32 -6.54 13.74 -2.16
C ASP B 32 -7.28 12.75 -3.04
N CYS B 33 -6.67 11.56 -3.30
CA CYS B 33 -7.24 10.50 -4.13
C CYS B 33 -8.48 9.91 -3.51
N ALA B 34 -8.38 9.50 -2.24
CA ALA B 34 -9.48 8.86 -1.49
C ALA B 34 -10.50 9.83 -0.90
N GLU B 35 -10.23 11.15 -0.94
CA GLU B 35 -11.08 12.22 -0.41
C GLU B 35 -11.33 12.00 1.10
N THR B 36 -10.27 11.61 1.81
CA THR B 36 -10.31 11.35 3.24
C THR B 36 -9.25 12.18 3.94
N PHE B 37 -9.47 12.49 5.22
CA PHE B 37 -8.51 13.20 6.05
C PHE B 37 -8.63 12.57 7.42
N LYS B 38 -7.52 12.25 8.07
CA LYS B 38 -7.61 11.62 9.39
C LYS B 38 -7.52 12.69 10.47
N VAL B 39 -8.43 12.65 11.45
CA VAL B 39 -8.45 13.64 12.50
C VAL B 39 -8.38 12.98 13.84
N ASN B 40 -7.58 13.55 14.72
CA ASN B 40 -7.39 13.13 16.10
C ASN B 40 -7.94 14.33 16.98
N ALA B 41 -9.04 14.12 17.71
CA ALA B 41 -9.71 15.22 18.43
C ALA B 41 -10.41 14.85 19.76
N PHE B 42 -11.01 15.87 20.40
CA PHE B 42 -11.82 15.75 21.61
C PHE B 42 -13.28 15.84 21.20
N LEU B 43 -14.15 15.18 21.97
CA LEU B 43 -15.59 15.18 21.83
C LEU B 43 -16.18 15.61 23.20
N SER B 44 -16.88 16.73 23.20
CA SER B 44 -17.49 17.24 24.42
C SER B 44 -19.01 17.12 24.29
N LEU B 45 -19.67 16.50 25.26
CA LEU B 45 -21.10 16.28 25.28
C LEU B 45 -21.72 16.65 26.63
N SER B 46 -22.87 17.33 26.61
CA SER B 46 -23.55 17.71 27.85
C SER B 46 -25.05 17.61 27.75
N TRP B 47 -25.67 16.98 28.77
CA TRP B 47 -27.11 16.80 28.87
C TRP B 47 -27.55 16.76 30.34
N LYS B 48 -28.86 16.84 30.61
CA LYS B 48 -29.30 16.73 32.00
C LYS B 48 -30.07 15.45 32.24
N ASP B 49 -29.52 14.63 33.10
CA ASP B 49 -30.12 13.39 33.54
C ASP B 49 -30.34 13.63 35.03
N ARG B 50 -31.58 14.07 35.37
CA ARG B 50 -31.96 14.43 36.76
C ARG B 50 -31.94 13.23 37.71
N ARG B 51 -32.01 12.00 37.14
CA ARG B 51 -31.96 10.72 37.86
C ARG B 51 -30.62 10.59 38.61
N LEU B 52 -29.60 11.36 38.15
CA LEU B 52 -28.24 11.37 38.69
C LEU B 52 -28.01 12.43 39.76
N ALA B 53 -29.03 13.31 40.00
CA ALA B 53 -28.97 14.44 40.94
C ALA B 53 -28.52 14.08 42.34
N PHE B 54 -27.88 15.02 43.02
CA PHE B 54 -27.33 14.78 44.37
C PHE B 54 -27.15 16.05 45.22
N ASP B 55 -27.17 15.87 46.55
CA ASP B 55 -26.89 16.94 47.51
C ASP B 55 -25.38 16.86 47.76
N PRO B 56 -24.61 17.92 47.46
CA PRO B 56 -23.17 17.84 47.70
C PRO B 56 -22.79 17.73 49.18
N VAL B 57 -23.69 18.18 50.09
CA VAL B 57 -23.55 18.13 51.55
C VAL B 57 -23.59 16.67 51.99
N ARG B 58 -24.69 15.95 51.62
CA ARG B 58 -24.91 14.53 51.92
C ARG B 58 -23.88 13.66 51.20
N SER B 59 -23.56 14.01 49.93
CA SER B 59 -22.59 13.28 49.11
C SER B 59 -21.16 13.50 49.58
N GLY B 60 -20.86 14.71 50.01
CA GLY B 60 -19.53 15.11 50.47
C GLY B 60 -18.59 15.55 49.35
N VAL B 61 -19.07 15.41 48.10
CA VAL B 61 -18.36 15.77 46.87
C VAL B 61 -19.16 16.82 46.10
N ARG B 62 -18.49 17.82 45.53
CA ARG B 62 -19.19 18.86 44.78
C ARG B 62 -19.64 18.39 43.40
N VAL B 63 -18.94 17.38 42.84
CA VAL B 63 -19.20 16.71 41.56
C VAL B 63 -18.77 15.27 41.66
N LYS B 64 -19.53 14.36 41.07
CA LYS B 64 -19.25 12.93 41.12
C LYS B 64 -18.81 12.45 39.74
N THR B 65 -17.77 11.60 39.71
CA THR B 65 -17.24 11.01 38.46
C THR B 65 -17.79 9.61 38.29
N TYR B 66 -18.35 9.33 37.09
CA TYR B 66 -18.95 8.03 36.75
C TYR B 66 -18.23 7.31 35.61
N GLU B 67 -18.44 5.98 35.53
CA GLU B 67 -17.90 5.13 34.47
C GLU B 67 -18.96 5.06 33.36
N PRO B 68 -18.57 5.01 32.07
CA PRO B 68 -19.56 5.01 31.00
C PRO B 68 -20.68 3.99 31.12
N GLU B 69 -20.35 2.83 31.68
CA GLU B 69 -21.26 1.70 31.89
C GLU B 69 -22.34 2.04 32.90
N ALA B 70 -21.94 2.72 34.01
CA ALA B 70 -22.78 3.14 35.14
C ALA B 70 -23.99 4.00 34.78
N ILE B 71 -23.78 5.04 33.95
CA ILE B 71 -24.84 5.98 33.56
C ILE B 71 -25.29 5.82 32.11
N TRP B 72 -26.42 6.50 31.78
CA TRP B 72 -26.98 6.54 30.42
C TRP B 72 -26.23 7.56 29.65
N ILE B 73 -25.72 7.17 28.47
CA ILE B 73 -25.00 8.08 27.57
C ILE B 73 -25.69 8.12 26.20
N PRO B 74 -25.86 9.30 25.58
CA PRO B 74 -26.51 9.34 24.26
C PRO B 74 -25.67 8.60 23.22
N GLU B 75 -26.35 7.94 22.28
CA GLU B 75 -25.62 7.23 21.22
C GLU B 75 -25.29 8.22 20.10
N ILE B 76 -24.16 8.92 20.26
CA ILE B 76 -23.71 9.88 19.24
C ILE B 76 -22.81 9.12 18.29
N ARG B 77 -23.04 9.28 16.98
CA ARG B 77 -22.28 8.62 15.93
C ARG B 77 -21.88 9.68 14.91
N PHE B 78 -20.85 9.40 14.09
CA PHE B 78 -20.43 10.26 13.00
C PHE B 78 -20.99 9.69 11.73
N VAL B 79 -21.41 10.57 10.82
CA VAL B 79 -22.04 10.15 9.57
C VAL B 79 -21.03 9.73 8.50
N ASN B 80 -20.04 10.59 8.21
CA ASN B 80 -19.06 10.38 7.16
C ASN B 80 -17.72 9.82 7.62
N VAL B 81 -17.72 8.79 8.49
CA VAL B 81 -16.48 8.15 8.91
C VAL B 81 -16.29 6.82 8.22
N GLU B 82 -15.02 6.46 7.85
CA GLU B 82 -14.71 5.19 7.17
C GLU B 82 -14.98 4.05 8.15
N ASN B 83 -14.17 3.95 9.19
CA ASN B 83 -14.38 2.96 10.24
C ASN B 83 -14.66 3.65 11.56
N ALA B 84 -15.62 3.08 12.33
CA ALA B 84 -16.04 3.55 13.65
C ALA B 84 -14.91 4.10 14.48
N ARG B 85 -15.17 5.28 15.05
CA ARG B 85 -14.22 6.06 15.83
C ARG B 85 -13.45 5.30 16.88
N ASP B 86 -12.18 5.63 17.01
CA ASP B 86 -11.36 5.02 18.05
C ASP B 86 -11.60 5.90 19.28
N ALA B 87 -12.67 5.57 20.03
CA ALA B 87 -13.13 6.30 21.20
C ALA B 87 -12.40 5.90 22.47
N ASP B 88 -12.04 6.90 23.27
CA ASP B 88 -11.39 6.73 24.57
C ASP B 88 -12.01 7.76 25.50
N VAL B 89 -12.77 7.32 26.52
CA VAL B 89 -13.41 8.26 27.44
C VAL B 89 -12.36 8.82 28.39
N VAL B 90 -12.26 10.16 28.39
CA VAL B 90 -11.32 10.93 29.21
C VAL B 90 -11.93 11.21 30.58
N ASP B 91 -13.22 11.66 30.61
CA ASP B 91 -13.93 12.00 31.85
C ASP B 91 -15.43 12.15 31.70
N ILE B 92 -16.17 11.69 32.71
CA ILE B 92 -17.61 11.83 32.86
C ILE B 92 -17.85 12.47 34.24
N SER B 93 -18.41 13.69 34.25
CA SER B 93 -18.64 14.45 35.47
C SER B 93 -20.09 14.92 35.63
N VAL B 94 -20.74 14.62 36.78
CA VAL B 94 -22.12 15.03 37.04
C VAL B 94 -22.18 16.10 38.14
N SER B 95 -22.83 17.27 37.86
CA SER B 95 -23.03 18.36 38.84
C SER B 95 -24.38 18.16 39.61
N PRO B 96 -24.60 18.74 40.84
CA PRO B 96 -25.79 18.39 41.64
C PRO B 96 -27.12 18.32 40.92
N ASP B 97 -27.33 19.15 39.89
CA ASP B 97 -28.57 19.20 39.10
C ASP B 97 -28.82 17.99 38.23
N GLY B 98 -27.76 17.24 37.96
CA GLY B 98 -27.80 16.06 37.11
C GLY B 98 -27.27 16.37 35.73
N THR B 99 -26.51 17.47 35.59
CA THR B 99 -25.92 17.86 34.32
C THR B 99 -24.68 17.01 34.14
N VAL B 100 -24.65 16.24 33.06
CA VAL B 100 -23.54 15.37 32.72
C VAL B 100 -22.57 16.12 31.82
N GLN B 101 -21.28 16.02 32.12
CA GLN B 101 -20.17 16.62 31.40
C GLN B 101 -19.26 15.50 30.91
N TYR B 102 -19.44 15.13 29.64
CA TYR B 102 -18.72 14.07 28.97
C TYR B 102 -17.57 14.60 28.12
N LEU B 103 -16.45 13.88 28.13
CA LEU B 103 -15.27 14.21 27.33
C LEU B 103 -14.59 12.92 26.89
N GLU B 104 -14.32 12.84 25.58
CA GLU B 104 -13.77 11.66 24.95
C GLU B 104 -12.80 12.02 23.87
N ARG B 105 -11.68 11.34 23.85
CA ARG B 105 -10.71 11.61 22.79
C ARG B 105 -10.91 10.58 21.65
N PHE B 106 -11.18 11.06 20.42
CA PHE B 106 -11.42 10.15 19.30
C PHE B 106 -10.52 10.44 18.14
N SER B 107 -10.35 9.46 17.25
CA SER B 107 -9.58 9.58 16.01
C SER B 107 -10.30 8.84 14.93
N ALA B 108 -10.58 9.51 13.80
CA ALA B 108 -11.31 8.88 12.69
C ALA B 108 -10.94 9.43 11.31
N ARG B 109 -10.94 8.52 10.31
CA ARG B 109 -10.67 8.84 8.91
C ARG B 109 -12.01 9.28 8.38
N VAL B 110 -12.12 10.58 8.10
CA VAL B 110 -13.35 11.20 7.64
C VAL B 110 -13.38 11.25 6.13
N LEU B 111 -14.52 10.85 5.53
CA LEU B 111 -14.73 10.90 4.10
C LEU B 111 -15.39 12.25 3.76
N SER B 112 -14.68 13.11 3.02
CA SER B 112 -15.27 14.38 2.61
C SER B 112 -14.82 14.71 1.17
N PRO B 113 -15.77 14.89 0.23
CA PRO B 113 -15.38 15.18 -1.15
C PRO B 113 -14.52 16.43 -1.34
N LEU B 114 -13.73 16.45 -2.44
CA LEU B 114 -12.85 17.56 -2.80
C LEU B 114 -13.09 17.99 -4.24
N ASP B 115 -13.03 19.32 -4.49
CA ASP B 115 -13.23 19.93 -5.81
C ASP B 115 -11.90 20.41 -6.34
N PHE B 116 -11.34 19.67 -7.31
CA PHE B 116 -10.03 19.97 -7.89
C PHE B 116 -10.11 20.80 -9.14
N ARG B 117 -11.30 21.32 -9.48
CA ARG B 117 -11.47 22.16 -10.65
C ARG B 117 -10.46 23.35 -10.67
N ARG B 118 -10.24 24.00 -9.51
CA ARG B 118 -9.33 25.15 -9.43
C ARG B 118 -7.92 24.80 -8.93
N TYR B 119 -7.55 23.50 -8.95
CA TYR B 119 -6.24 23.02 -8.51
C TYR B 119 -5.13 23.66 -9.37
N PRO B 120 -3.96 24.07 -8.81
CA PRO B 120 -3.50 23.99 -7.40
C PRO B 120 -3.80 25.22 -6.53
N PHE B 121 -4.77 26.02 -6.97
CA PHE B 121 -5.18 27.25 -6.28
C PHE B 121 -6.48 27.00 -5.48
N ASP B 122 -6.93 25.75 -5.52
CA ASP B 122 -8.15 25.27 -4.87
C ASP B 122 -8.18 25.44 -3.36
N SER B 123 -9.39 25.63 -2.85
CA SER B 123 -9.69 25.68 -1.42
C SER B 123 -10.75 24.64 -1.17
N GLN B 124 -10.70 24.02 0.03
CA GLN B 124 -11.60 22.94 0.40
C GLN B 124 -12.28 23.16 1.74
N THR B 125 -13.54 22.68 1.85
CA THR B 125 -14.32 22.68 3.08
C THR B 125 -14.61 21.22 3.41
N LEU B 126 -13.89 20.73 4.42
CA LEU B 126 -13.95 19.36 4.89
C LEU B 126 -15.02 19.26 5.97
N HIS B 127 -15.90 18.27 5.86
CA HIS B 127 -17.00 18.07 6.79
C HIS B 127 -16.84 16.92 7.72
N ILE B 128 -17.39 17.09 8.92
CA ILE B 128 -17.45 16.11 9.99
C ILE B 128 -18.88 16.23 10.47
N TYR B 129 -19.68 15.18 10.26
CA TYR B 129 -21.09 15.15 10.62
C TYR B 129 -21.41 14.35 11.87
N LEU B 130 -21.99 15.00 12.89
CA LEU B 130 -22.44 14.35 14.13
C LEU B 130 -23.94 14.03 14.05
N ILE B 131 -24.36 12.85 14.51
CA ILE B 131 -25.77 12.46 14.43
C ILE B 131 -26.23 11.72 15.70
N VAL B 132 -27.54 11.80 16.01
CA VAL B 132 -28.15 11.09 17.12
C VAL B 132 -29.56 10.67 16.74
N ARG B 133 -29.86 9.39 16.92
CA ARG B 133 -31.18 8.87 16.58
C ARG B 133 -32.07 8.88 17.83
N SER B 134 -33.20 9.57 17.73
CA SER B 134 -34.15 9.73 18.82
C SER B 134 -34.82 8.38 19.16
N VAL B 135 -34.92 8.11 20.46
CA VAL B 135 -35.49 6.87 21.02
C VAL B 135 -37.02 6.92 21.16
N ASP B 136 -37.61 5.81 21.62
CA ASP B 136 -39.05 5.64 21.85
C ASP B 136 -39.53 6.55 22.98
N THR B 137 -38.82 6.47 24.14
CA THR B 137 -39.06 7.20 25.38
C THR B 137 -39.14 8.72 25.12
N ARG B 138 -38.10 9.32 24.50
CA ARG B 138 -38.09 10.75 24.18
C ARG B 138 -37.15 11.09 22.99
N ASN B 139 -37.42 12.25 22.37
CA ASN B 139 -36.65 12.75 21.24
C ASN B 139 -35.39 13.43 21.68
N ILE B 140 -34.28 13.16 20.96
CA ILE B 140 -32.97 13.76 21.23
C ILE B 140 -32.63 14.72 20.09
N VAL B 141 -32.19 15.93 20.48
CA VAL B 141 -31.77 17.00 19.59
C VAL B 141 -30.40 17.51 20.01
N LEU B 142 -29.47 17.63 19.04
CA LEU B 142 -28.10 18.10 19.22
C LEU B 142 -27.98 19.64 19.19
N ALA B 143 -27.02 20.19 19.95
CA ALA B 143 -26.76 21.62 19.96
C ALA B 143 -25.28 21.88 20.00
N VAL B 144 -24.80 23.10 19.69
CA VAL B 144 -23.36 23.34 19.72
C VAL B 144 -22.91 24.27 20.85
N ASP B 145 -22.07 23.79 21.76
CA ASP B 145 -21.52 24.64 22.82
C ASP B 145 -20.25 25.24 22.20
N LEU B 146 -20.37 26.45 21.64
CA LEU B 146 -19.32 27.16 20.91
C LEU B 146 -18.00 27.30 21.68
N GLU B 147 -18.05 27.17 23.01
CA GLU B 147 -16.86 27.25 23.86
C GLU B 147 -16.04 25.96 23.78
N LYS B 148 -16.71 24.83 23.50
CA LYS B 148 -16.10 23.50 23.45
C LYS B 148 -15.80 22.99 22.01
N VAL B 149 -15.77 23.97 21.06
CA VAL B 149 -15.43 23.82 19.65
C VAL B 149 -14.14 24.64 19.50
N GLY B 150 -13.28 24.22 18.58
CA GLY B 150 -12.00 24.88 18.30
C GLY B 150 -10.97 23.92 17.77
N LYS B 151 -9.71 24.38 17.68
CA LYS B 151 -8.57 23.58 17.20
C LYS B 151 -7.27 24.00 17.88
N ASN B 152 -6.31 23.08 17.99
CA ASN B 152 -4.99 23.34 18.55
C ASN B 152 -4.30 24.29 17.57
N ASP B 153 -3.34 25.09 18.03
CA ASP B 153 -2.61 25.98 17.12
C ASP B 153 -1.58 25.20 16.29
N ASP B 154 -1.10 24.06 16.83
CA ASP B 154 -0.16 23.12 16.22
C ASP B 154 -0.79 22.32 15.05
N VAL B 155 -2.15 22.30 14.94
CA VAL B 155 -2.92 21.57 13.92
C VAL B 155 -2.44 21.97 12.52
N PHE B 156 -1.89 20.98 11.79
CA PHE B 156 -1.32 21.21 10.47
C PHE B 156 -1.70 20.17 9.44
N LEU B 157 -1.63 20.58 8.16
CA LEU B 157 -1.79 19.75 6.98
C LEU B 157 -0.71 20.28 6.07
N THR B 158 0.28 19.43 5.76
CA THR B 158 1.40 19.86 4.92
C THR B 158 0.87 20.27 3.56
N GLY B 159 1.24 21.47 3.13
CA GLY B 159 0.79 22.02 1.86
C GLY B 159 -0.59 22.67 1.86
N TRP B 160 -1.14 22.90 3.07
CA TRP B 160 -2.44 23.53 3.22
C TRP B 160 -2.40 24.57 4.32
N ASP B 161 -3.20 25.62 4.15
CA ASP B 161 -3.35 26.67 5.15
C ASP B 161 -4.70 26.37 5.81
N ILE B 162 -4.65 25.91 7.10
CA ILE B 162 -5.84 25.55 7.89
C ILE B 162 -6.46 26.88 8.35
N GLU B 163 -7.49 27.30 7.62
CA GLU B 163 -8.16 28.58 7.81
C GLU B 163 -9.02 28.62 9.08
N SER B 164 -9.97 27.69 9.24
CA SER B 164 -10.90 27.70 10.37
C SER B 164 -11.52 26.33 10.69
N PHE B 165 -11.98 26.16 11.96
CA PHE B 165 -12.74 25.00 12.42
C PHE B 165 -14.02 25.47 13.10
N THR B 166 -15.07 25.62 12.31
CA THR B 166 -16.34 26.17 12.73
C THR B 166 -17.48 25.13 12.73
N ALA B 167 -18.62 25.48 13.35
CA ALA B 167 -19.78 24.59 13.38
C ALA B 167 -21.06 25.31 12.92
N VAL B 168 -21.93 24.61 12.18
CA VAL B 168 -23.25 25.09 11.75
C VAL B 168 -24.15 24.81 12.95
N VAL B 169 -24.24 25.81 13.84
CA VAL B 169 -24.92 25.78 15.14
C VAL B 169 -26.33 25.17 15.10
N LYS B 170 -27.10 25.42 14.02
CA LYS B 170 -28.47 24.90 13.87
C LYS B 170 -28.45 23.49 13.32
N PRO B 171 -28.86 22.46 14.12
CA PRO B 171 -28.86 21.09 13.60
C PRO B 171 -29.88 20.87 12.51
N ALA B 172 -29.64 19.85 11.68
CA ALA B 172 -30.54 19.49 10.61
C ALA B 172 -31.35 18.32 11.14
N ASN B 173 -32.51 18.62 11.71
CA ASN B 173 -33.38 17.59 12.26
C ASN B 173 -34.26 17.10 11.13
N PHE B 174 -34.40 15.77 11.01
CA PHE B 174 -35.14 15.11 9.93
C PHE B 174 -35.64 13.73 10.37
N ALA B 175 -36.54 13.14 9.57
CA ALA B 175 -37.10 11.83 9.89
C ALA B 175 -36.48 10.79 9.05
N LEU B 176 -36.05 9.69 9.68
CA LEU B 176 -35.42 8.57 9.01
C LEU B 176 -35.90 7.28 9.61
N GLU B 177 -36.58 6.46 8.78
CA GLU B 177 -37.18 5.16 9.16
C GLU B 177 -38.11 5.30 10.40
N ASP B 178 -39.05 6.27 10.32
CA ASP B 178 -40.07 6.65 11.31
C ASP B 178 -39.52 7.23 12.62
N ARG B 179 -38.25 7.66 12.67
CA ARG B 179 -37.64 8.25 13.87
C ARG B 179 -36.89 9.55 13.58
N LEU B 180 -36.86 10.47 14.56
CA LEU B 180 -36.19 11.76 14.40
C LEU B 180 -34.67 11.56 14.52
N GLU B 181 -33.93 12.29 13.66
CA GLU B 181 -32.47 12.28 13.60
C GLU B 181 -31.96 13.74 13.58
N SER B 182 -31.13 14.13 14.57
CA SER B 182 -30.56 15.47 14.69
C SER B 182 -29.10 15.43 14.21
N LYS B 183 -28.77 16.14 13.11
CA LYS B 183 -27.43 16.15 12.52
C LYS B 183 -26.69 17.52 12.60
N LEU B 184 -25.46 17.51 13.11
CA LEU B 184 -24.61 18.71 13.17
C LEU B 184 -23.44 18.62 12.19
N ASP B 185 -23.05 19.78 11.60
CA ASP B 185 -22.00 19.94 10.60
C ASP B 185 -20.79 20.65 11.17
N TYR B 186 -19.65 19.98 11.13
CA TYR B 186 -18.39 20.55 11.55
C TYR B 186 -17.52 20.77 10.31
N GLN B 187 -17.20 22.04 10.05
CA GLN B 187 -16.46 22.43 8.87
C GLN B 187 -15.02 22.79 9.15
N LEU B 188 -14.14 22.25 8.33
CA LEU B 188 -12.71 22.49 8.37
C LEU B 188 -12.32 23.10 7.01
N ARG B 189 -12.00 24.40 7.00
CA ARG B 189 -11.65 25.14 5.78
C ARG B 189 -10.17 25.20 5.62
N ILE B 190 -9.71 24.78 4.42
CA ILE B 190 -8.29 24.73 4.05
C ILE B 190 -8.11 25.30 2.65
N SER B 191 -6.91 25.85 2.38
CA SER B 191 -6.54 26.41 1.07
C SER B 191 -5.15 25.89 0.73
N ARG B 192 -4.89 25.59 -0.56
CA ARG B 192 -3.61 25.02 -0.95
C ARG B 192 -2.42 26.00 -0.96
N GLN B 193 -1.20 25.44 -0.80
CA GLN B 193 0.09 26.12 -0.82
C GLN B 193 0.86 25.75 -2.12
N TYR B 194 0.43 26.35 -3.23
CA TYR B 194 0.97 26.16 -4.57
C TYR B 194 2.50 26.16 -4.69
N PHE B 195 3.08 27.34 -4.48
CA PHE B 195 4.26 28.00 -4.93
C PHE B 195 5.38 27.05 -5.36
N SER B 196 5.70 25.95 -4.69
CA SER B 196 6.69 25.05 -5.29
C SER B 196 6.23 24.73 -6.73
N TYR B 197 4.91 24.85 -6.99
CA TYR B 197 4.21 24.54 -8.22
C TYR B 197 4.82 25.13 -9.50
N ILE B 198 5.20 26.40 -9.45
CA ILE B 198 5.77 27.10 -10.62
C ILE B 198 7.14 26.52 -11.00
N PRO B 199 8.15 26.50 -10.12
CA PRO B 199 9.44 25.90 -10.50
C PRO B 199 9.44 24.38 -10.63
N ASN B 200 8.58 23.68 -9.89
CA ASN B 200 8.58 22.21 -9.91
C ASN B 200 7.75 21.63 -11.04
N ILE B 201 6.58 22.23 -11.37
CA ILE B 201 5.71 21.67 -12.40
C ILE B 201 5.60 22.52 -13.71
N ILE B 202 5.21 23.81 -13.62
CA ILE B 202 4.99 24.61 -14.83
C ILE B 202 6.28 24.94 -15.63
N LEU B 203 7.19 25.72 -15.08
CA LEU B 203 8.36 26.10 -15.85
C LEU B 203 9.06 24.94 -16.56
N PRO B 204 9.48 23.77 -15.92
CA PRO B 204 10.21 22.74 -16.69
C PRO B 204 9.39 22.23 -17.85
N MET B 205 8.07 22.05 -17.64
CA MET B 205 7.14 21.63 -18.68
C MET B 205 7.01 22.71 -19.76
N LEU B 206 7.06 23.99 -19.35
CA LEU B 206 6.99 25.14 -20.22
C LEU B 206 8.24 25.28 -21.10
N PHE B 207 9.46 25.07 -20.50
CA PHE B 207 10.72 25.05 -21.23
C PHE B 207 10.63 23.97 -22.33
N ILE B 208 10.27 22.72 -21.97
CA ILE B 208 10.14 21.61 -22.92
C ILE B 208 9.31 22.02 -24.18
N LEU B 209 8.15 22.70 -23.98
CA LEU B 209 7.30 23.17 -25.07
C LEU B 209 7.99 24.26 -25.92
N PHE B 210 8.79 25.15 -25.29
CA PHE B 210 9.50 26.19 -26.05
C PHE B 210 10.60 25.57 -26.96
N ILE B 211 11.29 24.49 -26.45
CA ILE B 211 12.32 23.71 -27.15
C ILE B 211 11.75 23.16 -28.44
N SER B 212 10.46 22.79 -28.43
CA SER B 212 9.77 22.36 -29.63
C SER B 212 9.63 23.52 -30.63
N TRP B 213 9.31 24.74 -30.12
CA TRP B 213 9.15 25.92 -30.97
C TRP B 213 10.43 26.36 -31.68
N THR B 214 11.63 25.92 -31.21
CA THR B 214 12.87 26.29 -31.91
C THR B 214 12.87 25.73 -33.35
N ALA B 215 11.99 24.76 -33.66
CA ALA B 215 11.86 24.20 -35.00
C ALA B 215 11.32 25.23 -36.02
N PHE B 216 10.92 26.42 -35.54
CA PHE B 216 10.46 27.51 -36.39
C PHE B 216 11.63 28.35 -36.92
N TRP B 217 12.85 28.11 -36.41
CA TRP B 217 14.06 28.79 -36.85
C TRP B 217 14.99 27.79 -37.53
N SER B 218 14.40 26.70 -38.09
CA SER B 218 15.13 25.64 -38.77
C SER B 218 14.36 25.17 -39.98
N THR B 219 15.10 24.70 -40.99
CA THR B 219 14.58 24.20 -42.26
C THR B 219 14.82 22.71 -42.42
N SER B 220 15.69 22.10 -41.57
CA SER B 220 16.02 20.67 -41.62
C SER B 220 14.86 19.89 -41.06
N TYR B 221 14.15 19.12 -41.92
CA TYR B 221 12.99 18.30 -41.53
C TYR B 221 13.42 17.23 -40.56
N GLU B 222 14.60 16.61 -40.79
CA GLU B 222 15.14 15.60 -39.89
C GLU B 222 15.34 16.20 -38.51
N ALA B 223 16.00 17.39 -38.40
CA ALA B 223 16.17 18.08 -37.12
C ALA B 223 14.86 18.58 -36.52
N ASN B 224 13.87 18.95 -37.36
CA ASN B 224 12.58 19.45 -36.91
C ASN B 224 11.65 18.35 -36.37
N VAL B 225 11.66 17.16 -37.01
CA VAL B 225 10.91 15.99 -36.59
C VAL B 225 11.45 15.63 -35.21
N THR B 226 12.80 15.55 -35.13
CA THR B 226 13.51 15.26 -33.88
C THR B 226 13.16 16.31 -32.80
N LEU B 227 13.10 17.59 -33.18
CA LEU B 227 12.75 18.63 -32.22
C LEU B 227 11.34 18.47 -31.63
N VAL B 228 10.29 18.59 -32.45
CA VAL B 228 8.91 18.48 -31.95
C VAL B 228 8.58 17.12 -31.37
N VAL B 229 9.03 15.99 -31.96
CA VAL B 229 8.67 14.67 -31.43
C VAL B 229 9.40 14.35 -30.14
N SER B 230 10.71 14.62 -30.09
CA SER B 230 11.50 14.31 -28.90
C SER B 230 11.08 15.11 -27.70
N THR B 231 10.72 16.40 -27.90
CA THR B 231 10.18 17.21 -26.82
C THR B 231 8.82 16.64 -26.37
N LEU B 232 8.02 16.05 -27.30
CA LEU B 232 6.75 15.41 -26.91
C LEU B 232 7.05 14.27 -25.94
N ILE B 233 8.01 13.35 -26.29
CA ILE B 233 8.45 12.25 -25.42
C ILE B 233 8.93 12.83 -24.08
N ALA B 234 9.79 13.88 -24.14
CA ALA B 234 10.32 14.53 -22.95
C ALA B 234 9.21 15.02 -22.03
N HIS B 235 8.16 15.61 -22.65
CA HIS B 235 6.97 16.15 -21.99
C HIS B 235 6.21 15.04 -21.24
N ILE B 236 5.95 13.91 -21.94
CA ILE B 236 5.24 12.76 -21.37
C ILE B 236 6.06 12.18 -20.21
N ALA B 237 7.40 12.00 -20.41
CA ALA B 237 8.31 11.50 -19.37
C ALA B 237 8.28 12.46 -18.18
N PHE B 238 8.33 13.81 -18.44
CA PHE B 238 8.25 14.82 -17.37
C PHE B 238 6.95 14.69 -16.60
N ASN B 239 5.82 14.51 -17.30
CA ASN B 239 4.55 14.34 -16.63
C ASN B 239 4.47 13.04 -15.85
N ILE B 240 5.21 11.99 -16.26
CA ILE B 240 5.28 10.71 -15.54
C ILE B 240 6.01 10.99 -14.23
N LEU B 241 7.06 11.86 -14.28
CA LEU B 241 7.87 12.28 -13.14
C LEU B 241 7.08 13.06 -12.08
N VAL B 242 6.26 14.03 -12.48
CA VAL B 242 5.47 14.81 -11.52
C VAL B 242 4.23 14.06 -10.98
N GLU B 243 3.50 13.42 -11.90
CA GLU B 243 2.19 12.84 -11.74
C GLU B 243 1.67 12.58 -10.30
N THR B 244 0.48 13.18 -10.08
CA THR B 244 -0.40 13.24 -8.90
C THR B 244 -0.68 11.90 -8.19
N ASN B 245 -0.68 10.75 -8.94
CA ASN B 245 -0.92 9.38 -8.45
C ASN B 245 -2.42 9.08 -8.15
N CYS B 246 -3.31 10.07 -8.44
CA CYS B 246 -4.76 9.97 -8.25
C CYS B 246 -5.44 9.53 -9.55
N PRO B 247 -6.48 8.65 -9.48
CA PRO B 247 -7.22 8.30 -10.70
C PRO B 247 -7.85 9.56 -11.26
N LYS B 248 -8.06 9.61 -12.59
CA LYS B 248 -8.62 10.78 -13.26
C LYS B 248 -9.89 11.25 -12.56
N THR B 249 -9.98 12.56 -12.35
CA THR B 249 -11.19 13.15 -11.78
C THR B 249 -12.21 13.12 -12.92
N PRO B 250 -13.46 12.68 -12.65
CA PRO B 250 -14.47 12.60 -13.72
C PRO B 250 -14.71 13.88 -14.50
N TYR B 251 -14.49 15.04 -13.83
CA TYR B 251 -14.63 16.42 -14.31
C TYR B 251 -13.30 17.03 -14.85
N MET B 252 -13.41 18.11 -15.64
CA MET B 252 -12.22 18.76 -16.17
C MET B 252 -11.70 19.80 -15.18
N THR B 253 -10.42 19.63 -14.83
CA THR B 253 -9.64 20.47 -13.94
C THR B 253 -8.96 21.58 -14.75
N TYR B 254 -8.50 22.64 -14.05
CA TYR B 254 -7.79 23.78 -14.66
C TYR B 254 -6.45 23.32 -15.18
N THR B 255 -5.67 22.61 -14.32
CA THR B 255 -4.35 22.09 -14.69
C THR B 255 -4.49 21.10 -15.86
N GLY B 256 -5.52 20.28 -15.79
CA GLY B 256 -5.83 19.29 -16.81
C GLY B 256 -6.13 19.87 -18.17
N ALA B 257 -6.79 21.06 -18.21
CA ALA B 257 -7.14 21.80 -19.42
C ALA B 257 -5.88 22.32 -20.08
N ILE B 258 -4.96 22.95 -19.29
CA ILE B 258 -3.65 23.45 -19.74
C ILE B 258 -2.86 22.30 -20.39
N ILE B 259 -2.77 21.14 -19.67
CA ILE B 259 -2.06 19.94 -20.14
C ILE B 259 -2.66 19.48 -21.44
N PHE B 260 -4.02 19.46 -21.53
CA PHE B 260 -4.66 19.08 -22.78
C PHE B 260 -4.20 20.00 -23.89
N MET B 261 -4.25 21.32 -23.63
CA MET B 261 -3.86 22.32 -24.60
C MET B 261 -2.40 22.16 -25.07
N ILE B 262 -1.52 21.74 -24.13
CA ILE B 262 -0.11 21.47 -24.42
C ILE B 262 0.04 20.32 -25.43
N TYR B 263 -0.75 19.23 -25.24
CA TYR B 263 -0.75 18.09 -26.18
C TYR B 263 -1.19 18.56 -27.58
N LEU B 264 -2.17 19.48 -27.59
CA LEU B 264 -2.70 20.03 -28.83
C LEU B 264 -1.64 20.87 -29.54
N PHE B 265 -0.88 21.67 -28.77
CA PHE B 265 0.20 22.51 -29.29
C PHE B 265 1.33 21.68 -29.93
N TYR B 266 1.61 20.46 -29.36
CA TYR B 266 2.61 19.55 -29.93
C TYR B 266 2.11 19.01 -31.25
N PHE B 267 0.79 18.79 -31.35
CA PHE B 267 0.19 18.29 -32.57
C PHE B 267 0.25 19.32 -33.70
N VAL B 268 -0.21 20.56 -33.41
CA VAL B 268 -0.21 21.68 -34.34
C VAL B 268 1.21 21.98 -34.85
N ALA B 269 2.20 21.97 -33.93
CA ALA B 269 3.63 22.17 -34.23
C ALA B 269 4.13 21.10 -35.21
N VAL B 270 3.64 19.84 -35.09
CA VAL B 270 3.98 18.76 -36.02
C VAL B 270 3.33 19.07 -37.38
N ILE B 271 2.08 19.61 -37.37
CA ILE B 271 1.38 19.97 -38.62
C ILE B 271 2.25 20.97 -39.39
N GLU B 272 2.65 22.07 -38.69
CA GLU B 272 3.50 23.15 -39.21
C GLU B 272 4.74 22.55 -39.85
N VAL B 273 5.54 21.80 -39.07
CA VAL B 273 6.78 21.13 -39.48
C VAL B 273 6.53 20.27 -40.70
N THR B 274 5.41 19.56 -40.72
CA THR B 274 5.08 18.71 -41.86
C THR B 274 4.79 19.57 -43.11
N VAL B 275 3.90 20.59 -42.96
CA VAL B 275 3.50 21.51 -44.00
C VAL B 275 4.69 22.24 -44.59
N GLN B 276 5.51 22.86 -43.73
CA GLN B 276 6.74 23.58 -44.07
C GLN B 276 7.58 22.76 -45.05
N HIS B 277 7.79 21.47 -44.72
CA HIS B 277 8.56 20.53 -45.55
C HIS B 277 7.86 20.22 -46.87
N TYR B 278 6.54 19.92 -46.84
CA TYR B 278 5.81 19.62 -48.07
C TYR B 278 5.81 20.77 -49.06
N LEU B 279 5.65 22.02 -48.59
CA LEU B 279 5.71 23.21 -49.43
C LEU B 279 7.12 23.33 -50.02
N LYS B 280 8.16 23.14 -49.19
CA LYS B 280 9.56 23.20 -49.63
C LYS B 280 9.86 22.12 -50.63
N VAL B 281 9.29 20.91 -50.47
CA VAL B 281 9.49 19.81 -51.41
C VAL B 281 8.67 20.02 -52.69
N GLU B 282 7.50 20.71 -52.60
CA GLU B 282 6.64 21.03 -53.75
C GLU B 282 6.99 22.39 -54.38
N SER B 283 8.30 22.75 -54.30
CA SER B 283 8.91 23.94 -54.85
C SER B 283 8.07 25.21 -54.64
N GLN B 284 7.73 25.51 -53.38
CA GLN B 284 6.99 26.71 -52.99
C GLN B 284 7.68 27.27 -51.74
N PRO B 285 9.00 27.59 -51.81
CA PRO B 285 9.70 28.02 -50.58
C PRO B 285 9.35 29.42 -50.10
N ALA B 286 8.40 30.07 -50.77
CA ALA B 286 7.90 31.39 -50.41
C ALA B 286 6.89 31.22 -49.28
N ARG B 287 5.94 30.27 -49.47
CA ARG B 287 4.89 29.90 -48.52
C ARG B 287 5.46 29.13 -47.35
N ALA B 288 6.39 28.21 -47.64
CA ALA B 288 7.08 27.39 -46.65
C ALA B 288 7.72 28.29 -45.60
N ALA B 289 8.64 29.19 -46.03
CA ALA B 289 9.34 30.13 -45.15
C ALA B 289 8.42 31.15 -44.48
N SER B 290 7.32 31.57 -45.15
CA SER B 290 6.40 32.55 -44.56
C SER B 290 5.64 32.01 -43.33
N ILE B 291 5.14 30.75 -43.42
CA ILE B 291 4.42 30.03 -42.36
C ILE B 291 5.32 29.88 -41.14
N THR B 292 6.56 29.39 -41.36
CA THR B 292 7.58 29.18 -40.33
C THR B 292 7.85 30.50 -39.63
N ARG B 293 8.01 31.59 -40.40
CA ARG B 293 8.22 32.92 -39.85
C ARG B 293 7.02 33.42 -39.01
N ALA B 294 5.79 33.13 -39.47
CA ALA B 294 4.55 33.50 -38.79
C ALA B 294 4.47 32.80 -37.43
N SER B 295 4.61 31.47 -37.48
CA SER B 295 4.58 30.57 -36.33
C SER B 295 5.48 31.06 -35.19
N ARG B 296 6.67 31.61 -35.54
CA ARG B 296 7.66 32.16 -34.60
C ARG B 296 7.03 33.11 -33.56
N ILE B 297 5.93 33.80 -33.99
CA ILE B 297 5.16 34.74 -33.19
C ILE B 297 3.79 34.13 -32.84
N ALA B 298 3.14 33.48 -33.83
CA ALA B 298 1.81 32.85 -33.70
C ALA B 298 1.71 31.88 -32.51
N PHE B 299 2.64 30.91 -32.46
CA PHE B 299 2.68 29.90 -31.40
C PHE B 299 2.81 30.53 -30.01
N PRO B 300 3.85 31.35 -29.70
CA PRO B 300 3.91 31.97 -28.35
C PRO B 300 2.68 32.81 -27.97
N VAL B 301 2.17 33.64 -28.93
CA VAL B 301 1.02 34.53 -28.75
C VAL B 301 -0.26 33.75 -28.49
N VAL B 302 -0.66 32.83 -29.39
CA VAL B 302 -1.87 32.02 -29.23
C VAL B 302 -1.82 31.26 -27.92
N PHE B 303 -0.66 30.67 -27.56
CA PHE B 303 -0.50 29.97 -26.28
C PHE B 303 -0.82 30.90 -25.11
N LEU B 304 -0.16 32.08 -25.07
CA LEU B 304 -0.34 33.13 -24.05
C LEU B 304 -1.81 33.56 -23.91
N LEU B 305 -2.52 33.73 -25.04
CA LEU B 305 -3.92 34.12 -25.02
C LEU B 305 -4.82 32.97 -24.56
N ALA B 306 -4.59 31.75 -25.10
CA ALA B 306 -5.35 30.56 -24.74
C ALA B 306 -5.24 30.25 -23.24
N ASN B 307 -4.09 30.54 -22.62
CA ASN B 307 -3.93 30.35 -21.19
C ASN B 307 -4.68 31.41 -20.42
N ILE B 308 -4.69 32.66 -20.95
CA ILE B 308 -5.42 33.78 -20.36
C ILE B 308 -6.91 33.45 -20.39
N ILE B 309 -7.41 32.94 -21.53
CA ILE B 309 -8.79 32.51 -21.68
C ILE B 309 -9.14 31.49 -20.58
N LEU B 310 -8.31 30.42 -20.41
CA LEU B 310 -8.51 29.37 -19.39
C LEU B 310 -8.47 29.89 -17.97
N ALA B 311 -7.42 30.66 -17.62
CA ALA B 311 -7.26 31.22 -16.29
C ALA B 311 -8.55 31.98 -15.93
N PHE B 312 -9.02 32.85 -16.85
CA PHE B 312 -10.24 33.62 -16.69
C PHE B 312 -11.45 32.72 -16.55
N LEU B 313 -11.56 31.73 -17.45
CA LEU B 313 -12.61 30.71 -17.53
C LEU B 313 -12.78 29.92 -16.22
N PHE B 314 -11.66 29.57 -15.54
CA PHE B 314 -11.68 28.78 -14.31
C PHE B 314 -11.71 29.61 -13.03
N PHE B 315 -11.23 30.86 -13.09
CA PHE B 315 -11.18 31.75 -11.93
C PHE B 315 -11.85 33.10 -12.20
N VAL C 5 -9.94 4.60 41.03
CA VAL C 5 -10.62 5.00 42.26
C VAL C 5 -10.90 6.53 42.24
N SER C 6 -10.07 7.37 42.89
CA SER C 6 -10.22 8.83 42.92
C SER C 6 -8.85 9.46 43.19
N PRO C 7 -8.50 10.63 42.61
CA PRO C 7 -7.15 11.18 42.83
C PRO C 7 -6.73 11.35 44.29
N PRO C 8 -5.42 11.23 44.63
CA PRO C 8 -5.00 11.43 46.03
C PRO C 8 -5.28 12.87 46.48
N PRO C 9 -5.68 13.12 47.74
CA PRO C 9 -5.95 14.50 48.16
C PRO C 9 -4.68 15.31 48.40
N PRO C 10 -4.71 16.65 48.14
CA PRO C 10 -3.50 17.45 48.36
C PRO C 10 -3.22 17.72 49.84
N ILE C 11 -1.93 17.70 50.25
CA ILE C 11 -1.50 18.00 51.63
C ILE C 11 -1.99 19.40 51.99
N ALA C 12 -1.71 20.36 51.10
CA ALA C 12 -2.11 21.76 51.09
C ALA C 12 -2.72 21.88 49.70
N ASP C 13 -2.72 23.07 49.11
CA ASP C 13 -3.30 23.40 47.82
C ASP C 13 -2.32 23.17 46.63
N GLU C 14 -1.41 22.19 46.76
CA GLU C 14 -0.42 21.89 45.74
C GLU C 14 -0.96 20.95 44.63
N PRO C 15 -0.45 21.03 43.37
CA PRO C 15 -0.94 20.11 42.34
C PRO C 15 -0.17 18.78 42.37
N LEU C 16 -0.76 17.69 41.79
CA LEU C 16 -0.09 16.38 41.77
C LEU C 16 0.95 16.33 40.69
N THR C 17 2.21 16.11 41.08
CA THR C 17 3.31 16.05 40.11
C THR C 17 3.59 14.61 39.71
N VAL C 18 3.40 14.33 38.40
CA VAL C 18 3.64 13.03 37.79
C VAL C 18 4.98 13.08 37.05
N ASN C 19 5.94 12.30 37.56
CA ASN C 19 7.28 12.16 37.02
C ASN C 19 7.25 11.10 35.95
N THR C 20 7.57 11.53 34.73
CA THR C 20 7.41 10.74 33.51
C THR C 20 8.69 10.44 32.77
N GLY C 21 8.85 9.22 32.31
CA GLY C 21 10.02 8.92 31.47
C GLY C 21 9.95 7.62 30.71
N ILE C 22 10.59 7.55 29.57
CA ILE C 22 10.62 6.30 28.79
C ILE C 22 11.86 6.12 28.01
N TYR C 23 12.37 4.89 27.95
CA TYR C 23 13.53 4.62 27.17
C TYR C 23 13.10 3.94 25.89
N LEU C 24 13.43 4.55 24.73
CA LEU C 24 13.21 3.97 23.40
C LEU C 24 13.88 2.61 23.32
N ILE C 25 13.09 1.62 22.97
CA ILE C 25 13.50 0.24 22.82
C ILE C 25 13.82 -0.02 21.35
N GLU C 26 12.86 0.30 20.46
CA GLU C 26 12.97 0.17 19.01
C GLU C 26 12.36 1.41 18.35
N SER C 27 12.95 1.80 17.21
CA SER C 27 12.48 2.91 16.39
C SER C 27 12.55 2.37 15.00
N TYR C 28 11.45 2.51 14.25
CA TYR C 28 11.36 1.97 12.90
C TYR C 28 10.33 2.75 12.11
N SER C 29 10.17 2.35 10.84
CA SER C 29 9.22 2.87 9.87
C SER C 29 9.14 4.42 9.85
N LEU C 30 10.29 5.07 9.60
CA LEU C 30 10.26 6.53 9.46
C LEU C 30 9.82 6.85 8.00
N ASP C 31 8.55 7.22 7.84
CA ASP C 31 7.95 7.57 6.56
C ASP C 31 8.15 9.06 6.29
N ASP C 32 9.13 9.39 5.44
CA ASP C 32 9.42 10.78 5.11
C ASP C 32 8.19 11.46 4.49
N CYS C 33 7.42 10.71 3.66
CA CYS C 33 6.22 11.17 2.95
C CYS C 33 5.11 11.51 3.93
N ALA C 34 4.78 10.57 4.83
CA ALA C 34 3.70 10.74 5.81
C ALA C 34 4.08 11.54 7.06
N GLU C 35 5.39 11.85 7.23
CA GLU C 35 5.95 12.56 8.39
C GLU C 35 5.61 11.82 9.69
N THR C 36 5.75 10.49 9.65
CA THR C 36 5.48 9.61 10.77
C THR C 36 6.67 8.70 11.02
N PHE C 37 6.70 8.10 12.20
CA PHE C 37 7.74 7.17 12.64
C PHE C 37 7.15 6.31 13.74
N LYS C 38 7.36 4.99 13.63
CA LYS C 38 6.86 4.07 14.64
C LYS C 38 7.92 3.87 15.70
N VAL C 39 7.51 3.97 16.95
CA VAL C 39 8.39 3.84 18.09
C VAL C 39 7.81 2.83 19.05
N ASN C 40 8.68 1.97 19.55
CA ASN C 40 8.39 0.90 20.50
C ASN C 40 9.21 1.26 21.74
N ALA C 41 8.55 1.66 22.85
CA ALA C 41 9.23 2.16 24.06
C ALA C 41 8.55 1.85 25.40
N PHE C 42 9.25 2.22 26.52
CA PHE C 42 8.80 2.06 27.93
C PHE C 42 8.22 3.35 28.34
N LEU C 43 7.22 3.40 29.22
CA LEU C 43 6.69 4.63 29.77
C LEU C 43 6.69 4.50 31.27
N SER C 44 7.46 5.33 31.94
CA SER C 44 7.58 5.28 33.39
C SER C 44 6.87 6.45 34.03
N LEU C 45 5.86 6.15 34.83
CA LEU C 45 5.09 7.18 35.53
C LEU C 45 5.24 7.08 37.04
N SER C 46 5.35 8.23 37.72
CA SER C 46 5.51 8.24 39.17
C SER C 46 4.84 9.41 39.86
N TRP C 47 4.10 9.11 40.94
CA TRP C 47 3.35 10.07 41.72
C TRP C 47 3.22 9.55 43.14
N LYS C 48 2.87 10.40 44.12
CA LYS C 48 2.68 9.96 45.50
C LYS C 48 1.23 9.98 45.92
N ASP C 49 0.76 8.81 46.30
CA ASP C 49 -0.60 8.56 46.76
C ASP C 49 -0.50 8.03 48.20
N ARG C 50 -0.53 8.99 49.16
CA ARG C 50 -0.40 8.72 50.60
C ARG C 50 -1.49 7.80 51.12
N ARG C 51 -2.59 7.66 50.34
CA ARG C 51 -3.71 6.76 50.67
C ARG C 51 -3.22 5.30 50.58
N LEU C 52 -2.16 5.09 49.77
CA LEU C 52 -1.54 3.80 49.51
C LEU C 52 -0.29 3.58 50.36
N ALA C 53 0.09 4.62 51.16
CA ALA C 53 1.24 4.59 52.06
C ALA C 53 1.08 3.51 53.11
N PHE C 54 2.18 2.82 53.41
CA PHE C 54 2.23 1.74 54.41
C PHE C 54 3.44 1.82 55.33
N ASP C 55 3.40 1.10 56.45
CA ASP C 55 4.54 1.03 57.35
C ASP C 55 5.30 -0.23 56.95
N PRO C 56 6.59 -0.09 56.53
CA PRO C 56 7.38 -1.29 56.13
C PRO C 56 7.66 -2.28 57.26
N VAL C 57 7.55 -1.81 58.52
CA VAL C 57 7.73 -2.54 59.77
C VAL C 57 6.51 -3.44 60.00
N ARG C 58 5.30 -2.82 60.05
CA ARG C 58 4.02 -3.50 60.23
C ARG C 58 3.71 -4.44 59.07
N SER C 59 3.93 -4.00 57.82
CA SER C 59 3.67 -4.77 56.61
C SER C 59 4.69 -5.88 56.38
N GLY C 60 5.93 -5.64 56.81
CA GLY C 60 7.04 -6.58 56.67
C GLY C 60 7.53 -6.72 55.24
N VAL C 61 7.11 -5.77 54.36
CA VAL C 61 7.46 -5.72 52.94
C VAL C 61 8.02 -4.35 52.56
N ARG C 62 9.02 -4.34 51.67
CA ARG C 62 9.68 -3.12 51.22
C ARG C 62 8.81 -2.28 50.28
N VAL C 63 8.26 -2.92 49.22
CA VAL C 63 7.39 -2.31 48.22
C VAL C 63 6.29 -3.32 47.85
N LYS C 64 5.03 -2.84 47.76
CA LYS C 64 3.84 -3.63 47.40
C LYS C 64 3.49 -3.47 45.92
N THR C 65 3.17 -4.60 45.24
CA THR C 65 2.79 -4.62 43.82
C THR C 65 1.27 -4.64 43.68
N TYR C 66 0.72 -3.72 42.87
CA TYR C 66 -0.71 -3.57 42.62
C TYR C 66 -1.10 -3.82 41.16
N GLU C 67 -2.39 -4.12 40.93
CA GLU C 67 -2.97 -4.28 39.60
C GLU C 67 -3.54 -2.94 39.16
N PRO C 68 -3.47 -2.58 37.86
CA PRO C 68 -3.95 -1.24 37.44
C PRO C 68 -5.35 -0.83 37.90
N GLU C 69 -6.23 -1.84 37.99
CA GLU C 69 -7.63 -1.70 38.40
C GLU C 69 -7.72 -1.27 39.87
N ALA C 70 -6.88 -1.90 40.74
CA ALA C 70 -6.81 -1.70 42.19
C ALA C 70 -6.56 -0.24 42.64
N ILE C 71 -5.58 0.44 42.02
CA ILE C 71 -5.19 1.80 42.38
C ILE C 71 -5.59 2.86 41.33
N TRP C 72 -5.45 4.16 41.73
CA TRP C 72 -5.72 5.30 40.85
C TRP C 72 -4.47 5.59 40.05
N ILE C 73 -4.58 5.61 38.71
CA ILE C 73 -3.48 5.89 37.78
C ILE C 73 -3.86 7.13 36.94
N PRO C 74 -2.97 8.14 36.79
CA PRO C 74 -3.34 9.32 35.99
C PRO C 74 -3.55 9.00 34.50
N GLU C 75 -4.51 9.72 33.88
CA GLU C 75 -4.81 9.52 32.48
C GLU C 75 -3.78 10.25 31.62
N ILE C 76 -2.65 9.57 31.34
CA ILE C 76 -1.60 10.14 30.48
C ILE C 76 -1.91 9.71 29.06
N ARG C 77 -1.87 10.66 28.14
CA ARG C 77 -2.14 10.40 26.74
C ARG C 77 -1.04 11.06 25.92
N PHE C 78 -0.87 10.64 24.67
CA PHE C 78 0.08 11.24 23.73
C PHE C 78 -0.69 12.17 22.82
N VAL C 79 -0.12 13.32 22.48
CA VAL C 79 -0.79 14.32 21.66
C VAL C 79 -0.67 13.99 20.20
N ASN C 80 0.55 13.70 19.74
CA ASN C 80 0.72 13.51 18.31
C ASN C 80 0.86 12.05 17.90
N VAL C 81 -0.11 11.20 18.26
CA VAL C 81 -0.07 9.82 17.77
C VAL C 81 -1.25 9.53 16.84
N GLU C 82 -1.00 8.76 15.72
CA GLU C 82 -1.98 8.39 14.68
C GLU C 82 -3.09 7.61 15.35
N ASN C 83 -2.79 6.38 15.81
CA ASN C 83 -3.78 5.60 16.55
C ASN C 83 -3.25 5.31 17.93
N ALA C 84 -4.11 5.57 18.97
CA ALA C 84 -3.85 5.41 20.40
C ALA C 84 -2.91 4.25 20.73
N ARG C 85 -1.84 4.55 21.52
CA ARG C 85 -0.75 3.65 21.91
C ARG C 85 -1.19 2.26 22.33
N ASP C 86 -0.41 1.26 21.90
CA ASP C 86 -0.64 -0.13 22.23
C ASP C 86 0.06 -0.36 23.56
N ALA C 87 -0.69 -0.08 24.65
CA ALA C 87 -0.24 -0.13 26.04
C ALA C 87 -0.30 -1.51 26.65
N ASP C 88 0.75 -1.86 27.40
CA ASP C 88 0.87 -3.11 28.14
C ASP C 88 1.55 -2.76 29.46
N VAL C 89 0.84 -2.88 30.60
CA VAL C 89 1.44 -2.56 31.91
C VAL C 89 2.42 -3.66 32.31
N VAL C 90 3.68 -3.28 32.54
CA VAL C 90 4.77 -4.17 32.91
C VAL C 90 4.79 -4.36 34.42
N ASP C 91 4.70 -3.24 35.19
CA ASP C 91 4.74 -3.25 36.66
C ASP C 91 4.23 -1.98 37.33
N ILE C 92 3.54 -2.16 38.48
CA ILE C 92 3.07 -1.09 39.35
C ILE C 92 3.62 -1.39 40.75
N SER C 93 4.49 -0.50 41.27
CA SER C 93 5.14 -0.67 42.56
C SER C 93 4.95 0.52 43.49
N VAL C 94 4.29 0.29 44.65
CA VAL C 94 4.06 1.34 45.65
C VAL C 94 5.03 1.20 46.84
N SER C 95 5.85 2.27 47.06
CA SER C 95 6.83 2.36 48.14
C SER C 95 6.13 2.75 49.48
N PRO C 96 6.75 2.47 50.68
CA PRO C 96 6.07 2.76 51.94
C PRO C 96 5.51 4.14 52.06
N ASP C 97 6.18 5.16 51.52
CA ASP C 97 5.68 6.54 51.63
C ASP C 97 4.43 6.82 50.80
N GLY C 98 4.15 5.91 49.86
CA GLY C 98 3.00 5.97 48.96
C GLY C 98 3.37 6.38 47.54
N THR C 99 4.66 6.41 47.22
CA THR C 99 5.14 6.76 45.88
C THR C 99 4.92 5.58 44.92
N VAL C 100 4.05 5.79 43.92
CA VAL C 100 3.73 4.80 42.90
C VAL C 100 4.76 4.85 41.79
N GLN C 101 5.25 3.67 41.37
CA GLN C 101 6.21 3.48 40.30
C GLN C 101 5.56 2.61 39.22
N TYR C 102 4.95 3.29 38.24
CA TYR C 102 4.25 2.69 37.11
C TYR C 102 5.18 2.57 35.91
N LEU C 103 5.09 1.44 35.19
CA LEU C 103 5.90 1.20 33.99
C LEU C 103 5.15 0.35 33.01
N GLU C 104 4.94 0.89 31.82
CA GLU C 104 4.25 0.20 30.74
C GLU C 104 5.12 0.16 29.49
N ARG C 105 4.87 -0.81 28.63
CA ARG C 105 5.57 -0.89 27.36
C ARG C 105 4.56 -0.52 26.26
N PHE C 106 4.89 0.48 25.42
CA PHE C 106 3.96 0.92 24.37
C PHE C 106 4.61 0.99 23.01
N SER C 107 3.78 1.04 21.97
CA SER C 107 4.23 1.23 20.60
C SER C 107 3.23 2.12 19.88
N ALA C 108 3.72 3.20 19.23
CA ALA C 108 2.86 4.14 18.52
C ALA C 108 3.51 4.84 17.33
N ARG C 109 2.72 5.05 16.24
CA ARG C 109 3.11 5.76 15.02
C ARG C 109 2.89 7.24 15.34
N VAL C 110 3.99 7.99 15.40
CA VAL C 110 3.99 9.38 15.84
C VAL C 110 4.04 10.32 14.68
N LEU C 111 3.10 11.27 14.63
CA LEU C 111 3.06 12.30 13.60
C LEU C 111 4.00 13.47 13.99
N SER C 112 5.08 13.66 13.22
CA SER C 112 6.02 14.74 13.50
C SER C 112 6.51 15.34 12.18
N PRO C 113 6.26 16.64 11.94
CA PRO C 113 6.69 17.25 10.66
C PRO C 113 8.20 17.18 10.40
N LEU C 114 8.57 17.20 9.10
CA LEU C 114 9.96 17.18 8.66
C LEU C 114 10.24 18.34 7.71
N ASP C 115 11.44 18.94 7.82
CA ASP C 115 11.86 20.08 7.02
C ASP C 115 12.92 19.62 6.04
N PHE C 116 12.52 19.49 4.76
CA PHE C 116 13.40 18.98 3.70
C PHE C 116 14.12 20.08 2.98
N ARG C 117 14.06 21.32 3.48
CA ARG C 117 14.75 22.44 2.84
C ARG C 117 16.25 22.16 2.63
N ARG C 118 16.92 21.54 3.64
CA ARG C 118 18.35 21.24 3.53
C ARG C 118 18.69 19.80 3.12
N TYR C 119 17.70 19.08 2.55
CA TYR C 119 17.87 17.70 2.10
C TYR C 119 18.90 17.63 0.99
N PRO C 120 19.79 16.59 0.93
CA PRO C 120 19.93 15.40 1.80
C PRO C 120 20.93 15.57 2.95
N PHE C 121 21.20 16.82 3.33
CA PHE C 121 22.12 17.15 4.41
C PHE C 121 21.35 17.52 5.68
N ASP C 122 20.01 17.43 5.58
CA ASP C 122 19.03 17.74 6.61
C ASP C 122 19.18 16.93 7.87
N SER C 123 18.82 17.59 8.98
CA SER C 123 18.72 17.01 10.30
C SER C 123 17.32 17.30 10.81
N GLN C 124 16.77 16.36 11.57
CA GLN C 124 15.41 16.43 12.04
C GLN C 124 15.27 16.26 13.55
N THR C 125 14.25 16.93 14.14
CA THR C 125 13.87 16.82 15.54
C THR C 125 12.47 16.28 15.58
N LEU C 126 12.36 15.03 16.03
CA LEU C 126 11.13 14.26 16.13
C LEU C 126 10.50 14.45 17.51
N HIS C 127 9.22 14.86 17.54
CA HIS C 127 8.51 15.13 18.77
C HIS C 127 7.57 14.05 19.17
N ILE C 128 7.42 13.86 20.47
CA ILE C 128 6.54 12.91 21.13
C ILE C 128 5.95 13.74 22.25
N TYR C 129 4.69 14.07 22.16
CA TYR C 129 4.12 14.92 23.19
C TYR C 129 3.29 14.15 24.19
N LEU C 130 3.63 14.29 25.50
CA LEU C 130 2.89 13.71 26.63
C LEU C 130 1.93 14.74 27.19
N ILE C 131 0.72 14.34 27.55
CA ILE C 131 -0.24 15.27 28.09
C ILE C 131 -1.07 14.65 29.19
N VAL C 132 -1.58 15.49 30.12
CA VAL C 132 -2.45 15.07 31.22
C VAL C 132 -3.47 16.19 31.51
N ARG C 133 -4.75 15.79 31.53
CA ARG C 133 -5.84 16.73 31.82
C ARG C 133 -6.18 16.70 33.30
N SER C 134 -6.08 17.88 33.94
CA SER C 134 -6.35 18.07 35.36
C SER C 134 -7.82 17.85 35.68
N VAL C 135 -8.08 17.10 36.77
CA VAL C 135 -9.41 16.73 37.25
C VAL C 135 -10.07 17.81 38.12
N ASP C 136 -11.33 17.56 38.56
CA ASP C 136 -12.04 18.52 39.39
C ASP C 136 -11.46 18.60 40.80
N THR C 137 -11.21 17.42 41.41
CA THR C 137 -10.64 17.22 42.74
C THR C 137 -9.32 17.97 42.89
N ARG C 138 -8.38 17.79 41.93
CA ARG C 138 -7.09 18.48 41.96
C ARG C 138 -6.43 18.62 40.59
N ASN C 139 -5.45 19.54 40.49
CA ASN C 139 -4.69 19.80 39.27
C ASN C 139 -3.49 18.90 39.14
N ILE C 140 -3.27 18.37 37.93
CA ILE C 140 -2.14 17.48 37.64
C ILE C 140 -1.16 18.20 36.73
N VAL C 141 0.13 18.12 37.11
CA VAL C 141 1.25 18.70 36.40
C VAL C 141 2.33 17.62 36.20
N LEU C 142 2.85 17.53 34.95
CA LEU C 142 3.88 16.59 34.51
C LEU C 142 5.30 17.11 34.80
N ALA C 143 6.21 16.19 35.14
CA ALA C 143 7.60 16.46 35.41
C ALA C 143 8.43 15.44 34.67
N VAL C 144 9.72 15.74 34.42
CA VAL C 144 10.62 14.77 33.76
C VAL C 144 11.60 14.17 34.79
N ASP C 145 11.67 12.83 34.85
CA ASP C 145 12.65 12.12 35.66
C ASP C 145 13.78 11.75 34.70
N LEU C 146 14.80 12.63 34.61
CA LEU C 146 15.91 12.48 33.69
C LEU C 146 16.66 11.14 33.78
N GLU C 147 16.50 10.42 34.91
CA GLU C 147 17.13 9.11 35.07
C GLU C 147 16.41 8.04 34.25
N LYS C 148 15.10 8.25 34.01
CA LYS C 148 14.23 7.31 33.29
C LYS C 148 13.90 7.71 31.81
N VAL C 149 14.67 8.69 31.26
CA VAL C 149 14.56 9.16 29.87
C VAL C 149 15.82 8.69 29.17
N GLY C 150 15.67 7.88 28.12
CA GLY C 150 16.79 7.38 27.35
C GLY C 150 16.44 6.74 26.02
N LYS C 151 17.46 6.18 25.32
CA LYS C 151 17.27 5.36 24.08
C LYS C 151 18.30 4.18 23.97
N ASN C 152 17.82 2.94 23.50
CA ASN C 152 18.62 1.72 23.47
C ASN C 152 19.87 2.00 22.70
N ASP C 153 20.96 1.24 22.91
CA ASP C 153 22.12 1.50 22.06
C ASP C 153 21.88 0.91 20.67
N ASP C 154 21.06 -0.15 20.57
CA ASP C 154 20.64 -0.85 19.35
C ASP C 154 19.65 -0.03 18.51
N VAL C 155 19.01 1.02 19.10
CA VAL C 155 18.02 1.89 18.44
C VAL C 155 18.61 2.48 17.16
N PHE C 156 17.97 2.13 16.03
CA PHE C 156 18.43 2.54 14.71
C PHE C 156 17.33 3.02 13.78
N LEU C 157 17.71 3.83 12.81
CA LEU C 157 16.88 4.30 11.72
C LEU C 157 17.81 4.22 10.54
N THR C 158 17.44 3.38 9.56
CA THR C 158 18.31 3.15 8.39
C THR C 158 18.43 4.46 7.65
N GLY C 159 19.68 4.87 7.39
CA GLY C 159 20.01 6.12 6.71
C GLY C 159 19.99 7.36 7.59
N TRP C 160 19.94 7.18 8.92
CA TRP C 160 19.96 8.29 9.86
C TRP C 160 20.92 8.02 11.00
N ASP C 161 21.52 9.10 11.52
CA ASP C 161 22.39 9.05 12.67
C ASP C 161 21.51 9.55 13.78
N ILE C 162 21.23 8.67 14.76
CA ILE C 162 20.39 8.97 15.91
C ILE C 162 21.32 9.68 16.91
N GLU C 163 21.20 11.03 16.98
CA GLU C 163 22.04 11.90 17.80
C GLU C 163 21.70 11.86 19.29
N SER C 164 20.49 12.35 19.66
CA SER C 164 20.10 12.46 21.05
C SER C 164 18.62 12.29 21.28
N PHE C 165 18.26 11.61 22.38
CA PHE C 165 16.87 11.56 22.84
C PHE C 165 16.86 12.28 24.21
N THR C 166 16.35 13.52 24.20
CA THR C 166 16.27 14.45 25.33
C THR C 166 14.81 14.76 25.61
N ALA C 167 14.50 15.55 26.65
CA ALA C 167 13.12 15.96 26.98
C ALA C 167 13.11 17.34 27.60
N VAL C 168 12.25 18.24 27.09
CA VAL C 168 12.07 19.60 27.61
C VAL C 168 11.43 19.46 29.03
N VAL C 169 12.30 19.52 30.06
CA VAL C 169 12.04 19.36 31.49
C VAL C 169 10.89 20.22 32.02
N LYS C 170 10.74 21.47 31.52
CA LYS C 170 9.67 22.38 31.93
C LYS C 170 8.40 22.15 31.09
N PRO C 171 7.31 21.63 31.69
CA PRO C 171 6.07 21.40 30.91
C PRO C 171 5.40 22.68 30.48
N ALA C 172 4.55 22.56 29.43
CA ALA C 172 3.79 23.68 28.90
C ALA C 172 2.41 23.52 29.46
N ASN C 173 2.16 24.17 30.59
CA ASN C 173 0.86 24.13 31.25
C ASN C 173 0.00 25.21 30.64
N PHE C 174 -1.25 24.86 30.28
CA PHE C 174 -2.21 25.74 29.62
C PHE C 174 -3.65 25.33 29.91
N ALA C 175 -4.59 26.21 29.58
CA ALA C 175 -6.00 25.97 29.82
C ALA C 175 -6.69 25.57 28.56
N LEU C 176 -7.45 24.47 28.65
CA LEU C 176 -8.19 23.93 27.52
C LEU C 176 -9.55 23.47 27.97
N GLU C 177 -10.61 24.13 27.43
CA GLU C 177 -12.02 23.87 27.73
C GLU C 177 -12.29 23.93 29.27
N ASP C 178 -11.84 25.06 29.88
CA ASP C 178 -11.95 25.40 31.31
C ASP C 178 -11.17 24.47 32.28
N ARG C 179 -10.21 23.68 31.78
CA ARG C 179 -9.38 22.80 32.62
C ARG C 179 -7.89 22.94 32.32
N LEU C 180 -7.03 22.70 33.32
CA LEU C 180 -5.59 22.78 33.14
C LEU C 180 -5.06 21.53 32.42
N GLU C 181 -4.10 21.76 31.50
CA GLU C 181 -3.43 20.72 30.75
C GLU C 181 -1.90 20.92 30.82
N SER C 182 -1.15 19.86 31.24
CA SER C 182 0.32 19.87 31.36
C SER C 182 0.94 19.03 30.24
N LYS C 183 1.69 19.66 29.32
CA LYS C 183 2.30 18.98 28.16
C LYS C 183 3.86 18.94 28.19
N LEU C 184 4.45 17.72 28.06
CA LEU C 184 5.91 17.51 27.98
C LEU C 184 6.34 17.14 26.55
N ASP C 185 7.43 17.78 26.08
CA ASP C 185 7.97 17.56 24.74
C ASP C 185 9.22 16.66 24.76
N TYR C 186 9.13 15.49 24.16
CA TYR C 186 10.29 14.61 24.11
C TYR C 186 10.83 14.67 22.72
N GLN C 187 12.10 15.02 22.60
CA GLN C 187 12.71 15.18 21.30
C GLN C 187 13.72 14.12 20.92
N LEU C 188 13.60 13.61 19.68
CA LEU C 188 14.49 12.63 19.06
C LEU C 188 15.19 13.33 17.91
N ARG C 189 16.51 13.62 18.06
CA ARG C 189 17.32 14.31 17.06
C ARG C 189 18.07 13.33 16.19
N ILE C 190 17.89 13.49 14.88
CA ILE C 190 18.49 12.63 13.87
C ILE C 190 19.11 13.46 12.77
N SER C 191 20.18 12.96 12.16
CA SER C 191 20.86 13.60 11.04
C SER C 191 20.92 12.62 9.86
N ARG C 192 20.76 13.12 8.62
CA ARG C 192 20.73 12.22 7.47
C ARG C 192 22.13 11.72 7.06
N GLN C 193 22.21 10.41 6.67
CA GLN C 193 23.39 9.70 6.17
C GLN C 193 23.44 9.81 4.62
N TYR C 194 23.81 10.99 4.10
CA TYR C 194 23.88 11.31 2.69
C TYR C 194 25.10 10.74 1.89
N PHE C 195 25.84 9.72 2.37
CA PHE C 195 26.99 9.32 1.57
C PHE C 195 26.64 8.80 0.18
N SER C 196 25.83 7.74 0.10
CA SER C 196 25.50 7.15 -1.20
C SER C 196 24.86 8.15 -2.19
N TYR C 197 24.53 9.40 -1.75
CA TYR C 197 23.87 10.42 -2.58
C TYR C 197 24.66 10.94 -3.70
N ILE C 198 25.99 11.05 -3.52
CA ILE C 198 26.90 11.55 -4.56
C ILE C 198 27.01 10.51 -5.71
N PRO C 199 27.45 9.24 -5.45
CA PRO C 199 27.53 8.27 -6.55
C PRO C 199 26.17 7.80 -7.09
N ASN C 200 25.15 7.73 -6.24
CA ASN C 200 23.85 7.22 -6.68
C ASN C 200 22.95 8.26 -7.34
N ILE C 201 22.93 9.53 -6.83
CA ILE C 201 22.05 10.54 -7.40
C ILE C 201 22.77 11.70 -8.13
N ILE C 202 23.76 12.37 -7.52
CA ILE C 202 24.38 13.60 -8.05
C ILE C 202 25.36 13.39 -9.24
N LEU C 203 26.22 12.36 -9.21
CA LEU C 203 27.20 12.21 -10.30
C LEU C 203 26.56 11.67 -11.60
N PRO C 204 25.70 10.62 -11.59
CA PRO C 204 25.12 10.18 -12.86
C PRO C 204 24.29 11.30 -13.47
N MET C 205 23.55 12.05 -12.64
CA MET C 205 22.75 13.18 -13.12
C MET C 205 23.56 14.25 -13.79
N LEU C 206 24.76 14.53 -13.24
CA LEU C 206 25.71 15.52 -13.75
C LEU C 206 26.42 15.06 -15.01
N PHE C 207 26.82 13.74 -15.11
CA PHE C 207 27.43 13.16 -16.31
C PHE C 207 26.50 13.40 -17.48
N ILE C 208 25.21 13.12 -17.28
CA ILE C 208 24.11 13.35 -18.22
C ILE C 208 24.14 14.85 -18.67
N LEU C 209 24.16 15.81 -17.72
CA LEU C 209 24.25 17.23 -18.01
C LEU C 209 25.47 17.54 -18.88
N PHE C 210 26.65 17.03 -18.50
CA PHE C 210 27.90 17.28 -19.25
C PHE C 210 27.82 16.74 -20.65
N ILE C 211 27.16 15.58 -20.86
CA ILE C 211 26.99 15.01 -22.19
C ILE C 211 26.31 16.04 -23.09
N SER C 212 25.39 16.84 -22.52
CA SER C 212 24.71 17.89 -23.28
C SER C 212 25.71 18.97 -23.70
N TRP C 213 26.65 19.32 -22.80
CA TRP C 213 27.66 20.36 -23.05
C TRP C 213 28.67 20.00 -24.15
N THR C 214 28.75 18.72 -24.56
CA THR C 214 29.65 18.33 -25.66
C THR C 214 29.19 18.97 -26.96
N ALA C 215 27.92 19.44 -27.03
CA ALA C 215 27.37 20.10 -28.21
C ALA C 215 28.06 21.45 -28.51
N PHE C 216 28.94 21.90 -27.59
CA PHE C 216 29.72 23.14 -27.77
C PHE C 216 31.02 22.89 -28.58
N TRP C 217 31.35 21.62 -28.83
CA TRP C 217 32.50 21.22 -29.62
C TRP C 217 32.04 20.53 -30.90
N SER C 218 30.81 20.86 -31.33
CA SER C 218 30.20 20.33 -32.55
C SER C 218 29.47 21.43 -33.31
N THR C 219 29.42 21.28 -34.63
CA THR C 219 28.78 22.21 -35.54
C THR C 219 27.52 21.61 -36.21
N SER C 220 27.34 20.27 -36.10
CA SER C 220 26.21 19.56 -36.70
C SER C 220 24.99 19.81 -35.87
N TYR C 221 24.01 20.55 -36.43
CA TYR C 221 22.74 20.89 -35.77
C TYR C 221 21.95 19.62 -35.47
N GLU C 222 21.95 18.66 -36.40
CA GLU C 222 21.26 17.39 -36.22
C GLU C 222 21.85 16.67 -35.02
N ALA C 223 23.20 16.55 -34.96
CA ALA C 223 23.88 15.94 -33.81
C ALA C 223 23.72 16.75 -32.50
N ASN C 224 23.62 18.08 -32.60
CA ASN C 224 23.48 18.96 -31.44
C ASN C 224 22.09 18.93 -30.83
N VAL C 225 21.04 18.86 -31.69
CA VAL C 225 19.63 18.76 -31.26
C VAL C 225 19.53 17.45 -30.52
N THR C 226 20.06 16.37 -31.14
CA THR C 226 20.11 15.03 -30.56
C THR C 226 20.86 15.05 -29.23
N LEU C 227 22.00 15.76 -29.16
CA LEU C 227 22.75 15.84 -27.91
C LEU C 227 21.97 16.48 -26.75
N VAL C 228 21.61 17.77 -26.87
CA VAL C 228 20.90 18.46 -25.79
C VAL C 228 19.51 17.89 -25.50
N VAL C 229 18.72 17.51 -26.52
CA VAL C 229 17.35 17.00 -26.26
C VAL C 229 17.36 15.61 -25.66
N SER C 230 18.18 14.70 -26.22
CA SER C 230 18.24 13.33 -25.73
C SER C 230 18.75 13.24 -24.33
N THR C 231 19.76 14.08 -23.98
CA THR C 231 20.23 14.14 -22.59
C THR C 231 19.11 14.66 -21.68
N LEU C 232 18.22 15.58 -22.20
CA LEU C 232 17.08 16.07 -21.41
C LEU C 232 16.18 14.87 -21.04
N ILE C 233 15.81 14.05 -22.05
CA ILE C 233 15.01 12.84 -21.85
C ILE C 233 15.73 11.92 -20.85
N ALA C 234 17.07 11.71 -21.05
CA ALA C 234 17.88 10.87 -20.18
C ALA C 234 17.81 11.35 -18.75
N HIS C 235 17.85 12.68 -18.56
CA HIS C 235 17.79 13.36 -17.26
C HIS C 235 16.46 13.08 -16.58
N ILE C 236 15.32 13.25 -17.31
CA ILE C 236 13.97 13.03 -16.79
C ILE C 236 13.84 11.56 -16.41
N ALA C 237 14.24 10.64 -17.31
CA ALA C 237 14.21 9.19 -17.07
C ALA C 237 15.06 8.86 -15.83
N PHE C 238 16.27 9.45 -15.71
CA PHE C 238 17.13 9.24 -14.55
C PHE C 238 16.44 9.70 -13.27
N ASN C 239 15.77 10.87 -13.31
CA ASN C 239 15.03 11.38 -12.15
C ASN C 239 13.82 10.50 -11.81
N ILE C 240 13.22 9.82 -12.80
CA ILE C 240 12.11 8.89 -12.61
C ILE C 240 12.69 7.69 -11.85
N LEU C 241 13.93 7.30 -12.19
CA LEU C 241 14.63 6.16 -11.59
C LEU C 241 14.94 6.35 -10.13
N VAL C 242 15.50 7.51 -9.76
CA VAL C 242 15.85 7.82 -8.37
C VAL C 242 14.67 8.24 -7.46
N GLU C 243 13.71 8.97 -8.02
CA GLU C 243 12.58 9.59 -7.37
C GLU C 243 12.12 9.01 -6.02
N THR C 244 12.14 9.96 -5.06
CA THR C 244 11.79 9.94 -3.64
C THR C 244 10.44 9.24 -3.31
N ASN C 245 9.41 9.30 -4.21
CA ASN C 245 8.06 8.71 -4.05
C ASN C 245 7.15 9.52 -3.15
N CYS C 246 7.63 10.68 -2.65
CA CYS C 246 6.92 11.59 -1.75
C CYS C 246 6.25 12.70 -2.55
N PRO C 247 5.00 13.09 -2.19
CA PRO C 247 4.35 14.19 -2.90
C PRO C 247 5.19 15.45 -2.75
N LYS C 248 5.06 16.37 -3.73
CA LYS C 248 5.82 17.62 -3.75
C LYS C 248 5.68 18.35 -2.41
N THR C 249 6.81 18.83 -1.89
CA THR C 249 6.80 19.60 -0.67
C THR C 249 6.30 20.97 -1.10
N PRO C 250 5.35 21.58 -0.36
CA PRO C 250 4.81 22.90 -0.75
C PRO C 250 5.85 24.03 -0.93
N TYR C 251 7.00 23.88 -0.19
CA TYR C 251 8.15 24.76 -0.12
C TYR C 251 9.30 24.35 -1.08
N MET C 252 10.23 25.28 -1.34
CA MET C 252 11.37 24.99 -2.18
C MET C 252 12.52 24.39 -1.37
N THR C 253 12.96 23.21 -1.78
CA THR C 253 14.05 22.43 -1.21
C THR C 253 15.38 22.84 -1.91
N TYR C 254 16.53 22.48 -1.29
CA TYR C 254 17.86 22.73 -1.84
C TYR C 254 18.07 21.89 -3.09
N THR C 255 17.80 20.57 -2.99
CA THR C 255 17.93 19.64 -4.11
C THR C 255 16.98 20.05 -5.21
N GLY C 256 15.78 20.49 -4.84
CA GLY C 256 14.76 20.95 -5.77
C GLY C 256 15.15 22.16 -6.59
N ALA C 257 15.91 23.11 -5.96
CA ALA C 257 16.45 24.32 -6.58
C ALA C 257 17.49 23.95 -7.65
N ILE C 258 18.44 23.05 -7.29
CA ILE C 258 19.47 22.50 -8.21
C ILE C 258 18.78 21.88 -9.43
N ILE C 259 17.79 20.98 -9.19
CA ILE C 259 17.03 20.32 -10.25
C ILE C 259 16.36 21.36 -11.13
N PHE C 260 15.76 22.41 -10.53
CA PHE C 260 15.16 23.48 -11.32
C PHE C 260 16.18 24.08 -12.22
N MET C 261 17.32 24.45 -11.63
CA MET C 261 18.46 25.05 -12.32
C MET C 261 18.91 24.16 -13.51
N ILE C 262 18.96 22.84 -13.31
CA ILE C 262 19.33 21.87 -14.35
C ILE C 262 18.38 21.94 -15.55
N TYR C 263 17.06 22.05 -15.30
CA TYR C 263 16.05 22.18 -16.36
C TYR C 263 16.30 23.48 -17.12
N LEU C 264 16.69 24.55 -16.41
CA LEU C 264 17.00 25.84 -17.00
C LEU C 264 18.25 25.76 -17.91
N PHE C 265 19.28 25.04 -17.43
CA PHE C 265 20.52 24.82 -18.19
C PHE C 265 20.29 24.06 -19.49
N TYR C 266 19.35 23.07 -19.51
CA TYR C 266 19.00 22.31 -20.69
C TYR C 266 18.31 23.23 -21.68
N PHE C 267 17.50 24.17 -21.17
CA PHE C 267 16.78 25.14 -21.99
C PHE C 267 17.73 26.11 -22.68
N VAL C 268 18.61 26.75 -21.89
CA VAL C 268 19.62 27.70 -22.34
C VAL C 268 20.56 27.05 -23.40
N ALA C 269 21.00 25.79 -23.15
CA ALA C 269 21.83 24.98 -24.04
C ALA C 269 21.13 24.79 -25.38
N VAL C 270 19.79 24.61 -25.38
CA VAL C 270 19.00 24.49 -26.62
C VAL C 270 19.01 25.86 -27.33
N ILE C 271 18.93 26.98 -26.55
CA ILE C 271 18.96 28.33 -27.11
C ILE C 271 20.26 28.50 -27.89
N GLU C 272 21.40 28.20 -27.23
CA GLU C 272 22.74 28.27 -27.80
C GLU C 272 22.80 27.52 -29.10
N VAL C 273 22.48 26.21 -29.08
CA VAL C 273 22.47 25.28 -30.21
C VAL C 273 21.60 25.84 -31.32
N THR C 274 20.45 26.43 -30.97
CA THR C 274 19.58 27.01 -31.97
C THR C 274 20.27 28.24 -32.62
N VAL C 275 20.74 29.19 -31.78
CA VAL C 275 21.42 30.42 -32.17
C VAL C 275 22.61 30.13 -33.06
N GLN C 276 23.53 29.26 -32.59
CA GLN C 276 24.74 28.81 -33.29
C GLN C 276 24.39 28.45 -34.74
N HIS C 277 23.34 27.63 -34.93
CA HIS C 277 22.87 27.20 -36.25
C HIS C 277 22.31 28.36 -37.06
N TYR C 278 21.45 29.22 -36.46
CA TYR C 278 20.86 30.35 -37.18
C TYR C 278 21.90 31.33 -37.69
N LEU C 279 22.93 31.62 -36.87
CA LEU C 279 24.05 32.48 -37.29
C LEU C 279 24.80 31.82 -38.45
N LYS C 280 25.09 30.50 -38.33
CA LYS C 280 25.77 29.74 -39.38
C LYS C 280 24.96 29.69 -40.65
N VAL C 281 23.62 29.61 -40.56
CA VAL C 281 22.73 29.61 -41.72
C VAL C 281 22.59 31.03 -42.30
N GLU C 282 22.74 32.07 -41.44
CA GLU C 282 22.66 33.48 -41.85
C GLU C 282 24.02 34.03 -42.30
N SER C 283 24.92 33.14 -42.72
CA SER C 283 26.30 33.39 -43.16
C SER C 283 27.03 34.37 -42.24
N GLN C 284 27.10 34.04 -40.95
CA GLN C 284 27.82 34.81 -39.93
C GLN C 284 28.60 33.80 -39.07
N PRO C 285 29.49 32.96 -39.68
CA PRO C 285 30.17 31.92 -38.89
C PRO C 285 31.24 32.43 -37.94
N ALA C 286 31.38 33.75 -37.85
CA ALA C 286 32.31 34.40 -36.95
C ALA C 286 31.68 34.45 -35.56
N ARG C 287 30.40 34.91 -35.50
CA ARG C 287 29.57 35.02 -34.30
C ARG C 287 29.13 33.65 -33.83
N ALA C 288 28.75 32.78 -34.80
CA ALA C 288 28.31 31.41 -34.55
C ALA C 288 29.38 30.68 -33.74
N ALA C 289 30.61 30.58 -34.30
CA ALA C 289 31.74 29.92 -33.66
C ALA C 289 32.22 30.60 -32.37
N SER C 290 32.10 31.94 -32.26
CA SER C 290 32.52 32.63 -31.04
C SER C 290 31.66 32.31 -29.81
N ILE C 291 30.31 32.24 -30.01
CA ILE C 291 29.32 31.92 -28.97
C ILE C 291 29.57 30.51 -28.45
N THR C 292 29.72 29.54 -29.37
CA THR C 292 29.98 28.13 -29.09
C THR C 292 31.25 28.01 -28.29
N ARG C 293 32.31 28.73 -28.70
CA ARG C 293 33.58 28.75 -28.00
C ARG C 293 33.47 29.34 -26.57
N ALA C 294 32.66 30.41 -26.43
CA ALA C 294 32.41 31.06 -25.14
C ALA C 294 31.72 30.08 -24.18
N SER C 295 30.59 29.53 -24.63
CA SER C 295 29.77 28.57 -23.93
C SER C 295 30.60 27.44 -23.32
N ARG C 296 31.64 26.96 -24.05
CA ARG C 296 32.57 25.90 -23.63
C ARG C 296 33.10 26.14 -22.21
N ILE C 297 33.24 27.44 -21.83
CA ILE C 297 33.71 27.92 -20.52
C ILE C 297 32.54 28.50 -19.72
N ALA C 298 31.66 29.31 -20.39
CA ALA C 298 30.50 29.96 -19.79
C ALA C 298 29.54 28.99 -19.03
N PHE C 299 29.14 27.91 -19.70
CA PHE C 299 28.25 26.91 -19.13
C PHE C 299 28.85 26.27 -17.89
N PRO C 300 30.07 25.67 -17.92
CA PRO C 300 30.62 25.09 -16.67
C PRO C 300 30.80 26.08 -15.52
N VAL C 301 31.28 27.30 -15.83
CA VAL C 301 31.53 28.40 -14.88
C VAL C 301 30.24 28.87 -14.22
N VAL C 302 29.25 29.31 -15.02
CA VAL C 302 27.96 29.78 -14.51
C VAL C 302 27.31 28.70 -13.63
N PHE C 303 27.34 27.43 -14.09
CA PHE C 303 26.80 26.31 -13.31
C PHE C 303 27.47 26.25 -11.94
N LEU C 304 28.82 26.19 -11.93
CA LEU C 304 29.66 26.13 -10.73
C LEU C 304 29.38 27.26 -9.75
N LEU C 305 29.21 28.49 -10.28
CA LEU C 305 28.92 29.67 -9.46
C LEU C 305 27.51 29.62 -8.93
N ALA C 306 26.52 29.33 -9.80
CA ALA C 306 25.10 29.22 -9.43
C ALA C 306 24.86 28.20 -8.34
N ASN C 307 25.63 27.10 -8.34
CA ASN C 307 25.54 26.09 -7.29
C ASN C 307 26.15 26.60 -6.01
N ILE C 308 27.26 27.38 -6.11
CA ILE C 308 27.92 27.99 -4.96
C ILE C 308 26.93 28.95 -4.31
N ILE C 309 26.26 29.80 -5.12
CA ILE C 309 25.25 30.74 -4.65
C ILE C 309 24.17 29.98 -3.83
N LEU C 310 23.61 28.89 -4.42
CA LEU C 310 22.56 28.05 -3.78
C LEU C 310 23.03 27.39 -2.51
N ALA C 311 24.19 26.71 -2.56
CA ALA C 311 24.76 26.02 -1.40
C ALA C 311 24.82 26.99 -0.24
N PHE C 312 25.38 28.17 -0.50
CA PHE C 312 25.53 29.25 0.47
C PHE C 312 24.16 29.72 0.97
N LEU C 313 23.26 29.99 0.02
CA LEU C 313 21.89 30.43 0.23
C LEU C 313 21.08 29.48 1.15
N PHE C 314 21.27 28.14 1.03
CA PHE C 314 20.54 27.14 1.81
C PHE C 314 21.24 26.72 3.10
N PHE C 315 22.57 26.86 3.15
CA PHE C 315 23.36 26.45 4.31
C PHE C 315 24.24 27.61 4.83
N VAL D 5 -1.36 -15.09 42.41
CA VAL D 5 -0.73 -14.45 41.26
C VAL D 5 0.39 -13.48 41.73
N SER D 6 1.51 -14.08 42.18
CA SER D 6 2.73 -13.41 42.64
C SER D 6 3.89 -14.39 42.36
N PRO D 7 5.12 -13.95 42.00
CA PRO D 7 6.19 -14.92 41.68
C PRO D 7 6.45 -15.99 42.73
N PRO D 8 6.88 -17.21 42.35
CA PRO D 8 7.20 -18.23 43.37
C PRO D 8 8.36 -17.78 44.27
N PRO D 9 8.36 -18.09 45.59
CA PRO D 9 9.46 -17.65 46.45
C PRO D 9 10.75 -18.46 46.26
N PRO D 10 11.94 -17.84 46.42
CA PRO D 10 13.18 -18.60 46.23
C PRO D 10 13.49 -19.54 47.39
N ILE D 11 14.01 -20.75 47.09
CA ILE D 11 14.39 -21.74 48.11
C ILE D 11 15.48 -21.10 49.02
N ALA D 12 16.51 -20.53 48.37
CA ALA D 12 17.61 -19.75 48.92
C ALA D 12 17.50 -18.50 48.04
N ASP D 13 18.52 -17.69 47.98
CA ASP D 13 18.66 -16.42 47.26
C ASP D 13 18.95 -16.58 45.74
N GLU D 14 18.43 -17.66 45.13
CA GLU D 14 18.62 -17.96 43.72
C GLU D 14 17.58 -17.26 42.81
N PRO D 15 17.93 -16.90 41.55
CA PRO D 15 16.93 -16.27 40.68
C PRO D 15 16.07 -17.33 39.98
N LEU D 16 14.87 -16.94 39.50
CA LEU D 16 13.99 -17.87 38.80
C LEU D 16 14.41 -18.06 37.35
N THR D 17 14.79 -19.30 36.98
CA THR D 17 15.22 -19.59 35.63
C THR D 17 14.03 -20.08 34.76
N VAL D 18 13.75 -19.31 33.69
CA VAL D 18 12.70 -19.59 32.72
C VAL D 18 13.33 -20.17 31.46
N ASN D 19 13.04 -21.45 31.22
CA ASN D 19 13.53 -22.19 30.06
C ASN D 19 12.62 -21.92 28.88
N THR D 20 13.20 -21.31 27.84
CA THR D 20 12.53 -20.90 26.61
C THR D 20 12.84 -21.83 25.42
N GLY D 21 12.11 -21.58 24.33
CA GLY D 21 12.20 -22.30 23.07
C GLY D 21 11.20 -21.75 22.06
N ILE D 22 11.67 -21.52 20.82
CA ILE D 22 10.80 -21.00 19.77
C ILE D 22 10.86 -21.96 18.59
N TYR D 23 9.71 -22.53 18.20
CA TYR D 23 9.62 -23.46 17.06
C TYR D 23 8.88 -22.81 15.89
N LEU D 24 9.64 -22.46 14.80
CA LEU D 24 9.09 -21.82 13.58
C LEU D 24 8.13 -22.72 12.86
N ILE D 25 6.90 -22.24 12.68
CA ILE D 25 5.83 -22.95 12.00
C ILE D 25 5.81 -22.44 10.56
N GLU D 26 5.69 -21.10 10.38
CA GLU D 26 5.66 -20.39 9.12
C GLU D 26 6.50 -19.13 9.20
N SER D 27 7.17 -18.79 8.07
CA SER D 27 7.98 -17.59 7.94
C SER D 27 7.55 -17.02 6.62
N TYR D 28 7.20 -15.74 6.61
CA TYR D 28 6.71 -15.07 5.42
C TYR D 28 6.97 -13.59 5.48
N SER D 29 6.55 -12.87 4.43
CA SER D 29 6.64 -11.44 4.25
C SER D 29 8.00 -10.83 4.67
N LEU D 30 9.10 -11.32 4.05
CA LEU D 30 10.41 -10.71 4.32
C LEU D 30 10.55 -9.44 3.46
N ASP D 31 10.32 -8.29 4.06
CA ASP D 31 10.39 -6.99 3.40
C ASP D 31 11.82 -6.46 3.47
N ASP D 32 12.56 -6.57 2.35
CA ASP D 32 13.94 -6.10 2.27
C ASP D 32 14.02 -4.60 2.57
N CYS D 33 13.04 -3.81 2.09
CA CYS D 33 12.95 -2.37 2.27
C CYS D 33 12.76 -2.00 3.73
N ALA D 34 11.74 -2.60 4.38
CA ALA D 34 11.39 -2.33 5.79
C ALA D 34 12.25 -3.06 6.82
N GLU D 35 13.09 -4.01 6.38
CA GLU D 35 13.97 -4.86 7.22
C GLU D 35 13.14 -5.61 8.24
N THR D 36 11.99 -6.14 7.80
CA THR D 36 11.06 -6.90 8.64
C THR D 36 10.78 -8.25 8.02
N PHE D 37 10.25 -9.15 8.82
CA PHE D 37 9.85 -10.48 8.39
C PHE D 37 8.79 -10.97 9.35
N LYS D 38 7.69 -11.49 8.83
CA LYS D 38 6.65 -12.00 9.68
C LYS D 38 6.90 -13.46 9.97
N VAL D 39 6.77 -13.82 11.23
CA VAL D 39 6.99 -15.19 11.65
C VAL D 39 5.78 -15.66 12.45
N ASN D 40 5.36 -16.88 12.18
CA ASN D 40 4.27 -17.58 12.82
C ASN D 40 4.95 -18.79 13.51
N ALA D 41 5.00 -18.79 14.87
CA ALA D 41 5.72 -19.83 15.64
C ALA D 41 5.10 -20.18 17.01
N PHE D 42 5.71 -21.19 17.67
CA PHE D 42 5.37 -21.70 19.02
C PHE D 42 6.33 -21.07 20.01
N LEU D 43 5.85 -20.79 21.23
CA LEU D 43 6.70 -20.29 22.30
C LEU D 43 6.54 -21.19 23.49
N SER D 44 7.63 -21.85 23.89
CA SER D 44 7.60 -22.79 25.01
C SER D 44 8.32 -22.21 26.20
N LEU D 45 7.59 -22.03 27.31
CA LEU D 45 8.16 -21.48 28.54
C LEU D 45 8.08 -22.49 29.68
N SER D 46 9.14 -22.56 30.51
CA SER D 46 9.18 -23.48 31.64
C SER D 46 9.90 -22.93 32.87
N TRP D 47 9.26 -23.07 34.03
CA TRP D 47 9.77 -22.61 35.32
C TRP D 47 9.17 -23.49 36.43
N LYS D 48 9.75 -23.47 37.64
CA LYS D 48 9.24 -24.26 38.78
C LYS D 48 8.61 -23.37 39.84
N ASP D 49 7.32 -23.59 40.07
CA ASP D 49 6.51 -22.89 41.05
C ASP D 49 6.04 -23.96 42.01
N ARG D 50 6.77 -24.11 43.13
CA ARG D 50 6.53 -25.12 44.17
C ARG D 50 5.21 -24.93 44.90
N ARG D 51 4.62 -23.70 44.81
CA ARG D 51 3.31 -23.36 45.36
C ARG D 51 2.23 -24.19 44.65
N LEU D 52 2.53 -24.64 43.41
CA LEU D 52 1.66 -25.43 42.55
C LEU D 52 1.96 -26.93 42.60
N ALA D 53 3.03 -27.34 43.33
CA ALA D 53 3.43 -28.75 43.48
C ALA D 53 2.34 -29.60 44.15
N PHE D 54 2.26 -30.91 43.80
CA PHE D 54 1.23 -31.83 44.33
C PHE D 54 1.67 -33.31 44.45
N ASP D 55 0.95 -34.13 45.27
CA ASP D 55 1.25 -35.56 45.42
C ASP D 55 0.47 -36.32 44.35
N PRO D 56 1.18 -37.01 43.41
CA PRO D 56 0.47 -37.74 42.34
C PRO D 56 -0.39 -38.93 42.83
N VAL D 57 -0.10 -39.40 44.06
CA VAL D 57 -0.77 -40.50 44.75
C VAL D 57 -2.13 -39.98 45.27
N ARG D 58 -2.10 -38.90 46.09
CA ARG D 58 -3.27 -38.25 46.68
C ARG D 58 -4.17 -37.64 45.61
N SER D 59 -3.57 -36.96 44.62
CA SER D 59 -4.30 -36.30 43.52
C SER D 59 -4.84 -37.31 42.49
N GLY D 60 -4.13 -38.42 42.31
CA GLY D 60 -4.49 -39.48 41.37
C GLY D 60 -4.28 -39.08 39.92
N VAL D 61 -3.56 -37.96 39.68
CA VAL D 61 -3.26 -37.41 38.36
C VAL D 61 -1.75 -37.16 38.20
N ARG D 62 -1.20 -37.43 37.00
CA ARG D 62 0.22 -37.22 36.75
C ARG D 62 0.55 -35.74 36.60
N VAL D 63 -0.19 -35.02 35.72
CA VAL D 63 0.02 -33.59 35.45
C VAL D 63 -1.33 -32.86 35.43
N LYS D 64 -1.40 -31.69 36.09
CA LYS D 64 -2.60 -30.85 36.16
C LYS D 64 -2.54 -29.70 35.15
N THR D 65 -3.66 -29.45 34.44
CA THR D 65 -3.77 -28.39 33.43
C THR D 65 -4.46 -27.17 34.05
N TYR D 66 -3.84 -25.99 33.89
CA TYR D 66 -4.34 -24.72 34.42
C TYR D 66 -4.66 -23.69 33.32
N GLU D 67 -5.48 -22.67 33.68
CA GLU D 67 -5.83 -21.56 32.82
C GLU D 67 -4.85 -20.44 33.09
N PRO D 68 -4.43 -19.66 32.06
CA PRO D 68 -3.43 -18.60 32.29
C PRO D 68 -3.72 -17.64 33.45
N GLU D 69 -5.00 -17.35 33.68
CA GLU D 69 -5.45 -16.47 34.74
C GLU D 69 -5.19 -17.04 36.14
N ALA D 70 -5.42 -18.36 36.28
CA ALA D 70 -5.28 -19.14 37.51
C ALA D 70 -3.88 -19.10 38.15
N ILE D 71 -2.82 -19.28 37.35
CA ILE D 71 -1.44 -19.33 37.83
C ILE D 71 -0.61 -18.09 37.43
N TRP D 72 0.59 -17.97 38.05
CA TRP D 72 1.55 -16.90 37.77
C TRP D 72 2.38 -17.33 36.56
N ILE D 73 2.38 -16.50 35.51
CA ILE D 73 3.15 -16.72 34.28
C ILE D 73 4.13 -15.53 34.10
N PRO D 74 5.43 -15.78 33.81
CA PRO D 74 6.37 -14.66 33.66
C PRO D 74 6.05 -13.77 32.47
N GLU D 75 6.27 -12.45 32.65
CA GLU D 75 6.02 -11.48 31.60
C GLU D 75 7.16 -11.50 30.59
N ILE D 76 7.06 -12.43 29.61
CA ILE D 76 8.04 -12.53 28.54
C ILE D 76 7.56 -11.65 27.40
N ARG D 77 8.44 -10.83 26.88
CA ARG D 77 8.14 -9.91 25.78
C ARG D 77 9.23 -10.05 24.73
N PHE D 78 8.95 -9.63 23.48
CA PHE D 78 9.95 -9.63 22.42
C PHE D 78 10.46 -8.21 22.31
N VAL D 79 11.75 -8.04 22.03
CA VAL D 79 12.36 -6.72 21.98
C VAL D 79 12.11 -6.00 20.66
N ASN D 80 12.47 -6.67 19.55
CA ASN D 80 12.44 -6.14 18.20
C ASN D 80 11.15 -6.51 17.38
N VAL D 81 9.96 -6.44 18.01
CA VAL D 81 8.72 -6.69 17.28
C VAL D 81 8.04 -5.36 16.96
N GLU D 82 7.39 -5.25 15.77
CA GLU D 82 6.70 -4.03 15.33
C GLU D 82 5.50 -3.82 16.27
N ASN D 83 4.50 -4.70 16.16
CA ASN D 83 3.34 -4.60 17.02
C ASN D 83 3.23 -5.85 17.87
N ALA D 84 2.80 -5.64 19.13
CA ALA D 84 2.56 -6.67 20.17
C ALA D 84 2.06 -7.97 19.59
N ARG D 85 2.74 -9.03 20.01
CA ARG D 85 2.54 -10.39 19.55
C ARG D 85 1.08 -10.89 19.59
N ASP D 86 0.70 -11.67 18.57
CA ASP D 86 -0.63 -12.23 18.56
C ASP D 86 -0.53 -13.57 19.26
N ALA D 87 -0.64 -13.52 20.60
CA ALA D 87 -0.55 -14.65 21.51
C ALA D 87 -1.84 -15.45 21.64
N ASP D 88 -1.71 -16.78 21.63
CA ASP D 88 -2.80 -17.74 21.82
C ASP D 88 -2.21 -18.88 22.65
N VAL D 89 -2.65 -19.05 23.92
CA VAL D 89 -2.12 -20.12 24.77
C VAL D 89 -2.69 -21.45 24.31
N VAL D 90 -1.80 -22.40 23.99
CA VAL D 90 -2.12 -23.74 23.52
C VAL D 90 -2.33 -24.68 24.71
N ASP D 91 -1.41 -24.65 25.71
CA ASP D 91 -1.45 -25.50 26.90
C ASP D 91 -0.53 -25.04 28.04
N ILE D 92 -1.02 -25.22 29.28
CA ILE D 92 -0.30 -24.97 30.53
C ILE D 92 -0.38 -26.25 31.35
N SER D 93 0.78 -26.89 31.60
CA SER D 93 0.86 -28.16 32.30
C SER D 93 1.83 -28.13 33.48
N VAL D 94 1.33 -28.44 34.70
CA VAL D 94 2.13 -28.46 35.93
C VAL D 94 2.42 -29.91 36.34
N SER D 95 3.71 -30.31 36.33
CA SER D 95 4.18 -31.64 36.75
C SER D 95 4.12 -31.75 38.31
N PRO D 96 4.18 -32.96 38.95
CA PRO D 96 4.02 -33.03 40.42
C PRO D 96 4.93 -32.14 41.26
N ASP D 97 6.18 -31.91 40.80
CA ASP D 97 7.19 -31.10 41.50
C ASP D 97 6.92 -29.58 41.46
N GLY D 98 6.00 -29.16 40.59
CA GLY D 98 5.62 -27.78 40.42
C GLY D 98 6.20 -27.12 39.18
N THR D 99 6.82 -27.93 38.28
CA THR D 99 7.40 -27.42 37.02
C THR D 99 6.29 -27.14 36.02
N VAL D 100 6.13 -25.86 35.65
CA VAL D 100 5.13 -25.38 34.70
C VAL D 100 5.69 -25.52 33.29
N GLN D 101 4.87 -26.08 32.39
CA GLN D 101 5.15 -26.29 30.98
C GLN D 101 4.12 -25.50 30.18
N TYR D 102 4.50 -24.26 29.81
CA TYR D 102 3.69 -23.33 29.06
C TYR D 102 4.04 -23.41 27.58
N LEU D 103 3.01 -23.35 26.74
CA LEU D 103 3.16 -23.37 25.29
C LEU D 103 2.09 -22.50 24.66
N GLU D 104 2.52 -21.57 23.84
CA GLU D 104 1.62 -20.66 23.14
C GLU D 104 1.98 -20.61 21.67
N ARG D 105 1.03 -20.23 20.83
CA ARG D 105 1.28 -20.02 19.42
C ARG D 105 1.19 -18.51 19.15
N PHE D 106 2.24 -17.94 18.55
CA PHE D 106 2.27 -16.51 18.26
C PHE D 106 2.63 -16.20 16.83
N SER D 107 2.35 -14.96 16.42
CA SER D 107 2.75 -14.44 15.11
C SER D 107 3.13 -12.97 15.29
N ALA D 108 4.33 -12.59 14.78
CA ALA D 108 4.82 -11.22 14.89
C ALA D 108 5.76 -10.80 13.77
N ARG D 109 5.66 -9.53 13.36
CA ARG D 109 6.49 -8.91 12.33
C ARG D 109 7.72 -8.43 13.10
N VAL D 110 8.86 -9.06 12.82
CA VAL D 110 10.12 -8.84 13.53
C VAL D 110 11.01 -7.88 12.77
N LEU D 111 11.46 -6.81 13.43
CA LEU D 111 12.36 -5.83 12.84
C LEU D 111 13.79 -6.33 13.00
N SER D 112 14.46 -6.62 11.89
CA SER D 112 15.84 -7.10 11.94
C SER D 112 16.63 -6.51 10.78
N PRO D 113 17.70 -5.73 11.07
CA PRO D 113 18.45 -5.08 9.98
C PRO D 113 19.07 -6.05 8.98
N LEU D 114 19.29 -5.56 7.75
CA LEU D 114 19.88 -6.33 6.66
C LEU D 114 21.05 -5.57 6.04
N ASP D 115 22.11 -6.31 5.67
CA ASP D 115 23.33 -5.77 5.06
C ASP D 115 23.39 -6.14 3.60
N PHE D 116 23.10 -5.16 2.74
CA PHE D 116 23.04 -5.36 1.29
C PHE D 116 24.33 -5.08 0.59
N ARG D 117 25.42 -4.88 1.34
CA ARG D 117 26.71 -4.61 0.75
C ARG D 117 27.12 -5.70 -0.27
N ARG D 118 26.86 -6.99 0.04
CA ARG D 118 27.22 -8.10 -0.86
C ARG D 118 26.08 -8.61 -1.73
N TYR D 119 25.00 -7.81 -1.86
CA TYR D 119 23.83 -8.16 -2.67
C TYR D 119 24.21 -8.33 -4.15
N PRO D 120 23.67 -9.33 -4.90
CA PRO D 120 22.67 -10.35 -4.54
C PRO D 120 23.23 -11.68 -4.06
N PHE D 121 24.46 -11.65 -3.57
CA PHE D 121 25.17 -12.84 -3.07
C PHE D 121 25.17 -12.84 -1.54
N ASP D 122 24.49 -11.84 -0.97
CA ASP D 122 24.35 -11.59 0.45
C ASP D 122 23.69 -12.71 1.23
N SER D 123 24.13 -12.84 2.48
CA SER D 123 23.58 -13.74 3.47
C SER D 123 23.17 -12.91 4.67
N GLN D 124 22.09 -13.30 5.35
CA GLN D 124 21.54 -12.56 6.46
C GLN D 124 21.32 -13.39 7.72
N THR D 125 21.46 -12.74 8.89
CA THR D 125 21.17 -13.33 10.20
C THR D 125 20.04 -12.51 10.83
N LEU D 126 18.88 -13.15 10.93
CA LEU D 126 17.64 -12.59 11.43
C LEU D 126 17.49 -12.83 12.93
N HIS D 127 17.31 -11.74 13.69
CA HIS D 127 17.23 -11.81 15.13
C HIS D 127 15.83 -11.72 15.67
N ILE D 128 15.57 -12.46 16.78
CA ILE D 128 14.33 -12.53 17.54
C ILE D 128 14.78 -12.47 18.99
N TYR D 129 14.62 -11.29 19.61
CA TYR D 129 15.06 -11.08 21.00
C TYR D 129 13.96 -11.23 22.06
N LEU D 130 14.15 -12.23 22.94
CA LEU D 130 13.27 -12.51 24.09
C LEU D 130 13.78 -11.74 25.30
N ILE D 131 12.90 -11.17 26.08
CA ILE D 131 13.33 -10.41 27.25
C ILE D 131 12.37 -10.64 28.42
N VAL D 132 12.86 -10.49 29.66
CA VAL D 132 12.08 -10.58 30.88
C VAL D 132 12.62 -9.59 31.91
N ARG D 133 11.72 -8.77 32.47
CA ARG D 133 12.11 -7.78 33.47
C ARG D 133 11.90 -8.38 34.86
N SER D 134 13.01 -8.41 35.65
CA SER D 134 13.05 -8.95 37.00
C SER D 134 12.21 -8.10 37.95
N VAL D 135 11.38 -8.76 38.76
CA VAL D 135 10.44 -8.16 39.70
C VAL D 135 11.09 -7.77 41.04
N ASP D 136 10.28 -7.17 41.94
CA ASP D 136 10.70 -6.73 43.28
C ASP D 136 11.01 -7.94 44.16
N THR D 137 10.05 -8.91 44.19
CA THR D 137 10.09 -10.16 44.95
C THR D 137 11.37 -10.96 44.65
N ARG D 138 11.67 -11.20 43.36
CA ARG D 138 12.87 -11.94 42.97
C ARG D 138 13.35 -11.62 41.55
N ASN D 139 14.61 -12.00 41.25
CA ASN D 139 15.19 -11.79 39.92
C ASN D 139 14.90 -12.94 38.98
N ILE D 140 14.62 -12.59 37.72
CA ILE D 140 14.29 -13.57 36.69
C ILE D 140 15.39 -13.60 35.64
N VAL D 141 15.83 -14.82 35.28
CA VAL D 141 16.85 -15.06 34.27
C VAL D 141 16.36 -16.14 33.29
N LEU D 142 16.51 -15.84 31.97
CA LEU D 142 16.10 -16.69 30.84
C LEU D 142 17.16 -17.73 30.49
N ALA D 143 16.70 -18.91 30.06
CA ALA D 143 17.54 -20.03 29.65
C ALA D 143 17.01 -20.61 28.36
N VAL D 144 17.82 -21.35 27.61
CA VAL D 144 17.40 -21.97 26.36
C VAL D 144 17.24 -23.49 26.52
N ASP D 145 16.07 -24.03 26.16
CA ASP D 145 15.84 -25.48 26.16
C ASP D 145 16.03 -25.92 24.72
N LEU D 146 17.25 -26.35 24.40
CA LEU D 146 17.68 -26.75 23.05
C LEU D 146 16.78 -27.83 22.39
N GLU D 147 16.01 -28.57 23.19
CA GLU D 147 15.08 -29.59 22.70
C GLU D 147 13.84 -28.95 22.09
N LYS D 148 13.48 -27.73 22.56
CA LYS D 148 12.29 -26.99 22.13
C LYS D 148 12.58 -25.81 21.14
N VAL D 149 13.78 -25.82 20.51
CA VAL D 149 14.22 -24.83 19.50
C VAL D 149 14.48 -25.49 18.15
N GLY D 150 13.53 -25.32 17.25
CA GLY D 150 13.62 -25.83 15.90
C GLY D 150 12.78 -25.03 14.94
N LYS D 151 12.55 -25.62 13.77
CA LYS D 151 11.72 -25.07 12.72
C LYS D 151 11.09 -26.23 11.94
N ASN D 152 9.92 -25.97 11.35
CA ASN D 152 9.21 -26.92 10.50
C ASN D 152 10.08 -27.11 9.25
N ASP D 153 9.95 -28.25 8.57
CA ASP D 153 10.72 -28.47 7.34
C ASP D 153 10.12 -27.68 6.17
N ASP D 154 8.81 -27.42 6.23
CA ASP D 154 8.01 -26.65 5.27
C ASP D 154 8.35 -25.14 5.27
N VAL D 155 9.01 -24.64 6.35
CA VAL D 155 9.39 -23.23 6.56
C VAL D 155 10.23 -22.74 5.37
N PHE D 156 9.68 -21.73 4.67
CA PHE D 156 10.26 -21.18 3.45
C PHE D 156 10.24 -19.65 3.37
N LEU D 157 11.18 -19.13 2.60
CA LEU D 157 11.30 -17.73 2.21
C LEU D 157 11.67 -17.82 0.75
N THR D 158 10.79 -17.33 -0.13
CA THR D 158 11.00 -17.41 -1.57
C THR D 158 12.23 -16.58 -1.90
N GLY D 159 13.16 -17.22 -2.60
CA GLY D 159 14.43 -16.61 -2.99
C GLY D 159 15.51 -16.62 -1.93
N TRP D 160 15.33 -17.42 -0.87
CA TRP D 160 16.30 -17.55 0.22
C TRP D 160 16.46 -19.00 0.63
N ASP D 161 17.67 -19.33 1.14
CA ASP D 161 18.02 -20.65 1.66
C ASP D 161 17.96 -20.54 3.15
N ILE D 162 16.93 -21.12 3.78
CA ILE D 162 16.81 -21.06 5.23
C ILE D 162 17.82 -22.08 5.74
N GLU D 163 18.99 -21.57 6.16
CA GLU D 163 20.13 -22.37 6.63
C GLU D 163 19.87 -22.99 8.01
N SER D 164 19.56 -22.17 9.03
CA SER D 164 19.38 -22.64 10.41
C SER D 164 18.53 -21.72 11.26
N PHE D 165 17.96 -22.27 12.34
CA PHE D 165 17.27 -21.50 13.36
C PHE D 165 17.90 -21.95 14.65
N THR D 166 18.78 -21.08 15.19
CA THR D 166 19.56 -21.32 16.39
C THR D 166 19.29 -20.28 17.49
N ALA D 167 19.90 -20.50 18.67
CA ALA D 167 19.78 -19.58 19.81
C ALA D 167 21.07 -19.48 20.60
N VAL D 168 21.47 -18.24 20.96
CA VAL D 168 22.62 -17.93 21.80
C VAL D 168 22.17 -18.31 23.22
N VAL D 169 22.58 -19.53 23.66
CA VAL D 169 22.22 -20.18 24.93
C VAL D 169 22.45 -19.29 26.18
N LYS D 170 23.53 -18.48 26.20
CA LYS D 170 23.85 -17.59 27.31
C LYS D 170 23.13 -16.24 27.18
N PRO D 171 22.17 -15.94 28.08
CA PRO D 171 21.46 -14.65 28.00
C PRO D 171 22.35 -13.46 28.32
N ALA D 172 21.94 -12.28 27.86
CA ALA D 172 22.63 -11.03 28.09
C ALA D 172 21.88 -10.34 29.20
N ASN D 173 22.35 -10.56 30.45
CA ASN D 173 21.72 -9.97 31.62
C ASN D 173 22.32 -8.59 31.83
N PHE D 174 21.49 -7.57 32.04
CA PHE D 174 21.87 -6.15 32.19
C PHE D 174 20.88 -5.36 33.03
N ALA D 175 21.25 -4.15 33.44
CA ALA D 175 20.39 -3.30 34.26
C ALA D 175 19.77 -2.21 33.43
N LEU D 176 18.46 -2.06 33.58
CA LEU D 176 17.67 -1.08 32.87
C LEU D 176 16.62 -0.49 33.79
N GLU D 177 16.74 0.83 34.03
CA GLU D 177 15.88 1.64 34.91
C GLU D 177 15.78 1.01 36.34
N ASP D 178 16.96 0.72 36.93
CA ASP D 178 17.20 0.13 38.24
C ASP D 178 16.71 -1.33 38.40
N ARG D 179 16.43 -2.05 37.28
CA ARG D 179 15.99 -3.46 37.35
C ARG D 179 16.75 -4.34 36.39
N LEU D 180 16.91 -5.63 36.78
CA LEU D 180 17.63 -6.65 36.01
C LEU D 180 16.79 -7.14 34.82
N GLU D 181 17.41 -7.21 33.63
CA GLU D 181 16.78 -7.67 32.39
C GLU D 181 17.59 -8.83 31.82
N SER D 182 16.95 -9.94 31.48
CA SER D 182 17.62 -11.10 30.87
C SER D 182 17.17 -11.21 29.44
N LYS D 183 18.08 -11.05 28.45
CA LYS D 183 17.77 -11.06 27.00
C LYS D 183 18.37 -12.25 26.25
N LEU D 184 17.55 -12.99 25.49
CA LEU D 184 18.00 -14.11 24.65
C LEU D 184 17.96 -13.82 23.12
N ASP D 185 19.06 -14.22 22.40
CA ASP D 185 19.19 -14.08 20.94
C ASP D 185 18.91 -15.35 20.13
N TYR D 186 17.76 -15.35 19.43
CA TYR D 186 17.33 -16.40 18.52
C TYR D 186 17.64 -15.90 17.12
N GLN D 187 18.59 -16.54 16.47
CA GLN D 187 19.05 -16.12 15.17
C GLN D 187 18.77 -17.13 14.06
N LEU D 188 18.10 -16.63 12.99
CA LEU D 188 17.72 -17.33 11.77
C LEU D 188 18.65 -16.90 10.63
N ARG D 189 19.41 -17.85 10.07
CA ARG D 189 20.37 -17.62 9.00
C ARG D 189 19.78 -17.98 7.64
N ILE D 190 19.84 -17.02 6.70
CA ILE D 190 19.31 -17.11 5.34
C ILE D 190 20.30 -16.56 4.29
N SER D 191 20.62 -17.36 3.25
CA SER D 191 21.51 -16.94 2.17
C SER D 191 20.70 -16.75 0.89
N ARG D 192 20.83 -15.55 0.26
CA ARG D 192 20.05 -15.21 -0.94
C ARG D 192 20.31 -16.14 -2.11
N GLN D 193 19.25 -16.88 -2.48
CA GLN D 193 19.21 -17.79 -3.62
C GLN D 193 18.57 -17.03 -4.80
N TYR D 194 19.39 -16.26 -5.52
CA TYR D 194 18.98 -15.47 -6.66
C TYR D 194 19.81 -15.92 -7.84
N PHE D 195 19.29 -16.97 -8.51
CA PHE D 195 19.89 -17.62 -9.67
C PHE D 195 19.64 -16.75 -10.89
N SER D 196 18.35 -16.44 -11.12
CA SER D 196 17.79 -15.64 -12.19
C SER D 196 18.39 -14.23 -12.33
N TYR D 197 19.24 -13.80 -11.39
CA TYR D 197 19.87 -12.49 -11.39
C TYR D 197 20.71 -12.19 -12.63
N ILE D 198 21.50 -13.15 -13.10
CA ILE D 198 22.39 -12.98 -14.26
C ILE D 198 21.54 -12.78 -15.55
N PRO D 199 20.63 -13.71 -15.94
CA PRO D 199 19.83 -13.48 -17.15
C PRO D 199 18.78 -12.37 -17.05
N ASN D 200 18.25 -12.12 -15.85
CA ASN D 200 17.20 -11.12 -15.68
C ASN D 200 17.73 -9.71 -15.48
N ILE D 201 18.84 -9.53 -14.73
CA ILE D 201 19.39 -8.19 -14.46
C ILE D 201 20.75 -7.88 -15.15
N ILE D 202 21.79 -8.74 -14.97
CA ILE D 202 23.13 -8.46 -15.50
C ILE D 202 23.29 -8.52 -17.03
N LEU D 203 22.91 -9.66 -17.62
CA LEU D 203 23.08 -9.89 -19.06
C LEU D 203 22.42 -8.84 -19.94
N PRO D 204 21.11 -8.51 -19.77
CA PRO D 204 20.49 -7.48 -20.63
C PRO D 204 21.13 -6.13 -20.45
N MET D 205 21.52 -5.79 -19.21
CA MET D 205 22.18 -4.53 -18.89
C MET D 205 23.55 -4.39 -19.56
N LEU D 206 24.23 -5.52 -19.75
CA LEU D 206 25.53 -5.56 -20.42
C LEU D 206 25.39 -5.48 -21.95
N PHE D 207 24.39 -6.19 -22.52
CA PHE D 207 24.14 -6.12 -23.96
C PHE D 207 23.96 -4.65 -24.32
N ILE D 208 23.12 -3.92 -23.54
CA ILE D 208 22.83 -2.47 -23.68
C ILE D 208 24.16 -1.69 -23.69
N LEU D 209 25.09 -2.02 -22.73
CA LEU D 209 26.40 -1.36 -22.65
C LEU D 209 27.29 -1.65 -23.86
N PHE D 210 27.29 -2.89 -24.31
CA PHE D 210 28.10 -3.26 -25.45
C PHE D 210 27.64 -2.58 -26.71
N ILE D 211 26.30 -2.42 -26.89
CA ILE D 211 25.72 -1.70 -28.03
C ILE D 211 26.35 -0.30 -28.12
N SER D 212 26.65 0.33 -26.98
CA SER D 212 27.30 1.64 -26.97
C SER D 212 28.73 1.56 -27.53
N TRP D 213 29.46 0.46 -27.18
CA TRP D 213 30.84 0.24 -27.61
C TRP D 213 30.99 0.01 -29.13
N THR D 214 29.88 -0.29 -29.86
CA THR D 214 29.95 -0.46 -31.32
C THR D 214 30.34 0.87 -31.99
N ALA D 215 30.18 2.00 -31.28
CA ALA D 215 30.53 3.33 -31.78
C ALA D 215 32.06 3.48 -32.02
N PHE D 216 32.84 2.48 -31.60
CA PHE D 216 34.30 2.45 -31.81
C PHE D 216 34.66 1.89 -33.20
N TRP D 217 33.66 1.35 -33.92
CA TRP D 217 33.85 0.83 -35.28
C TRP D 217 33.07 1.68 -36.27
N SER D 218 32.80 2.94 -35.89
CA SER D 218 32.06 3.90 -36.71
C SER D 218 32.71 5.27 -36.63
N THR D 219 32.57 6.05 -37.71
CA THR D 219 33.12 7.40 -37.85
C THR D 219 32.03 8.45 -37.93
N SER D 220 30.75 8.02 -38.12
CA SER D 220 29.60 8.92 -38.23
C SER D 220 29.27 9.41 -36.84
N TYR D 221 29.49 10.73 -36.58
CA TYR D 221 29.24 11.37 -35.29
C TYR D 221 27.76 11.32 -34.98
N GLU D 222 26.90 11.53 -36.01
CA GLU D 222 25.46 11.45 -35.85
C GLU D 222 25.06 10.06 -35.37
N ALA D 223 25.56 9.00 -36.03
CA ALA D 223 25.31 7.61 -35.62
C ALA D 223 25.94 7.26 -34.27
N ASN D 224 27.09 7.86 -33.94
CA ASN D 224 27.79 7.61 -32.69
C ASN D 224 27.15 8.27 -31.48
N VAL D 225 26.63 9.51 -31.65
CA VAL D 225 25.92 10.25 -30.60
C VAL D 225 24.68 9.43 -30.30
N THR D 226 23.98 9.02 -31.38
CA THR D 226 22.77 8.21 -31.36
C THR D 226 23.07 6.87 -30.66
N LEU D 227 24.24 6.24 -30.93
CA LEU D 227 24.62 4.99 -30.27
C LEU D 227 24.86 5.13 -28.74
N VAL D 228 25.85 5.92 -28.30
CA VAL D 228 26.14 6.07 -26.88
C VAL D 228 25.00 6.70 -26.08
N VAL D 229 24.32 7.74 -26.60
CA VAL D 229 23.24 8.40 -25.84
C VAL D 229 21.98 7.51 -25.75
N SER D 230 21.56 6.91 -26.87
CA SER D 230 20.37 6.07 -26.86
C SER D 230 20.52 4.88 -25.99
N THR D 231 21.70 4.24 -25.99
CA THR D 231 21.95 3.11 -25.09
C THR D 231 21.92 3.59 -23.66
N LEU D 232 22.33 4.88 -23.42
CA LEU D 232 22.26 5.38 -22.05
C LEU D 232 20.78 5.48 -21.56
N ILE D 233 19.86 5.98 -22.46
CA ILE D 233 18.43 6.04 -22.20
C ILE D 233 17.92 4.62 -21.99
N ALA D 234 18.33 3.68 -22.88
CA ALA D 234 17.94 2.27 -22.81
C ALA D 234 18.30 1.68 -21.45
N HIS D 235 19.52 2.02 -20.97
CA HIS D 235 20.07 1.58 -19.70
C HIS D 235 19.22 2.08 -18.53
N ILE D 236 18.88 3.38 -18.52
CA ILE D 236 18.07 4.00 -17.47
C ILE D 236 16.69 3.37 -17.46
N ALA D 237 16.06 3.27 -18.65
CA ALA D 237 14.73 2.64 -18.82
C ALA D 237 14.81 1.17 -18.31
N PHE D 238 15.87 0.40 -18.69
CA PHE D 238 16.06 -0.97 -18.22
C PHE D 238 16.13 -1.01 -16.71
N ASN D 239 16.88 -0.08 -16.10
CA ASN D 239 16.99 -0.03 -14.65
C ASN D 239 15.67 0.32 -13.97
N ILE D 240 14.80 1.12 -14.67
CA ILE D 240 13.47 1.49 -14.18
C ILE D 240 12.64 0.20 -14.15
N LEU D 241 12.83 -0.66 -15.18
CA LEU D 241 12.14 -1.96 -15.35
C LEU D 241 12.44 -2.95 -14.24
N VAL D 242 13.72 -3.13 -13.85
CA VAL D 242 14.22 -4.04 -12.81
C VAL D 242 14.41 -3.40 -11.40
N GLU D 243 13.94 -2.14 -11.22
CA GLU D 243 14.00 -1.35 -9.98
C GLU D 243 13.60 -2.15 -8.76
N THR D 244 14.48 -2.14 -7.71
CA THR D 244 14.31 -2.82 -6.41
C THR D 244 13.11 -2.30 -5.61
N ASN D 245 12.77 -0.98 -5.80
CA ASN D 245 11.65 -0.24 -5.16
C ASN D 245 11.98 0.21 -3.72
N CYS D 246 13.12 -0.27 -3.16
CA CYS D 246 13.61 0.06 -1.81
C CYS D 246 14.29 1.42 -1.83
N PRO D 247 14.13 2.25 -0.77
CA PRO D 247 14.86 3.53 -0.73
C PRO D 247 16.36 3.25 -0.77
N LYS D 248 17.15 4.20 -1.31
CA LYS D 248 18.61 4.02 -1.43
C LYS D 248 19.19 3.62 -0.07
N THR D 249 20.07 2.60 -0.09
CA THR D 249 20.73 2.18 1.14
C THR D 249 21.76 3.28 1.40
N PRO D 250 21.88 3.77 2.67
CA PRO D 250 22.82 4.87 2.97
C PRO D 250 24.28 4.60 2.58
N TYR D 251 24.65 3.29 2.58
CA TYR D 251 25.95 2.73 2.27
C TYR D 251 26.09 2.28 0.79
N MET D 252 27.34 2.11 0.34
CA MET D 252 27.60 1.65 -1.02
C MET D 252 27.57 0.11 -1.08
N THR D 253 26.69 -0.39 -1.95
CA THR D 253 26.45 -1.79 -2.24
C THR D 253 27.38 -2.21 -3.39
N TYR D 254 27.55 -3.53 -3.58
CA TYR D 254 28.36 -4.13 -4.65
C TYR D 254 27.70 -3.84 -5.98
N THR D 255 26.40 -4.17 -6.10
CA THR D 255 25.62 -3.94 -7.32
C THR D 255 25.59 -2.45 -7.65
N GLY D 256 25.43 -1.62 -6.62
CA GLY D 256 25.41 -0.16 -6.73
C GLY D 256 26.68 0.44 -7.28
N ALA D 257 27.86 -0.16 -6.92
CA ALA D 257 29.19 0.24 -7.36
C ALA D 257 29.34 -0.03 -8.85
N ILE D 258 28.93 -1.26 -9.30
CA ILE D 258 28.92 -1.69 -10.71
C ILE D 258 28.09 -0.70 -11.52
N ILE D 259 26.84 -0.42 -11.07
CA ILE D 259 25.93 0.52 -11.73
C ILE D 259 26.57 1.87 -11.84
N PHE D 260 27.22 2.34 -10.75
CA PHE D 260 27.92 3.63 -10.80
C PHE D 260 28.95 3.59 -11.90
N MET D 261 29.78 2.54 -11.92
CA MET D 261 30.84 2.37 -12.90
C MET D 261 30.31 2.36 -14.32
N ILE D 262 29.09 1.77 -14.54
CA ILE D 262 28.41 1.72 -15.84
C ILE D 262 28.05 3.13 -16.30
N TYR D 263 27.55 3.99 -15.40
CA TYR D 263 27.24 5.39 -15.73
C TYR D 263 28.50 6.12 -16.12
N LEU D 264 29.61 5.83 -15.45
CA LEU D 264 30.91 6.42 -15.73
C LEU D 264 31.43 6.00 -17.12
N PHE D 265 31.26 4.71 -17.47
CA PHE D 265 31.63 4.17 -18.78
C PHE D 265 30.87 4.82 -19.92
N TYR D 266 29.57 5.15 -19.72
CA TYR D 266 28.75 5.83 -20.73
C TYR D 266 29.27 7.24 -20.92
N PHE D 267 29.74 7.86 -19.83
CA PHE D 267 30.30 9.21 -19.85
C PHE D 267 31.61 9.27 -20.65
N VAL D 268 32.56 8.41 -20.30
CA VAL D 268 33.87 8.26 -20.94
C VAL D 268 33.70 7.96 -22.46
N ALA D 269 32.76 7.06 -22.81
CA ALA D 269 32.40 6.69 -24.19
C ALA D 269 31.93 7.91 -24.96
N VAL D 270 31.17 8.82 -24.32
CA VAL D 270 30.72 10.09 -24.94
C VAL D 270 31.96 10.97 -25.15
N ILE D 271 32.92 10.98 -24.17
CA ILE D 271 34.15 11.78 -24.28
C ILE D 271 34.91 11.35 -25.55
N GLU D 272 35.15 10.03 -25.68
CA GLU D 272 35.83 9.40 -26.82
C GLU D 272 35.17 9.85 -28.11
N VAL D 273 33.87 9.58 -28.27
CA VAL D 273 33.03 9.93 -29.43
C VAL D 273 33.17 11.41 -29.75
N THR D 274 33.17 12.26 -28.70
CA THR D 274 33.30 13.70 -28.90
C THR D 274 34.70 14.02 -29.45
N VAL D 275 35.76 13.52 -28.76
CA VAL D 275 37.17 13.70 -29.11
C VAL D 275 37.46 13.24 -30.52
N GLN D 276 37.09 11.98 -30.85
CA GLN D 276 37.22 11.35 -32.16
C GLN D 276 36.77 12.31 -33.25
N HIS D 277 35.57 12.90 -33.09
CA HIS D 277 34.98 13.86 -34.03
C HIS D 277 35.78 15.16 -34.08
N TYR D 278 36.14 15.73 -32.92
CA TYR D 278 36.91 16.97 -32.89
C TYR D 278 38.26 16.86 -33.57
N LEU D 279 38.97 15.74 -33.37
CA LEU D 279 40.26 15.47 -34.03
C LEU D 279 40.03 15.38 -35.55
N LYS D 280 38.98 14.64 -35.96
CA LYS D 280 38.62 14.49 -37.38
C LYS D 280 38.25 15.81 -38.00
N VAL D 281 37.55 16.69 -37.25
CA VAL D 281 37.17 18.01 -37.75
C VAL D 281 38.38 18.98 -37.75
N GLU D 282 39.34 18.78 -36.82
CA GLU D 282 40.57 19.58 -36.71
C GLU D 282 41.72 18.98 -37.54
N SER D 283 41.36 18.30 -38.66
CA SER D 283 42.23 17.67 -39.63
C SER D 283 43.40 16.91 -39.00
N GLN D 284 43.09 15.97 -38.11
CA GLN D 284 44.09 15.11 -37.45
C GLN D 284 43.51 13.68 -37.45
N PRO D 285 43.17 13.11 -38.63
CA PRO D 285 42.53 11.79 -38.65
C PRO D 285 43.44 10.62 -38.32
N ALA D 286 44.69 10.91 -37.96
CA ALA D 286 45.65 9.91 -37.54
C ALA D 286 45.39 9.58 -36.09
N ARG D 287 45.25 10.64 -35.24
CA ARG D 287 44.96 10.58 -33.80
C ARG D 287 43.53 10.14 -33.55
N ALA D 288 42.59 10.67 -34.38
CA ALA D 288 41.17 10.37 -34.31
C ALA D 288 40.98 8.87 -34.43
N ALA D 289 41.44 8.26 -35.54
CA ALA D 289 41.35 6.83 -35.80
C ALA D 289 42.15 5.97 -34.81
N SER D 290 43.29 6.46 -34.29
CA SER D 290 44.09 5.68 -33.35
C SER D 290 43.39 5.46 -32.00
N ILE D 291 42.76 6.53 -31.46
CA ILE D 291 42.04 6.52 -30.18
C ILE D 291 40.87 5.53 -30.28
N THR D 292 40.07 5.64 -31.37
CA THR D 292 38.91 4.80 -31.68
C THR D 292 39.35 3.36 -31.71
N ARG D 293 40.47 3.09 -32.42
CA ARG D 293 41.04 1.74 -32.50
C ARG D 293 41.49 1.19 -31.13
N ALA D 294 42.09 2.07 -30.29
CA ALA D 294 42.56 1.73 -28.94
C ALA D 294 41.37 1.34 -28.08
N SER D 295 40.36 2.23 -28.02
CA SER D 295 39.12 2.09 -27.27
C SER D 295 38.47 0.73 -27.50
N ARG D 296 38.50 0.23 -28.76
CA ARG D 296 37.97 -1.08 -29.18
C ARG D 296 38.41 -2.22 -28.25
N ILE D 297 39.63 -2.07 -27.64
CA ILE D 297 40.26 -3.00 -26.70
C ILE D 297 40.25 -2.40 -25.29
N ALA D 298 40.58 -1.10 -25.17
CA ALA D 298 40.64 -0.35 -23.89
C ALA D 298 39.35 -0.44 -23.05
N PHE D 299 38.19 -0.15 -23.66
CA PHE D 299 36.89 -0.19 -23.01
C PHE D 299 36.59 -1.58 -22.49
N PRO D 300 36.58 -2.66 -23.32
CA PRO D 300 36.31 -4.00 -22.76
C PRO D 300 37.27 -4.47 -21.64
N VAL D 301 38.58 -4.19 -21.81
CA VAL D 301 39.66 -4.55 -20.88
C VAL D 301 39.49 -3.84 -19.54
N VAL D 302 39.48 -2.49 -19.54
CA VAL D 302 39.31 -1.68 -18.34
C VAL D 302 38.03 -2.09 -17.59
N PHE D 303 36.91 -2.29 -18.31
CA PHE D 303 35.66 -2.74 -17.72
C PHE D 303 35.86 -4.05 -16.96
N LEU D 304 36.40 -5.07 -17.66
CA LEU D 304 36.69 -6.41 -17.14
C LEU D 304 37.57 -6.36 -15.89
N LEU D 305 38.61 -5.52 -15.90
CA LEU D 305 39.51 -5.37 -14.77
C LEU D 305 38.82 -4.68 -13.62
N ALA D 306 38.16 -3.53 -13.89
CA ALA D 306 37.44 -2.74 -12.89
C ALA D 306 36.39 -3.56 -12.15
N ASN D 307 35.74 -4.51 -12.84
CA ASN D 307 34.77 -5.40 -12.21
C ASN D 307 35.48 -6.43 -11.34
N ILE D 308 36.66 -6.92 -11.80
CA ILE D 308 37.49 -7.86 -11.04
C ILE D 308 37.92 -7.16 -9.75
N ILE D 309 38.39 -5.90 -9.85
CA ILE D 309 38.78 -5.10 -8.68
C ILE D 309 37.63 -5.05 -7.67
N LEU D 310 36.41 -4.68 -8.11
CA LEU D 310 35.21 -4.58 -7.28
C LEU D 310 34.81 -5.90 -6.65
N ALA D 311 34.69 -6.96 -7.47
CA ALA D 311 34.31 -8.28 -7.00
C ALA D 311 35.23 -8.68 -5.85
N PHE D 312 36.54 -8.52 -6.04
CA PHE D 312 37.58 -8.81 -5.06
C PHE D 312 37.39 -7.93 -3.80
N LEU D 313 37.23 -6.61 -4.03
CA LEU D 313 37.02 -5.57 -3.05
C LEU D 313 35.83 -5.84 -2.13
N PHE D 314 34.71 -6.38 -2.67
CA PHE D 314 33.49 -6.66 -1.90
C PHE D 314 33.42 -8.08 -1.33
N PHE D 315 34.13 -9.03 -1.94
CA PHE D 315 34.09 -10.43 -1.51
C PHE D 315 35.51 -10.98 -1.27
N VAL E 5 -15.47 -28.89 31.13
CA VAL E 5 -14.58 -28.43 30.06
C VAL E 5 -13.21 -29.16 30.17
N SER E 6 -13.22 -30.43 29.77
CA SER E 6 -12.08 -31.34 29.72
C SER E 6 -12.37 -32.36 28.62
N PRO E 7 -11.38 -32.87 27.85
CA PRO E 7 -11.70 -33.81 26.75
C PRO E 7 -12.54 -35.02 27.14
N PRO E 8 -13.40 -35.56 26.25
CA PRO E 8 -14.17 -36.77 26.62
C PRO E 8 -13.25 -37.96 26.91
N PRO E 9 -13.56 -38.84 27.89
CA PRO E 9 -12.66 -39.97 28.16
C PRO E 9 -12.77 -41.09 27.11
N PRO E 10 -11.67 -41.82 26.81
CA PRO E 10 -11.76 -42.88 25.79
C PRO E 10 -12.47 -44.13 26.31
N ILE E 11 -13.31 -44.76 25.45
CA ILE E 11 -14.03 -46.00 25.77
C ILE E 11 -12.99 -47.09 26.12
N ALA E 12 -11.95 -47.19 25.29
CA ALA E 12 -10.81 -48.10 25.44
C ALA E 12 -9.47 -47.32 25.61
N ASP E 13 -8.62 -47.36 24.59
CA ASP E 13 -7.37 -46.63 24.47
C ASP E 13 -7.31 -46.01 23.05
N GLU E 14 -8.50 -45.67 22.49
CA GLU E 14 -8.64 -45.09 21.16
C GLU E 14 -8.47 -43.55 21.17
N PRO E 15 -7.94 -42.93 20.10
CA PRO E 15 -7.82 -41.47 20.09
C PRO E 15 -9.12 -40.81 19.67
N LEU E 16 -9.31 -39.53 20.02
CA LEU E 16 -10.51 -38.77 19.66
C LEU E 16 -10.47 -38.32 18.21
N THR E 17 -11.41 -38.84 17.38
CA THR E 17 -11.45 -38.50 15.97
C THR E 17 -12.41 -37.35 15.74
N VAL E 18 -11.86 -36.24 15.19
CA VAL E 18 -12.59 -35.03 14.85
C VAL E 18 -12.79 -34.97 13.32
N ASN E 19 -14.07 -34.97 12.90
CA ASN E 19 -14.49 -34.90 11.51
C ASN E 19 -14.62 -33.46 10.98
N THR E 20 -13.62 -33.07 10.18
CA THR E 20 -13.42 -31.76 9.57
C THR E 20 -14.06 -31.62 8.17
N GLY E 21 -14.18 -30.37 7.74
CA GLY E 21 -14.74 -30.00 6.44
C GLY E 21 -14.73 -28.50 6.27
N ILE E 22 -14.37 -28.05 5.08
CA ILE E 22 -14.33 -26.63 4.78
C ILE E 22 -15.19 -26.37 3.59
N TYR E 23 -16.21 -25.51 3.73
CA TYR E 23 -17.06 -25.13 2.60
C TYR E 23 -16.78 -23.66 2.18
N LEU E 24 -16.09 -23.46 1.03
CA LEU E 24 -15.75 -22.13 0.51
C LEU E 24 -16.97 -21.34 0.12
N ILE E 25 -17.13 -20.16 0.71
CA ILE E 25 -18.23 -19.25 0.47
C ILE E 25 -17.78 -18.24 -0.55
N GLU E 26 -16.65 -17.58 -0.28
CA GLU E 26 -16.02 -16.56 -1.11
C GLU E 26 -14.50 -16.77 -1.12
N SER E 27 -13.88 -16.46 -2.26
CA SER E 27 -12.44 -16.51 -2.45
C SER E 27 -12.10 -15.23 -3.14
N TYR E 28 -11.12 -14.53 -2.62
CA TYR E 28 -10.73 -13.24 -3.16
C TYR E 28 -9.27 -12.92 -2.81
N SER E 29 -8.82 -11.75 -3.30
CA SER E 29 -7.49 -11.20 -3.09
C SER E 29 -6.33 -12.23 -3.24
N LEU E 30 -6.23 -12.84 -4.44
CA LEU E 30 -5.11 -13.72 -4.71
C LEU E 30 -3.90 -12.86 -5.12
N ASP E 31 -2.97 -12.63 -4.17
CA ASP E 31 -1.75 -11.85 -4.38
C ASP E 31 -0.63 -12.75 -4.90
N ASP E 32 -0.37 -12.68 -6.21
CA ASP E 32 0.67 -13.50 -6.83
C ASP E 32 2.05 -13.21 -6.21
N CYS E 33 2.31 -11.92 -5.89
CA CYS E 33 3.59 -11.46 -5.30
C CYS E 33 3.78 -12.02 -3.92
N ALA E 34 2.77 -11.85 -3.03
CA ALA E 34 2.81 -12.31 -1.63
C ALA E 34 2.52 -13.79 -1.43
N GLU E 35 2.07 -14.50 -2.49
CA GLU E 35 1.71 -15.92 -2.46
C GLU E 35 0.62 -16.19 -1.41
N THR E 36 -0.37 -15.27 -1.36
CA THR E 36 -1.49 -15.34 -0.43
C THR E 36 -2.80 -15.24 -1.18
N PHE E 37 -3.88 -15.63 -0.51
CA PHE E 37 -5.24 -15.57 -1.02
C PHE E 37 -6.18 -15.54 0.17
N LYS E 38 -7.15 -14.62 0.13
CA LYS E 38 -8.10 -14.52 1.22
C LYS E 38 -9.31 -15.40 0.91
N VAL E 39 -9.73 -16.15 1.90
CA VAL E 39 -10.85 -17.06 1.74
C VAL E 39 -11.82 -16.82 2.85
N ASN E 40 -13.09 -16.82 2.51
CA ASN E 40 -14.22 -16.63 3.41
C ASN E 40 -14.99 -17.96 3.35
N ALA E 41 -14.99 -18.75 4.44
CA ALA E 41 -15.60 -20.11 4.43
C ALA E 41 -16.26 -20.59 5.75
N PHE E 42 -16.89 -21.78 5.69
CA PHE E 42 -17.52 -22.50 6.81
C PHE E 42 -16.52 -23.56 7.32
N LEU E 43 -16.49 -23.78 8.64
CA LEU E 43 -15.68 -24.84 9.22
C LEU E 43 -16.60 -25.73 10.04
N SER E 44 -16.75 -26.99 9.60
CA SER E 44 -17.60 -27.95 10.26
C SER E 44 -16.75 -28.97 11.00
N LEU E 45 -16.98 -29.07 12.34
CA LEU E 45 -16.28 -30.00 13.22
C LEU E 45 -17.24 -30.98 13.90
N SER E 46 -16.83 -32.25 14.02
CA SER E 46 -17.65 -33.27 14.66
C SER E 46 -16.86 -34.32 15.43
N TRP E 47 -17.30 -34.62 16.65
CA TRP E 47 -16.68 -35.57 17.56
C TRP E 47 -17.77 -36.09 18.51
N LYS E 48 -17.52 -37.22 19.21
CA LYS E 48 -18.50 -37.76 20.16
C LYS E 48 -18.02 -37.62 21.59
N ASP E 49 -18.83 -36.93 22.39
CA ASP E 49 -18.58 -36.66 23.81
C ASP E 49 -19.78 -37.24 24.56
N ARG E 50 -19.64 -38.51 24.97
CA ARG E 50 -20.66 -39.29 25.65
C ARG E 50 -21.14 -38.68 26.98
N ARG E 51 -20.34 -37.75 27.54
CA ARG E 51 -20.65 -37.00 28.75
C ARG E 51 -21.85 -36.08 28.46
N LEU E 52 -22.07 -35.77 27.17
CA LEU E 52 -23.16 -34.92 26.67
C LEU E 52 -24.35 -35.71 26.13
N ALA E 53 -24.23 -37.06 26.10
CA ALA E 53 -25.30 -37.95 25.61
C ALA E 53 -26.59 -37.81 26.43
N PHE E 54 -27.74 -37.95 25.76
CA PHE E 54 -29.08 -37.82 26.35
C PHE E 54 -30.13 -38.77 25.72
N ASP E 55 -31.24 -39.06 26.45
CA ASP E 55 -32.34 -39.89 25.96
C ASP E 55 -33.38 -38.96 25.31
N PRO E 56 -33.66 -39.14 24.00
CA PRO E 56 -34.64 -38.26 23.33
C PRO E 56 -36.08 -38.38 23.84
N VAL E 57 -36.38 -39.50 24.52
CA VAL E 57 -37.67 -39.85 25.14
C VAL E 57 -37.82 -39.03 26.43
N ARG E 58 -36.85 -39.17 27.37
CA ARG E 58 -36.81 -38.47 28.65
C ARG E 58 -36.68 -36.96 28.47
N SER E 59 -35.79 -36.52 27.54
CA SER E 59 -35.55 -35.10 27.24
C SER E 59 -36.68 -34.46 26.44
N GLY E 60 -37.34 -35.25 25.60
CA GLY E 60 -38.44 -34.79 24.76
C GLY E 60 -38.01 -33.91 23.60
N VAL E 61 -36.68 -33.87 23.34
CA VAL E 61 -36.04 -33.08 22.29
C VAL E 61 -35.16 -33.96 21.38
N ARG E 62 -35.16 -33.66 20.08
CA ARG E 62 -34.40 -34.40 19.08
C ARG E 62 -32.89 -34.19 19.20
N VAL E 63 -32.44 -32.90 19.20
CA VAL E 63 -31.04 -32.48 19.33
C VAL E 63 -30.99 -31.22 20.22
N LYS E 64 -30.02 -31.16 21.15
CA LYS E 64 -29.82 -30.03 22.07
C LYS E 64 -28.75 -29.06 21.54
N THR E 65 -29.02 -27.75 21.61
CA THR E 65 -28.11 -26.69 21.18
C THR E 65 -27.35 -26.13 22.37
N TYR E 66 -26.02 -26.07 22.27
CA TYR E 66 -25.12 -25.57 23.32
C TYR E 66 -24.36 -24.32 22.92
N GLU E 67 -23.85 -23.57 23.93
CA GLU E 67 -23.03 -22.39 23.74
C GLU E 67 -21.57 -22.85 23.78
N PRO E 68 -20.66 -22.24 22.99
CA PRO E 68 -19.26 -22.72 22.95
C PRO E 68 -18.56 -22.87 24.31
N GLU E 69 -18.92 -21.98 25.24
CA GLU E 69 -18.39 -21.91 26.60
C GLU E 69 -18.81 -23.15 27.41
N ALA E 70 -20.10 -23.56 27.25
CA ALA E 70 -20.75 -24.69 27.93
C ALA E 70 -20.05 -26.04 27.75
N ILE E 71 -19.69 -26.40 26.51
CA ILE E 71 -19.09 -27.69 26.19
C ILE E 71 -17.60 -27.60 25.81
N TRP E 72 -16.94 -28.79 25.73
CA TRP E 72 -15.53 -28.90 25.34
C TRP E 72 -15.48 -28.95 23.83
N ILE E 73 -14.70 -28.03 23.22
CA ILE E 73 -14.50 -27.95 21.76
C ILE E 73 -13.01 -28.11 21.46
N PRO E 74 -12.60 -28.99 20.50
CA PRO E 74 -11.16 -29.14 20.23
C PRO E 74 -10.50 -27.89 19.67
N GLU E 75 -9.25 -27.65 20.07
CA GLU E 75 -8.50 -26.50 19.61
C GLU E 75 -7.96 -26.76 18.20
N ILE E 76 -8.81 -26.46 17.19
CA ILE E 76 -8.42 -26.60 15.79
C ILE E 76 -7.83 -25.27 15.36
N ARG E 77 -6.64 -25.32 14.72
CA ARG E 77 -5.93 -24.14 14.26
C ARG E 77 -5.50 -24.40 12.82
N PHE E 78 -5.18 -23.33 12.09
CA PHE E 78 -4.70 -23.42 10.72
C PHE E 78 -3.19 -23.25 10.77
N VAL E 79 -2.48 -23.95 9.89
CA VAL E 79 -1.02 -23.88 9.85
C VAL E 79 -0.51 -22.71 9.03
N ASN E 80 -0.97 -22.59 7.78
CA ASN E 80 -0.48 -21.59 6.87
C ASN E 80 -1.34 -20.32 6.79
N VAL E 81 -1.68 -19.75 7.95
CA VAL E 81 -2.45 -18.49 7.94
C VAL E 81 -1.55 -17.33 8.30
N GLU E 82 -1.82 -16.12 7.71
CA GLU E 82 -1.06 -14.90 8.03
C GLU E 82 -1.47 -14.50 9.44
N ASN E 83 -2.74 -14.12 9.62
CA ASN E 83 -3.27 -13.81 10.94
C ASN E 83 -4.43 -14.72 11.23
N ALA E 84 -4.44 -15.30 12.46
CA ALA E 84 -5.45 -16.23 12.98
C ALA E 84 -6.88 -15.87 12.54
N ARG E 85 -7.60 -16.88 12.00
CA ARG E 85 -8.96 -16.85 11.45
C ARG E 85 -9.96 -16.04 12.27
N ASP E 86 -10.78 -15.24 11.57
CA ASP E 86 -11.82 -14.44 12.20
C ASP E 86 -13.02 -15.37 12.36
N ALA E 87 -13.03 -16.07 13.50
CA ALA E 87 -14.03 -17.08 13.85
C ALA E 87 -15.33 -16.53 14.42
N ASP E 88 -16.45 -17.08 13.96
CA ASP E 88 -17.80 -16.76 14.40
C ASP E 88 -18.55 -18.09 14.44
N VAL E 89 -18.94 -18.56 15.65
CA VAL E 89 -19.69 -19.83 15.76
C VAL E 89 -21.12 -19.61 15.30
N VAL E 90 -21.54 -20.41 14.31
CA VAL E 90 -22.86 -20.38 13.70
C VAL E 90 -23.84 -21.25 14.50
N ASP E 91 -23.42 -22.49 14.86
CA ASP E 91 -24.22 -23.48 15.58
C ASP E 91 -23.44 -24.66 16.17
N ILE E 92 -23.85 -25.09 17.38
CA ILE E 92 -23.33 -26.26 18.08
C ILE E 92 -24.54 -27.13 18.40
N SER E 93 -24.57 -28.35 17.84
CA SER E 93 -25.69 -29.29 17.99
C SER E 93 -25.24 -30.67 18.48
N VAL E 94 -25.73 -31.11 19.66
CA VAL E 94 -25.39 -32.42 20.22
C VAL E 94 -26.55 -33.39 20.06
N SER E 95 -26.34 -34.44 19.22
CA SER E 95 -27.32 -35.50 18.97
C SER E 95 -27.47 -36.40 20.22
N PRO E 96 -28.56 -37.20 20.39
CA PRO E 96 -28.72 -38.00 21.62
C PRO E 96 -27.56 -38.90 22.04
N ASP E 97 -26.77 -39.41 21.10
CA ASP E 97 -25.64 -40.29 21.40
C ASP E 97 -24.40 -39.58 21.96
N GLY E 98 -24.41 -38.25 21.84
CA GLY E 98 -23.33 -37.37 22.29
C GLY E 98 -22.44 -36.84 21.19
N THR E 99 -22.84 -37.03 19.91
CA THR E 99 -22.09 -36.55 18.76
C THR E 99 -22.33 -35.05 18.59
N VAL E 100 -21.24 -34.27 18.74
CA VAL E 100 -21.26 -32.82 18.61
C VAL E 100 -21.10 -32.43 17.15
N GLN E 101 -21.96 -31.51 16.69
CA GLN E 101 -22.00 -30.96 15.34
C GLN E 101 -21.75 -29.45 15.42
N TYR E 102 -20.46 -29.08 15.30
CA TYR E 102 -19.96 -27.72 15.37
C TYR E 102 -19.83 -27.12 13.97
N LEU E 103 -20.24 -25.85 13.83
CA LEU E 103 -20.13 -25.11 12.58
C LEU E 103 -19.84 -23.67 12.87
N GLU E 104 -18.75 -23.16 12.29
CA GLU E 104 -18.33 -21.77 12.40
C GLU E 104 -18.09 -21.16 11.02
N ARG E 105 -18.22 -19.84 10.93
CA ARG E 105 -17.91 -19.13 9.70
C ARG E 105 -16.60 -18.33 9.93
N PHE E 106 -15.62 -18.47 9.03
CA PHE E 106 -14.32 -17.82 9.14
C PHE E 106 -13.85 -17.16 7.86
N SER E 107 -12.79 -16.36 7.98
CA SER E 107 -12.13 -15.67 6.86
C SER E 107 -10.64 -15.65 7.18
N ALA E 108 -9.77 -16.06 6.20
CA ALA E 108 -8.32 -16.13 6.45
C ALA E 108 -7.43 -15.88 5.26
N ARG E 109 -6.39 -15.02 5.40
CA ARG E 109 -5.43 -14.80 4.32
C ARG E 109 -4.44 -15.99 4.43
N VAL E 110 -4.47 -16.88 3.42
CA VAL E 110 -3.67 -18.09 3.44
C VAL E 110 -2.35 -17.94 2.70
N LEU E 111 -1.26 -18.37 3.34
CA LEU E 111 0.04 -18.35 2.69
C LEU E 111 0.23 -19.67 1.95
N SER E 112 0.29 -19.63 0.62
CA SER E 112 0.49 -20.84 -0.16
C SER E 112 1.41 -20.52 -1.36
N PRO E 113 2.59 -21.19 -1.47
CA PRO E 113 3.51 -20.87 -2.57
C PRO E 113 2.93 -21.10 -3.96
N LEU E 114 3.48 -20.37 -4.95
CA LEU E 114 3.07 -20.45 -6.35
C LEU E 114 4.27 -20.69 -7.26
N ASP E 115 4.08 -21.50 -8.31
CA ASP E 115 5.11 -21.86 -9.28
C ASP E 115 4.82 -21.20 -10.59
N PHE E 116 5.60 -20.14 -10.88
CA PHE E 116 5.42 -19.35 -12.10
C PHE E 116 6.27 -19.81 -13.26
N ARG E 117 6.93 -20.97 -13.13
CA ARG E 117 7.73 -21.51 -14.21
C ARG E 117 6.95 -21.63 -15.55
N ARG E 118 5.67 -22.07 -15.50
CA ARG E 118 4.88 -22.22 -16.72
C ARG E 118 3.93 -21.05 -17.00
N TYR E 119 4.16 -19.90 -16.36
CA TYR E 119 3.35 -18.69 -16.52
C TYR E 119 3.39 -18.20 -17.98
N PRO E 120 2.26 -17.73 -18.60
CA PRO E 120 0.89 -17.54 -18.06
C PRO E 120 -0.05 -18.71 -18.31
N PHE E 121 0.51 -19.90 -18.54
CA PHE E 121 -0.25 -21.12 -18.80
C PHE E 121 -0.29 -21.99 -17.55
N ASP E 122 0.33 -21.47 -16.47
CA ASP E 122 0.47 -22.09 -15.16
C ASP E 122 -0.85 -22.44 -14.49
N SER E 123 -0.79 -23.52 -13.71
CA SER E 123 -1.86 -23.98 -12.86
C SER E 123 -1.28 -24.09 -11.44
N GLN E 124 -2.12 -23.80 -10.44
CA GLN E 124 -1.71 -23.75 -9.04
C GLN E 124 -2.57 -24.58 -8.12
N THR E 125 -1.94 -25.13 -7.07
CA THR E 125 -2.59 -25.89 -6.02
C THR E 125 -2.39 -25.15 -4.71
N LEU E 126 -3.49 -24.59 -4.22
CA LEU E 126 -3.53 -23.77 -3.03
C LEU E 126 -3.86 -24.64 -1.80
N HIS E 127 -3.02 -24.55 -0.77
CA HIS E 127 -3.17 -25.36 0.42
C HIS E 127 -3.74 -24.60 1.57
N ILE E 128 -4.52 -25.30 2.40
CA ILE E 128 -5.15 -24.85 3.64
C ILE E 128 -4.90 -25.99 4.58
N TYR E 129 -4.02 -25.79 5.55
CA TYR E 129 -3.67 -26.84 6.49
C TYR E 129 -4.37 -26.68 7.82
N LEU E 130 -5.13 -27.73 8.22
CA LEU E 130 -5.81 -27.83 9.51
C LEU E 130 -4.92 -28.65 10.47
N ILE E 131 -4.85 -28.25 11.74
CA ILE E 131 -4.01 -28.95 12.69
C ILE E 131 -4.69 -28.99 14.06
N VAL E 132 -4.36 -30.02 14.87
CA VAL E 132 -4.83 -30.19 16.23
C VAL E 132 -3.73 -30.84 17.07
N ARG E 133 -3.39 -30.20 18.20
CA ARG E 133 -2.36 -30.72 19.10
C ARG E 133 -3.01 -31.57 20.17
N SER E 134 -2.57 -32.85 20.26
CA SER E 134 -3.08 -33.84 21.21
C SER E 134 -2.76 -33.46 22.64
N VAL E 135 -3.76 -33.56 23.53
CA VAL E 135 -3.69 -33.19 24.93
C VAL E 135 -3.08 -34.29 25.83
N ASP E 136 -2.92 -33.98 27.12
CA ASP E 136 -2.38 -34.87 28.16
C ASP E 136 -3.33 -36.06 28.38
N THR E 137 -4.63 -35.76 28.60
CA THR E 137 -5.71 -36.69 28.84
C THR E 137 -5.82 -37.75 27.72
N ARG E 138 -5.88 -37.31 26.45
CA ARG E 138 -5.97 -38.22 25.32
C ARG E 138 -5.44 -37.63 24.00
N ASN E 139 -5.19 -38.50 23.01
CA ASN E 139 -4.71 -38.09 21.69
C ASN E 139 -5.84 -37.74 20.74
N ILE E 140 -5.69 -36.64 19.99
CA ILE E 140 -6.69 -36.18 19.01
C ILE E 140 -6.14 -36.37 17.59
N VAL E 141 -6.96 -36.97 16.73
CA VAL E 141 -6.68 -37.23 15.32
C VAL E 141 -7.84 -36.70 14.46
N LEU E 142 -7.48 -35.95 13.40
CA LEU E 142 -8.40 -35.34 12.43
C LEU E 142 -8.81 -36.31 11.31
N ALA E 143 -10.07 -36.18 10.85
CA ALA E 143 -10.64 -37.00 9.79
C ALA E 143 -11.42 -36.08 8.88
N VAL E 144 -11.66 -36.51 7.62
CA VAL E 144 -12.40 -35.70 6.66
C VAL E 144 -13.82 -36.24 6.44
N ASP E 145 -14.84 -35.35 6.61
CA ASP E 145 -16.24 -35.68 6.32
C ASP E 145 -16.50 -35.14 4.93
N LEU E 146 -16.32 -35.98 3.91
CA LEU E 146 -16.44 -35.62 2.49
C LEU E 146 -17.78 -34.95 2.11
N GLU E 147 -18.82 -35.12 2.94
CA GLU E 147 -20.12 -34.49 2.72
C GLU E 147 -20.08 -32.99 3.06
N LYS E 148 -19.17 -32.61 3.97
CA LYS E 148 -19.03 -31.24 4.47
C LYS E 148 -17.79 -30.45 3.88
N VAL E 149 -17.21 -30.98 2.79
CA VAL E 149 -16.09 -30.39 2.04
C VAL E 149 -16.66 -30.00 0.67
N GLY E 150 -16.51 -28.74 0.31
CA GLY E 150 -17.00 -28.23 -0.97
C GLY E 150 -16.83 -26.74 -1.13
N LYS E 151 -17.50 -26.19 -2.15
CA LYS E 151 -17.41 -24.76 -2.47
C LYS E 151 -18.69 -24.26 -3.09
N ASN E 152 -18.99 -22.97 -2.87
CA ASN E 152 -20.15 -22.28 -3.44
C ASN E 152 -19.91 -22.19 -4.93
N ASP E 153 -20.99 -22.13 -5.68
CA ASP E 153 -20.95 -22.10 -7.12
C ASP E 153 -20.49 -20.72 -7.65
N ASP E 154 -20.78 -19.66 -6.86
CA ASP E 154 -20.40 -18.28 -7.12
C ASP E 154 -18.90 -18.03 -6.89
N VAL E 155 -18.18 -18.96 -6.19
CA VAL E 155 -16.74 -18.86 -5.85
C VAL E 155 -15.92 -18.58 -7.10
N PHE E 156 -15.26 -17.40 -7.09
CA PHE E 156 -14.47 -16.93 -8.23
C PHE E 156 -13.15 -16.31 -7.87
N LEU E 157 -12.22 -16.37 -8.82
CA LEU E 157 -10.91 -15.74 -8.76
C LEU E 157 -10.77 -15.16 -10.16
N THR E 158 -10.72 -13.82 -10.24
CA THR E 158 -10.65 -13.16 -11.53
C THR E 158 -9.37 -13.58 -12.21
N GLY E 159 -9.48 -14.05 -13.45
CA GLY E 159 -8.35 -14.51 -14.23
C GLY E 159 -7.91 -15.93 -13.94
N TRP E 160 -8.75 -16.70 -13.24
CA TRP E 160 -8.46 -18.10 -12.93
C TRP E 160 -9.68 -18.97 -13.11
N ASP E 161 -9.45 -20.24 -13.44
CA ASP E 161 -10.49 -21.25 -13.57
C ASP E 161 -10.36 -22.11 -12.31
N ILE E 162 -11.36 -22.00 -11.40
CA ILE E 162 -11.41 -22.74 -10.13
C ILE E 162 -11.84 -24.16 -10.48
N GLU E 163 -10.85 -25.07 -10.55
CA GLU E 163 -11.03 -26.46 -10.95
C GLU E 163 -11.71 -27.30 -9.88
N SER E 164 -11.13 -27.36 -8.66
CA SER E 164 -11.64 -28.20 -7.58
C SER E 164 -11.27 -27.74 -6.19
N PHE E 165 -12.06 -28.15 -5.19
CA PHE E 165 -11.75 -27.96 -3.79
C PHE E 165 -11.92 -29.34 -3.17
N THR E 166 -10.79 -29.99 -2.91
CA THR E 166 -10.66 -31.36 -2.42
C THR E 166 -9.96 -31.38 -1.07
N ALA E 167 -9.74 -32.57 -0.51
CA ALA E 167 -9.00 -32.69 0.74
C ALA E 167 -8.36 -34.06 0.85
N VAL E 168 -7.05 -34.08 1.16
CA VAL E 168 -6.28 -35.31 1.36
C VAL E 168 -6.84 -35.93 2.66
N VAL E 169 -7.76 -36.91 2.49
CA VAL E 169 -8.53 -37.61 3.53
C VAL E 169 -7.66 -38.20 4.66
N LYS E 170 -6.44 -38.68 4.34
CA LYS E 170 -5.51 -39.24 5.32
C LYS E 170 -4.67 -38.14 6.00
N PRO E 171 -4.87 -37.89 7.31
CA PRO E 171 -4.07 -36.86 7.99
C PRO E 171 -2.61 -37.26 8.15
N ALA E 172 -1.75 -36.26 8.31
CA ALA E 172 -0.32 -36.46 8.52
C ALA E 172 -0.10 -36.31 10.00
N ASN E 173 -0.12 -37.43 10.71
CA ASN E 173 0.08 -37.45 12.14
C ASN E 173 1.58 -37.54 12.39
N PHE E 174 2.09 -36.68 13.29
CA PHE E 174 3.52 -36.58 13.61
C PHE E 174 3.73 -36.08 15.03
N ALA E 175 4.96 -36.22 15.53
CA ALA E 175 5.30 -35.78 16.88
C ALA E 175 6.02 -34.46 16.85
N LEU E 176 5.56 -33.53 17.69
CA LEU E 176 6.13 -32.21 17.81
C LEU E 176 6.17 -31.81 19.27
N GLU E 177 7.40 -31.64 19.79
CA GLU E 177 7.70 -31.27 21.17
C GLU E 177 7.02 -32.23 22.19
N ASP E 178 7.24 -33.55 21.97
CA ASP E 178 6.75 -34.70 22.75
C ASP E 178 5.21 -34.91 22.70
N ARG E 179 4.51 -34.27 21.74
CA ARG E 179 3.05 -34.42 21.60
C ARG E 179 2.65 -34.72 20.16
N LEU E 180 1.57 -35.49 19.99
CA LEU E 180 1.06 -35.85 18.67
C LEU E 180 0.31 -34.68 18.05
N GLU E 181 0.51 -34.48 16.75
CA GLU E 181 -0.13 -33.43 15.95
C GLU E 181 -0.71 -34.05 14.67
N SER E 182 -2.03 -33.89 14.45
CA SER E 182 -2.76 -34.42 13.28
C SER E 182 -3.04 -33.29 12.30
N LYS E 183 -2.44 -33.35 11.08
CA LYS E 183 -2.55 -32.29 10.05
C LYS E 183 -3.29 -32.73 8.77
N LEU E 184 -4.32 -31.95 8.34
CA LEU E 184 -5.10 -32.22 7.13
C LEU E 184 -4.82 -31.21 6.03
N ASP E 185 -4.68 -31.68 4.77
CA ASP E 185 -4.42 -30.83 3.62
C ASP E 185 -5.66 -30.64 2.79
N TYR E 186 -6.10 -29.40 2.65
CA TYR E 186 -7.25 -29.01 1.82
C TYR E 186 -6.68 -28.32 0.60
N GLN E 187 -6.96 -28.85 -0.58
CA GLN E 187 -6.37 -28.34 -1.81
C GLN E 187 -7.37 -27.61 -2.73
N LEU E 188 -7.02 -26.39 -3.16
CA LEU E 188 -7.78 -25.58 -4.11
C LEU E 188 -6.97 -25.48 -5.41
N ARG E 189 -7.42 -26.18 -6.47
CA ARG E 189 -6.75 -26.20 -7.78
C ARG E 189 -7.34 -25.17 -8.72
N ILE E 190 -6.46 -24.36 -9.27
CA ILE E 190 -6.80 -23.28 -10.19
C ILE E 190 -5.88 -23.30 -11.39
N SER E 191 -6.41 -22.91 -12.58
CA SER E 191 -5.63 -22.79 -13.82
C SER E 191 -5.81 -21.39 -14.37
N ARG E 192 -4.73 -20.79 -14.90
CA ARG E 192 -4.79 -19.41 -15.39
C ARG E 192 -5.64 -19.26 -16.67
N GLN E 193 -6.45 -18.20 -16.70
CA GLN E 193 -7.37 -17.73 -17.73
C GLN E 193 -6.58 -16.60 -18.47
N TYR E 194 -5.78 -17.00 -19.48
CA TYR E 194 -4.82 -16.18 -20.24
C TYR E 194 -5.19 -15.78 -21.69
N PHE E 195 -6.46 -15.68 -22.11
CA PHE E 195 -6.54 -15.35 -23.55
C PHE E 195 -6.09 -13.94 -23.86
N SER E 196 -6.47 -12.92 -23.06
CA SER E 196 -6.02 -11.55 -23.34
C SER E 196 -4.48 -11.39 -23.38
N TYR E 197 -3.72 -12.41 -22.95
CA TYR E 197 -2.25 -12.39 -22.90
C TYR E 197 -1.60 -12.18 -24.26
N ILE E 198 -2.09 -12.85 -25.30
CA ILE E 198 -1.53 -12.76 -26.66
C ILE E 198 -1.71 -11.32 -27.24
N PRO E 199 -2.96 -10.76 -27.36
CA PRO E 199 -3.10 -9.39 -27.89
C PRO E 199 -2.58 -8.28 -26.96
N ASN E 200 -2.64 -8.48 -25.63
CA ASN E 200 -2.22 -7.45 -24.69
C ASN E 200 -0.72 -7.44 -24.40
N ILE E 201 -0.07 -8.62 -24.31
CA ILE E 201 1.36 -8.69 -23.97
C ILE E 201 2.27 -9.22 -25.11
N ILE E 202 1.97 -10.37 -25.75
CA ILE E 202 2.87 -10.98 -26.76
C ILE E 202 2.94 -10.27 -28.12
N LEU E 203 1.79 -10.12 -28.78
CA LEU E 203 1.75 -9.55 -30.10
C LEU E 203 2.36 -8.17 -30.15
N PRO E 204 1.99 -7.22 -29.22
CA PRO E 204 2.55 -5.88 -29.34
C PRO E 204 4.06 -5.92 -29.23
N MET E 205 4.55 -6.69 -28.23
CA MET E 205 5.97 -6.87 -27.99
C MET E 205 6.68 -7.46 -29.19
N LEU E 206 5.94 -8.29 -29.98
CA LEU E 206 6.46 -8.93 -31.20
C LEU E 206 6.63 -7.95 -32.31
N PHE E 207 5.59 -7.12 -32.62
CA PHE E 207 5.66 -6.04 -33.65
C PHE E 207 6.96 -5.21 -33.44
N ILE E 208 7.24 -4.84 -32.15
CA ILE E 208 8.43 -4.10 -31.68
C ILE E 208 9.72 -4.80 -32.20
N LEU E 209 9.95 -6.10 -31.80
CA LEU E 209 11.05 -6.90 -32.30
C LEU E 209 11.04 -6.90 -33.83
N PHE E 210 9.87 -7.04 -34.46
CA PHE E 210 9.78 -7.10 -35.92
C PHE E 210 10.23 -5.81 -36.58
N ILE E 211 9.82 -4.64 -36.04
CA ILE E 211 10.21 -3.32 -36.55
C ILE E 211 11.74 -3.23 -36.59
N SER E 212 12.44 -3.88 -35.61
CA SER E 212 13.90 -3.90 -35.59
C SER E 212 14.44 -4.67 -36.79
N TRP E 213 13.79 -5.78 -37.17
CA TRP E 213 14.21 -6.62 -38.29
C TRP E 213 14.09 -5.93 -39.67
N THR E 214 13.37 -4.81 -39.77
CA THR E 214 13.27 -4.07 -41.05
C THR E 214 14.66 -3.50 -41.43
N ALA E 215 15.59 -3.42 -40.46
CA ALA E 215 16.95 -2.93 -40.70
C ALA E 215 17.75 -3.85 -41.64
N PHE E 216 17.18 -5.02 -41.97
CA PHE E 216 17.79 -5.97 -42.90
C PHE E 216 17.47 -5.64 -44.36
N TRP E 217 16.56 -4.70 -44.58
CA TRP E 217 16.19 -4.24 -45.91
C TRP E 217 16.59 -2.78 -46.09
N SER E 218 17.63 -2.35 -45.34
CA SER E 218 18.17 -1.00 -45.38
C SER E 218 19.69 -1.04 -45.29
N THR E 219 20.32 -0.05 -45.93
CA THR E 219 21.76 0.14 -45.99
C THR E 219 22.23 1.39 -45.22
N SER E 220 21.28 2.27 -44.82
CA SER E 220 21.60 3.48 -44.07
C SER E 220 21.89 3.10 -42.63
N TYR E 221 23.17 3.24 -42.20
CA TYR E 221 23.62 2.93 -40.84
C TYR E 221 22.92 3.83 -39.83
N GLU E 222 22.73 5.12 -40.18
CA GLU E 222 22.03 6.07 -39.33
C GLU E 222 20.60 5.59 -39.09
N ALA E 223 19.87 5.22 -40.16
CA ALA E 223 18.52 4.67 -40.05
C ALA E 223 18.48 3.31 -39.37
N ASN E 224 19.52 2.48 -39.54
CA ASN E 224 19.59 1.15 -38.94
C ASN E 224 19.88 1.17 -37.45
N VAL E 225 20.76 2.10 -37.00
CA VAL E 225 21.08 2.29 -35.58
C VAL E 225 19.79 2.73 -34.90
N THR E 226 19.10 3.70 -35.52
CA THR E 226 17.82 4.23 -35.06
C THR E 226 16.79 3.10 -34.99
N LEU E 227 16.77 2.23 -36.02
CA LEU E 227 15.82 1.11 -36.02
C LEU E 227 16.01 0.14 -34.85
N VAL E 228 17.15 -0.56 -34.79
CA VAL E 228 17.38 -1.54 -33.73
C VAL E 228 17.44 -0.94 -32.33
N VAL E 229 18.06 0.24 -32.14
CA VAL E 229 18.17 0.83 -30.78
C VAL E 229 16.83 1.36 -30.28
N SER E 230 16.10 2.11 -31.14
CA SER E 230 14.82 2.70 -30.76
C SER E 230 13.79 1.68 -30.44
N THR E 231 13.76 0.57 -31.21
CA THR E 231 12.85 -0.54 -30.89
C THR E 231 13.24 -1.16 -29.56
N LEU E 232 14.55 -1.20 -29.22
CA LEU E 232 15.00 -1.71 -27.92
C LEU E 232 14.37 -0.86 -26.80
N ILE E 233 14.48 0.50 -26.90
CA ILE E 233 13.88 1.46 -25.95
C ILE E 233 12.35 1.20 -25.88
N ALA E 234 11.70 1.12 -27.08
CA ALA E 234 10.27 0.85 -27.19
C ALA E 234 9.89 -0.44 -26.44
N HIS E 235 10.72 -1.49 -26.58
CA HIS E 235 10.54 -2.79 -25.96
C HIS E 235 10.58 -2.68 -24.44
N ILE E 236 11.62 -1.99 -23.91
CA ILE E 236 11.80 -1.80 -22.46
C ILE E 236 10.62 -0.99 -21.92
N ALA E 237 10.25 0.13 -22.60
CA ALA E 237 9.10 0.96 -22.22
C ALA E 237 7.82 0.11 -22.23
N PHE E 238 7.63 -0.73 -23.27
CA PHE E 238 6.47 -1.63 -23.35
C PHE E 238 6.44 -2.59 -22.18
N ASN E 239 7.60 -3.18 -21.84
CA ASN E 239 7.68 -4.06 -20.69
C ASN E 239 7.43 -3.35 -19.35
N ILE E 240 7.76 -2.03 -19.27
CA ILE E 240 7.49 -1.18 -18.10
C ILE E 240 5.98 -1.02 -18.00
N LEU E 241 5.30 -0.86 -19.17
CA LEU E 241 3.86 -0.74 -19.26
C LEU E 241 3.09 -1.95 -18.77
N VAL E 242 3.47 -3.17 -19.20
CA VAL E 242 2.82 -4.41 -18.78
C VAL E 242 3.16 -4.88 -17.36
N GLU E 243 4.43 -4.77 -17.01
CA GLU E 243 5.08 -5.36 -15.84
C GLU E 243 4.18 -5.72 -14.63
N THR E 244 4.34 -7.02 -14.27
CA THR E 244 3.72 -7.85 -13.23
C THR E 244 3.65 -7.21 -11.82
N ASN E 245 4.61 -6.29 -11.46
CA ASN E 245 4.72 -5.59 -10.16
C ASN E 245 5.24 -6.49 -9.01
N CYS E 246 5.60 -7.77 -9.33
CA CYS E 246 6.14 -8.76 -8.39
C CYS E 246 7.65 -8.75 -8.41
N PRO E 247 8.32 -8.92 -7.23
CA PRO E 247 9.80 -9.03 -7.23
C PRO E 247 10.21 -10.23 -8.07
N LYS E 248 11.41 -10.17 -8.68
CA LYS E 248 11.88 -11.26 -9.54
C LYS E 248 11.82 -12.59 -8.82
N THR E 249 11.30 -13.61 -9.53
CA THR E 249 11.23 -14.94 -8.99
C THR E 249 12.66 -15.46 -9.02
N PRO E 250 13.13 -16.09 -7.93
CA PRO E 250 14.52 -16.61 -7.89
C PRO E 250 14.91 -17.54 -9.05
N TYR E 251 13.90 -18.27 -9.58
CA TYR E 251 13.96 -19.26 -10.66
C TYR E 251 13.62 -18.66 -12.05
N MET E 252 14.02 -19.38 -13.10
CA MET E 252 13.75 -18.94 -14.45
C MET E 252 12.38 -19.42 -14.90
N THR E 253 11.55 -18.46 -15.28
CA THR E 253 10.20 -18.62 -15.77
C THR E 253 10.25 -18.80 -17.31
N TYR E 254 9.14 -19.30 -17.90
CA TYR E 254 8.99 -19.49 -19.34
C TYR E 254 8.96 -18.15 -20.03
N THR E 255 8.09 -17.23 -19.55
CA THR E 255 7.97 -15.88 -20.10
C THR E 255 9.30 -15.15 -19.96
N GLY E 256 9.97 -15.34 -18.83
CA GLY E 256 11.26 -14.75 -18.52
C GLY E 256 12.37 -15.15 -19.46
N ALA E 257 12.34 -16.43 -19.90
CA ALA E 257 13.30 -17.01 -20.85
C ALA E 257 13.13 -16.37 -22.23
N ILE E 258 11.86 -16.26 -22.73
CA ILE E 258 11.49 -15.59 -23.98
C ILE E 258 12.01 -14.14 -23.96
N ILE E 259 11.71 -13.39 -22.86
CA ILE E 259 12.15 -12.00 -22.69
C ILE E 259 13.64 -11.93 -22.76
N PHE E 260 14.35 -12.87 -22.09
CA PHE E 260 15.81 -12.90 -22.14
C PHE E 260 16.24 -13.04 -23.58
N MET E 261 15.66 -14.01 -24.30
CA MET E 261 15.99 -14.29 -25.68
C MET E 261 15.76 -13.07 -26.56
N ILE E 262 14.70 -12.29 -26.28
CA ILE E 262 14.37 -11.05 -27.02
C ILE E 262 15.49 -10.01 -26.86
N TYR E 263 16.03 -9.86 -25.63
CA TYR E 263 17.14 -8.93 -25.37
C TYR E 263 18.37 -9.37 -26.14
N LEU E 264 18.58 -10.69 -26.24
CA LEU E 264 19.70 -11.27 -26.97
C LEU E 264 19.56 -10.99 -28.48
N PHE E 265 18.32 -11.12 -29.02
CA PHE E 265 18.00 -10.83 -30.43
C PHE E 265 18.25 -9.37 -30.80
N TYR E 266 17.99 -8.42 -29.87
CA TYR E 266 18.24 -6.99 -30.09
C TYR E 266 19.76 -6.76 -30.13
N PHE E 267 20.52 -7.53 -29.32
CA PHE E 267 21.98 -7.43 -29.29
C PHE E 267 22.61 -7.94 -30.58
N VAL E 268 22.22 -9.15 -31.01
CA VAL E 268 22.69 -9.80 -32.24
C VAL E 268 22.37 -8.91 -33.46
N ALA E 269 21.15 -8.35 -33.52
CA ALA E 269 20.68 -7.43 -34.57
C ALA E 269 21.59 -6.20 -34.64
N VAL E 270 22.07 -5.69 -33.47
CA VAL E 270 23.03 -4.57 -33.42
C VAL E 270 24.38 -5.03 -33.98
N ILE E 271 24.79 -6.29 -33.69
CA ILE E 271 26.04 -6.86 -34.21
C ILE E 271 25.99 -6.84 -35.75
N GLU E 272 24.90 -7.41 -36.32
CA GLU E 272 24.64 -7.47 -37.76
C GLU E 272 24.78 -6.09 -38.36
N VAL E 273 23.95 -5.13 -37.88
CA VAL E 273 23.93 -3.73 -38.32
C VAL E 273 25.31 -3.12 -38.29
N THR E 274 26.07 -3.43 -37.22
CA THR E 274 27.42 -2.90 -37.08
C THR E 274 28.33 -3.53 -38.15
N VAL E 275 28.32 -4.88 -38.25
CA VAL E 275 29.11 -5.66 -39.21
C VAL E 275 28.85 -5.22 -40.65
N GLN E 276 27.58 -5.20 -41.05
CA GLN E 276 27.09 -4.78 -42.37
C GLN E 276 27.77 -3.48 -42.76
N HIS E 277 27.76 -2.46 -41.86
CA HIS E 277 28.36 -1.15 -42.07
C HIS E 277 29.87 -1.24 -42.19
N TYR E 278 30.55 -1.97 -41.26
CA TYR E 278 32.01 -2.09 -41.30
C TYR E 278 32.52 -2.74 -42.58
N LEU E 279 31.84 -3.80 -43.06
CA LEU E 279 32.18 -4.47 -44.30
C LEU E 279 32.01 -3.49 -45.46
N LYS E 280 30.86 -2.75 -45.48
CA LYS E 280 30.56 -1.75 -46.51
C LYS E 280 31.57 -0.63 -46.50
N VAL E 281 32.04 -0.21 -45.31
CA VAL E 281 33.04 0.85 -45.19
C VAL E 281 34.45 0.31 -45.55
N GLU E 282 34.71 -1.00 -45.31
CA GLU E 282 35.98 -1.66 -45.64
C GLU E 282 35.96 -2.27 -47.05
N SER E 283 35.20 -1.62 -47.95
CA SER E 283 35.03 -1.95 -49.36
C SER E 283 34.90 -3.46 -49.62
N GLN E 284 33.90 -4.07 -48.98
CA GLN E 284 33.58 -5.49 -49.16
C GLN E 284 32.05 -5.58 -49.25
N PRO E 285 31.39 -4.86 -50.21
CA PRO E 285 29.93 -4.85 -50.24
C PRO E 285 29.28 -6.14 -50.73
N ALA E 286 30.11 -7.17 -50.97
CA ALA E 286 29.65 -8.48 -51.39
C ALA E 286 29.21 -9.24 -50.15
N ARG E 287 30.09 -9.21 -49.10
CA ARG E 287 29.87 -9.83 -47.80
C ARG E 287 28.83 -9.07 -46.98
N ALA E 288 28.90 -7.71 -47.05
CA ALA E 288 28.00 -6.79 -46.37
C ALA E 288 26.56 -7.08 -46.76
N ALA E 289 26.26 -7.09 -48.07
CA ALA E 289 24.93 -7.37 -48.59
C ALA E 289 24.49 -8.81 -48.44
N SER E 290 25.43 -9.79 -48.48
CA SER E 290 25.07 -11.20 -48.32
C SER E 290 24.55 -11.55 -46.91
N ILE E 291 25.22 -11.00 -45.85
CA ILE E 291 24.87 -11.18 -44.44
C ILE E 291 23.49 -10.60 -44.19
N THR E 292 23.27 -9.35 -44.67
CA THR E 292 22.01 -8.64 -44.56
C THR E 292 20.93 -9.49 -45.14
N ARG E 293 21.12 -9.95 -46.39
CA ARG E 293 20.17 -10.81 -47.10
C ARG E 293 19.86 -12.12 -46.34
N ALA E 294 20.90 -12.73 -45.72
CA ALA E 294 20.77 -13.96 -44.95
C ALA E 294 19.88 -13.71 -43.74
N SER E 295 20.25 -12.69 -42.96
CA SER E 295 19.57 -12.27 -41.74
C SER E 295 18.06 -12.14 -41.95
N ARG E 296 17.64 -11.62 -43.13
CA ARG E 296 16.24 -11.43 -43.54
C ARG E 296 15.41 -12.69 -43.29
N ILE E 297 16.05 -13.87 -43.39
CA ILE E 297 15.46 -15.21 -43.19
C ILE E 297 15.99 -15.81 -41.88
N ALA E 298 17.30 -15.67 -41.61
CA ALA E 298 17.98 -16.20 -40.42
C ALA E 298 17.30 -15.77 -39.08
N PHE E 299 17.10 -14.46 -38.90
CA PHE E 299 16.49 -13.89 -37.72
C PHE E 299 15.09 -14.45 -37.50
N PRO E 300 14.11 -14.36 -38.45
CA PRO E 300 12.77 -14.93 -38.18
C PRO E 300 12.76 -16.44 -37.89
N VAL E 301 13.58 -17.21 -38.63
CA VAL E 301 13.72 -18.68 -38.51
C VAL E 301 14.28 -19.07 -37.16
N VAL E 302 15.49 -18.58 -36.81
CA VAL E 302 16.14 -18.86 -35.53
C VAL E 302 15.22 -18.50 -34.37
N PHE E 303 14.56 -17.33 -34.43
CA PHE E 303 13.61 -16.91 -33.41
C PHE E 303 12.50 -17.96 -33.23
N LEU E 304 11.83 -18.33 -34.34
CA LEU E 304 10.77 -19.33 -34.42
C LEU E 304 11.20 -20.69 -33.82
N LEU E 305 12.41 -21.13 -34.15
CA LEU E 305 12.94 -22.40 -33.65
C LEU E 305 13.26 -22.29 -32.17
N ALA E 306 13.99 -21.24 -31.77
CA ALA E 306 14.38 -20.99 -30.37
C ALA E 306 13.17 -20.94 -29.43
N ASN E 307 12.02 -20.41 -29.92
CA ASN E 307 10.79 -20.38 -29.15
C ASN E 307 10.20 -21.77 -29.06
N ILE E 308 10.30 -22.56 -30.16
CA ILE E 308 9.82 -23.94 -30.20
C ILE E 308 10.63 -24.75 -29.16
N ILE E 309 11.97 -24.58 -29.15
CA ILE E 309 12.85 -25.23 -28.19
C ILE E 309 12.34 -24.95 -26.76
N LEU E 310 12.16 -23.67 -26.41
CA LEU E 310 11.68 -23.21 -25.09
C LEU E 310 10.31 -23.74 -24.73
N ALA E 311 9.32 -23.57 -25.63
CA ALA E 311 7.95 -24.03 -25.40
C ALA E 311 8.00 -25.50 -25.01
N PHE E 312 8.74 -26.31 -25.79
CA PHE E 312 8.92 -27.74 -25.57
C PHE E 312 9.59 -27.99 -24.23
N LEU E 313 10.70 -27.28 -24.00
CA LEU E 313 11.52 -27.32 -22.79
C LEU E 313 10.73 -27.05 -21.50
N PHE E 314 9.76 -26.12 -21.54
CA PHE E 314 8.96 -25.74 -20.36
C PHE E 314 7.64 -26.52 -20.23
N PHE E 315 7.12 -27.05 -21.34
CA PHE E 315 5.84 -27.75 -21.35
C PHE E 315 5.98 -29.14 -22.03
C1 D12 F . 6.72 4.67 -12.24
C2 D12 F . 6.39 4.56 -13.72
C3 D12 F . 7.72 4.58 -14.40
C4 D12 F . 7.56 4.73 -15.90
C5 D12 F . 8.92 5.03 -16.52
C6 D12 F . 8.70 5.12 -18.01
C7 D12 F . 9.94 5.72 -18.65
C8 D12 F . 9.82 5.78 -20.18
C9 D12 F . 11.03 6.48 -20.76
C10 D12 F . 10.97 6.35 -22.25
C11 D12 F . 12.37 6.64 -22.72
C12 D12 F . 12.34 7.13 -24.16
CL CL G . -21.54 -10.44 7.94
CL CL H . -18.88 6.88 14.50
CL CL I . -2.24 7.96 23.45
CL CL J . 5.71 -9.01 22.64
C1 EDP K . 16.12 8.69 -31.22
C2 EDP K . 14.63 8.43 -31.13
N3 EDP K . 14.10 8.30 -29.88
C4 EDP K . 14.74 8.38 -28.69
N5 EDP K . 16.08 8.62 -28.75
C6 EDP K . 16.84 8.79 -29.88
O7 EDP K . 18.03 9.09 -29.78
O8 EDP K . 13.93 8.28 -32.12
S9 EDP K . 13.94 8.21 -27.23
C12 EDP K . 16.58 7.44 -32.00
C13 EDP K . 18.07 7.23 -32.11
C14 EDP K . 16.44 10.06 -31.95
C15 EDP K . 15.40 11.13 -31.63
C16 EDP K . 16.61 10.01 -33.48
C17 EDP K . 17.79 10.82 -34.00
C18 EDP K . 18.07 10.59 -35.46
CL CL L . -5.44 -19.90 13.25
#